data_5L1M
# 
_entry.id   5L1M 
# 
_audit_conform.dict_name       mmcif_pdbx.dic 
_audit_conform.dict_version    5.379 
_audit_conform.dict_location   http://mmcif.pdb.org/dictionaries/ascii/mmcif_pdbx.dic 
# 
loop_
_database_2.database_id 
_database_2.database_code 
_database_2.pdbx_database_accession 
_database_2.pdbx_DOI 
PDB   5L1M         pdb_00005l1m 10.2210/pdb5l1m/pdb 
WWPDB D_1000223079 ?            ?                   
# 
_pdbx_database_status.status_code                     REL 
_pdbx_database_status.status_code_sf                  REL 
_pdbx_database_status.status_code_mr                  ? 
_pdbx_database_status.entry_id                        5L1M 
_pdbx_database_status.recvd_initial_deposition_date   2016-07-29 
_pdbx_database_status.SG_entry                        N 
_pdbx_database_status.deposit_site                    RCSB 
_pdbx_database_status.process_site                    RCSB 
_pdbx_database_status.status_code_cs                  ? 
_pdbx_database_status.methods_development_category    ? 
_pdbx_database_status.pdb_format_compatible           Y 
_pdbx_database_status.status_code_nmr_data            ? 
# 
loop_
_audit_author.name 
_audit_author.pdbx_ordinal 
'Donaldson, L.W.' 1 
'Kwan, J.J.'      2 
'Saridakis, V.'   3 
# 
_citation.abstract                  ? 
_citation.abstract_id_CAS           ? 
_citation.book_id_ISBN              ? 
_citation.book_publisher            ? 
_citation.book_publisher_city       ? 
_citation.book_title                ? 
_citation.coordinate_linkage        ? 
_citation.country                   ? 
_citation.database_id_Medline       ? 
_citation.details                   ? 
_citation.id                        primary 
_citation.journal_abbrev            'Cell Commun. Signal' 
_citation.journal_id_ASTM           ? 
_citation.journal_id_CSD            ? 
_citation.journal_id_ISSN           1478-811X 
_citation.journal_full              ? 
_citation.journal_issue             ? 
_citation.journal_volume            14 
_citation.language                  ? 
_citation.page_first                17 
_citation.page_last                 17 
_citation.title                     
'A new mode of SAM domain mediated oligomerization observed in the CASKIN2 neuronal scaffolding protein.' 
_citation.year                      2016 
_citation.database_id_CSD           ? 
_citation.pdbx_database_id_DOI      10.1186/s12964-016-0140-3 
_citation.pdbx_database_id_PubMed   27549312 
_citation.unpublished_flag          ? 
# 
loop_
_citation_author.citation_id 
_citation_author.name 
_citation_author.ordinal 
_citation_author.identifier_ORCID 
primary 'Smirnova, E.'    1 ? 
primary 'Kwan, J.J.'      2 ? 
primary 'Siu, R.'         3 ? 
primary 'Gao, X.'         4 ? 
primary 'Zoidl, G.'       5 ? 
primary 'Demeler, B.'     6 ? 
primary 'Saridakis, V.'   7 ? 
primary 'Donaldson, L.W.' 8 ? 
# 
_cell.angle_alpha                  90.00 
_cell.angle_alpha_esd              ? 
_cell.angle_beta                   90.00 
_cell.angle_beta_esd               ? 
_cell.angle_gamma                  120.00 
_cell.angle_gamma_esd              ? 
_cell.entry_id                     5L1M 
_cell.details                      ? 
_cell.formula_units_Z              ? 
_cell.length_a                     96.460 
_cell.length_a_esd                 ? 
_cell.length_b                     96.460 
_cell.length_b_esd                 ? 
_cell.length_c                     119.170 
_cell.length_c_esd                 ? 
_cell.volume                       ? 
_cell.volume_esd                   ? 
_cell.Z_PDB                        12 
_cell.reciprocal_angle_alpha       ? 
_cell.reciprocal_angle_beta        ? 
_cell.reciprocal_angle_gamma       ? 
_cell.reciprocal_angle_alpha_esd   ? 
_cell.reciprocal_angle_beta_esd    ? 
_cell.reciprocal_angle_gamma_esd   ? 
_cell.reciprocal_length_a          ? 
_cell.reciprocal_length_b          ? 
_cell.reciprocal_length_c          ? 
_cell.reciprocal_length_a_esd      ? 
_cell.reciprocal_length_b_esd      ? 
_cell.reciprocal_length_c_esd      ? 
_cell.pdbx_unique_axis             ? 
# 
_symmetry.entry_id                         5L1M 
_symmetry.cell_setting                     ? 
_symmetry.Int_Tables_number                179 
_symmetry.space_group_name_Hall            ? 
_symmetry.space_group_name_H-M             'P 65 2 2' 
_symmetry.pdbx_full_space_group_name_H-M   ? 
# 
_entity.id                         1 
_entity.type                       polymer 
_entity.src_method                 man 
_entity.pdbx_description           Caskin-2 
_entity.formula_weight             20307.102 
_entity.pdbx_number_of_molecules   1 
_entity.pdbx_ec                    ? 
_entity.pdbx_mutation              ? 
_entity.pdbx_fragment              ? 
_entity.details                    ? 
# 
_entity_name_com.entity_id   1 
_entity_name_com.name        'CASK-interacting protein 2' 
# 
_entity_poly.entity_id                      1 
_entity_poly.type                           'polypeptide(L)' 
_entity_poly.nstd_linkage                   no 
_entity_poly.nstd_monomer                   no 
_entity_poly.pdbx_seq_one_letter_code       
;GSSHHHHHHSSGLVPRGSHMASMTGGQQGSMGREQLLEGKDAQAIHNWLSEFQLEGYTAHFLQAGYDVPTISRMTPEDLT
AIGVTKPGHRKKIASEIAQLSIAEWLPSYIPTDLLEWLCALGLPQYHKQLVSSGYDSMGLVADLTWEELQEIGVNKLGHQ
KKLMLGVKRLAELRRGLLQGEALS
;
_entity_poly.pdbx_seq_one_letter_code_can   
;GSSHHHHHHSSGLVPRGSHMASMTGGQQGSMGREQLLEGKDAQAIHNWLSEFQLEGYTAHFLQAGYDVPTISRMTPEDLT
AIGVTKPGHRKKIASEIAQLSIAEWLPSYIPTDLLEWLCALGLPQYHKQLVSSGYDSMGLVADLTWEELQEIGVNKLGHQ
KKLMLGVKRLAELRRGLLQGEALS
;
_entity_poly.pdbx_strand_id                 A 
_entity_poly.pdbx_target_identifier         ? 
# 
loop_
_entity_poly_seq.entity_id 
_entity_poly_seq.num 
_entity_poly_seq.mon_id 
_entity_poly_seq.hetero 
1 1   GLY n 
1 2   SER n 
1 3   SER n 
1 4   HIS n 
1 5   HIS n 
1 6   HIS n 
1 7   HIS n 
1 8   HIS n 
1 9   HIS n 
1 10  SER n 
1 11  SER n 
1 12  GLY n 
1 13  LEU n 
1 14  VAL n 
1 15  PRO n 
1 16  ARG n 
1 17  GLY n 
1 18  SER n 
1 19  HIS n 
1 20  MET n 
1 21  ALA n 
1 22  SER n 
1 23  MET n 
1 24  THR n 
1 25  GLY n 
1 26  GLY n 
1 27  GLN n 
1 28  GLN n 
1 29  GLY n 
1 30  SER n 
1 31  MET n 
1 32  GLY n 
1 33  ARG n 
1 34  GLU n 
1 35  GLN n 
1 36  LEU n 
1 37  LEU n 
1 38  GLU n 
1 39  GLY n 
1 40  LYS n 
1 41  ASP n 
1 42  ALA n 
1 43  GLN n 
1 44  ALA n 
1 45  ILE n 
1 46  HIS n 
1 47  ASN n 
1 48  TRP n 
1 49  LEU n 
1 50  SER n 
1 51  GLU n 
1 52  PHE n 
1 53  GLN n 
1 54  LEU n 
1 55  GLU n 
1 56  GLY n 
1 57  TYR n 
1 58  THR n 
1 59  ALA n 
1 60  HIS n 
1 61  PHE n 
1 62  LEU n 
1 63  GLN n 
1 64  ALA n 
1 65  GLY n 
1 66  TYR n 
1 67  ASP n 
1 68  VAL n 
1 69  PRO n 
1 70  THR n 
1 71  ILE n 
1 72  SER n 
1 73  ARG n 
1 74  MET n 
1 75  THR n 
1 76  PRO n 
1 77  GLU n 
1 78  ASP n 
1 79  LEU n 
1 80  THR n 
1 81  ALA n 
1 82  ILE n 
1 83  GLY n 
1 84  VAL n 
1 85  THR n 
1 86  LYS n 
1 87  PRO n 
1 88  GLY n 
1 89  HIS n 
1 90  ARG n 
1 91  LYS n 
1 92  LYS n 
1 93  ILE n 
1 94  ALA n 
1 95  SER n 
1 96  GLU n 
1 97  ILE n 
1 98  ALA n 
1 99  GLN n 
1 100 LEU n 
1 101 SER n 
1 102 ILE n 
1 103 ALA n 
1 104 GLU n 
1 105 TRP n 
1 106 LEU n 
1 107 PRO n 
1 108 SER n 
1 109 TYR n 
1 110 ILE n 
1 111 PRO n 
1 112 THR n 
1 113 ASP n 
1 114 LEU n 
1 115 LEU n 
1 116 GLU n 
1 117 TRP n 
1 118 LEU n 
1 119 CYS n 
1 120 ALA n 
1 121 LEU n 
1 122 GLY n 
1 123 LEU n 
1 124 PRO n 
1 125 GLN n 
1 126 TYR n 
1 127 HIS n 
1 128 LYS n 
1 129 GLN n 
1 130 LEU n 
1 131 VAL n 
1 132 SER n 
1 133 SER n 
1 134 GLY n 
1 135 TYR n 
1 136 ASP n 
1 137 SER n 
1 138 MET n 
1 139 GLY n 
1 140 LEU n 
1 141 VAL n 
1 142 ALA n 
1 143 ASP n 
1 144 LEU n 
1 145 THR n 
1 146 TRP n 
1 147 GLU n 
1 148 GLU n 
1 149 LEU n 
1 150 GLN n 
1 151 GLU n 
1 152 ILE n 
1 153 GLY n 
1 154 VAL n 
1 155 ASN n 
1 156 LYS n 
1 157 LEU n 
1 158 GLY n 
1 159 HIS n 
1 160 GLN n 
1 161 LYS n 
1 162 LYS n 
1 163 LEU n 
1 164 MET n 
1 165 LEU n 
1 166 GLY n 
1 167 VAL n 
1 168 LYS n 
1 169 ARG n 
1 170 LEU n 
1 171 ALA n 
1 172 GLU n 
1 173 LEU n 
1 174 ARG n 
1 175 ARG n 
1 176 GLY n 
1 177 LEU n 
1 178 LEU n 
1 179 GLN n 
1 180 GLY n 
1 181 GLU n 
1 182 ALA n 
1 183 LEU n 
1 184 SER n 
# 
_entity_src_gen.entity_id                          1 
_entity_src_gen.pdbx_src_id                        1 
_entity_src_gen.pdbx_alt_source_flag               sample 
_entity_src_gen.pdbx_seq_type                      'Biological sequence' 
_entity_src_gen.pdbx_beg_seq_num                   1 
_entity_src_gen.pdbx_end_seq_num                   184 
_entity_src_gen.gene_src_common_name               Human 
_entity_src_gen.gene_src_genus                     ? 
_entity_src_gen.pdbx_gene_src_gene                 'CASKIN2, KIAA1139' 
_entity_src_gen.gene_src_species                   ? 
_entity_src_gen.gene_src_strain                    ? 
_entity_src_gen.gene_src_tissue                    ? 
_entity_src_gen.gene_src_tissue_fraction           ? 
_entity_src_gen.gene_src_details                   ? 
_entity_src_gen.pdbx_gene_src_fragment             ? 
_entity_src_gen.pdbx_gene_src_scientific_name      'Homo sapiens' 
_entity_src_gen.pdbx_gene_src_ncbi_taxonomy_id     9606 
_entity_src_gen.pdbx_gene_src_variant              ? 
_entity_src_gen.pdbx_gene_src_cell_line            ? 
_entity_src_gen.pdbx_gene_src_atcc                 ? 
_entity_src_gen.pdbx_gene_src_organ                ? 
_entity_src_gen.pdbx_gene_src_organelle            ? 
_entity_src_gen.pdbx_gene_src_cell                 ? 
_entity_src_gen.pdbx_gene_src_cellular_location    ? 
_entity_src_gen.host_org_common_name               ? 
_entity_src_gen.pdbx_host_org_scientific_name      'Escherichia coli' 
_entity_src_gen.pdbx_host_org_ncbi_taxonomy_id     562 
_entity_src_gen.host_org_genus                     ? 
_entity_src_gen.pdbx_host_org_gene                 ? 
_entity_src_gen.pdbx_host_org_organ                ? 
_entity_src_gen.host_org_species                   ? 
_entity_src_gen.pdbx_host_org_tissue               ? 
_entity_src_gen.pdbx_host_org_tissue_fraction      ? 
_entity_src_gen.pdbx_host_org_strain               ? 
_entity_src_gen.pdbx_host_org_variant              ? 
_entity_src_gen.pdbx_host_org_cell_line            ? 
_entity_src_gen.pdbx_host_org_atcc                 ? 
_entity_src_gen.pdbx_host_org_culture_collection   ? 
_entity_src_gen.pdbx_host_org_cell                 ? 
_entity_src_gen.pdbx_host_org_organelle            ? 
_entity_src_gen.pdbx_host_org_cellular_location    ? 
_entity_src_gen.pdbx_host_org_vector_type          ? 
_entity_src_gen.pdbx_host_org_vector               ? 
_entity_src_gen.host_org_details                   ? 
_entity_src_gen.expression_system_id               ? 
_entity_src_gen.plasmid_name                       ? 
_entity_src_gen.plasmid_details                    ? 
_entity_src_gen.pdbx_description                   ? 
# 
_struct_ref.id                         1 
_struct_ref.db_name                    UNP 
_struct_ref.db_code                    CSKI2_HUMAN 
_struct_ref.pdbx_db_accession          Q8WXE0 
_struct_ref.pdbx_db_isoform            ? 
_struct_ref.entity_id                  1 
_struct_ref.pdbx_seq_one_letter_code   
;EQLLEGKDAQAIHNWLSEFQLEGYTAHFLQAGYDVPTISRMTPEDLTAIGVTKPGHRKKIASEIAQLSIAEWLPSYIPTD
LLEWLCALGLPQYHKQLVSSGYDSMGLVADLTWEELQEIGVNKLGHQKKLMLGVKRLAELRRGLLQGEALS
;
_struct_ref.pdbx_align_begin           483 
# 
_struct_ref_seq.align_id                      1 
_struct_ref_seq.ref_id                        1 
_struct_ref_seq.pdbx_PDB_id_code              5L1M 
_struct_ref_seq.pdbx_strand_id                A 
_struct_ref_seq.seq_align_beg                 34 
_struct_ref_seq.pdbx_seq_align_beg_ins_code   ? 
_struct_ref_seq.seq_align_end                 184 
_struct_ref_seq.pdbx_seq_align_end_ins_code   ? 
_struct_ref_seq.pdbx_db_accession             Q8WXE0 
_struct_ref_seq.db_align_beg                  483 
_struct_ref_seq.pdbx_db_align_beg_ins_code    ? 
_struct_ref_seq.db_align_end                  633 
_struct_ref_seq.pdbx_db_align_end_ins_code    ? 
_struct_ref_seq.pdbx_auth_seq_align_beg       16 
_struct_ref_seq.pdbx_auth_seq_align_end       166 
# 
loop_
_struct_ref_seq_dif.align_id 
_struct_ref_seq_dif.pdbx_pdb_id_code 
_struct_ref_seq_dif.mon_id 
_struct_ref_seq_dif.pdbx_pdb_strand_id 
_struct_ref_seq_dif.seq_num 
_struct_ref_seq_dif.pdbx_pdb_ins_code 
_struct_ref_seq_dif.pdbx_seq_db_name 
_struct_ref_seq_dif.pdbx_seq_db_accession_code 
_struct_ref_seq_dif.db_mon_id 
_struct_ref_seq_dif.pdbx_seq_db_seq_num 
_struct_ref_seq_dif.details 
_struct_ref_seq_dif.pdbx_auth_seq_num 
_struct_ref_seq_dif.pdbx_ordinal 
1 5L1M GLY A 1  ? UNP Q8WXE0 ? ? 'expression tag' -17 1  
1 5L1M SER A 2  ? UNP Q8WXE0 ? ? 'expression tag' -16 2  
1 5L1M SER A 3  ? UNP Q8WXE0 ? ? 'expression tag' -15 3  
1 5L1M HIS A 4  ? UNP Q8WXE0 ? ? 'expression tag' -14 4  
1 5L1M HIS A 5  ? UNP Q8WXE0 ? ? 'expression tag' -13 5  
1 5L1M HIS A 6  ? UNP Q8WXE0 ? ? 'expression tag' -12 6  
1 5L1M HIS A 7  ? UNP Q8WXE0 ? ? 'expression tag' -11 7  
1 5L1M HIS A 8  ? UNP Q8WXE0 ? ? 'expression tag' -10 8  
1 5L1M HIS A 9  ? UNP Q8WXE0 ? ? 'expression tag' -9  9  
1 5L1M SER A 10 ? UNP Q8WXE0 ? ? 'expression tag' -8  10 
1 5L1M SER A 11 ? UNP Q8WXE0 ? ? 'expression tag' -7  11 
1 5L1M GLY A 12 ? UNP Q8WXE0 ? ? 'expression tag' -6  12 
1 5L1M LEU A 13 ? UNP Q8WXE0 ? ? 'expression tag' -5  13 
1 5L1M VAL A 14 ? UNP Q8WXE0 ? ? 'expression tag' -4  14 
1 5L1M PRO A 15 ? UNP Q8WXE0 ? ? 'expression tag' -3  15 
1 5L1M ARG A 16 ? UNP Q8WXE0 ? ? 'expression tag' -2  16 
1 5L1M GLY A 17 ? UNP Q8WXE0 ? ? 'expression tag' -1  17 
1 5L1M SER A 18 ? UNP Q8WXE0 ? ? 'expression tag' 0   18 
1 5L1M HIS A 19 ? UNP Q8WXE0 ? ? 'expression tag' 1   19 
1 5L1M MET A 20 ? UNP Q8WXE0 ? ? 'expression tag' 2   20 
1 5L1M ALA A 21 ? UNP Q8WXE0 ? ? 'expression tag' 3   21 
1 5L1M SER A 22 ? UNP Q8WXE0 ? ? 'expression tag' 4   22 
1 5L1M MET A 23 ? UNP Q8WXE0 ? ? 'expression tag' 5   23 
1 5L1M THR A 24 ? UNP Q8WXE0 ? ? 'expression tag' 6   24 
1 5L1M GLY A 25 ? UNP Q8WXE0 ? ? 'expression tag' 7   25 
1 5L1M GLY A 26 ? UNP Q8WXE0 ? ? 'expression tag' 8   26 
1 5L1M GLN A 27 ? UNP Q8WXE0 ? ? 'expression tag' 9   27 
1 5L1M GLN A 28 ? UNP Q8WXE0 ? ? 'expression tag' 10  28 
1 5L1M GLY A 29 ? UNP Q8WXE0 ? ? 'expression tag' 11  29 
1 5L1M SER A 30 ? UNP Q8WXE0 ? ? 'expression tag' 12  30 
1 5L1M MET A 31 ? UNP Q8WXE0 ? ? 'expression tag' 13  31 
1 5L1M GLY A 32 ? UNP Q8WXE0 ? ? 'expression tag' 14  32 
1 5L1M ARG A 33 ? UNP Q8WXE0 ? ? 'expression tag' 15  33 
# 
loop_
_chem_comp.id 
_chem_comp.type 
_chem_comp.mon_nstd_flag 
_chem_comp.name 
_chem_comp.pdbx_synonyms 
_chem_comp.formula 
_chem_comp.formula_weight 
ALA 'L-peptide linking' y ALANINE         ? 'C3 H7 N O2'     89.093  
ARG 'L-peptide linking' y ARGININE        ? 'C6 H15 N4 O2 1' 175.209 
ASN 'L-peptide linking' y ASPARAGINE      ? 'C4 H8 N2 O3'    132.118 
ASP 'L-peptide linking' y 'ASPARTIC ACID' ? 'C4 H7 N O4'     133.103 
CYS 'L-peptide linking' y CYSTEINE        ? 'C3 H7 N O2 S'   121.158 
GLN 'L-peptide linking' y GLUTAMINE       ? 'C5 H10 N2 O3'   146.144 
GLU 'L-peptide linking' y 'GLUTAMIC ACID' ? 'C5 H9 N O4'     147.129 
GLY 'peptide linking'   y GLYCINE         ? 'C2 H5 N O2'     75.067  
HIS 'L-peptide linking' y HISTIDINE       ? 'C6 H10 N3 O2 1' 156.162 
ILE 'L-peptide linking' y ISOLEUCINE      ? 'C6 H13 N O2'    131.173 
LEU 'L-peptide linking' y LEUCINE         ? 'C6 H13 N O2'    131.173 
LYS 'L-peptide linking' y LYSINE          ? 'C6 H15 N2 O2 1' 147.195 
MET 'L-peptide linking' y METHIONINE      ? 'C5 H11 N O2 S'  149.211 
PHE 'L-peptide linking' y PHENYLALANINE   ? 'C9 H11 N O2'    165.189 
PRO 'L-peptide linking' y PROLINE         ? 'C5 H9 N O2'     115.130 
SER 'L-peptide linking' y SERINE          ? 'C3 H7 N O3'     105.093 
THR 'L-peptide linking' y THREONINE       ? 'C4 H9 N O3'     119.119 
TRP 'L-peptide linking' y TRYPTOPHAN      ? 'C11 H12 N2 O2'  204.225 
TYR 'L-peptide linking' y TYROSINE        ? 'C9 H11 N O3'    181.189 
VAL 'L-peptide linking' y VALINE          ? 'C5 H11 N O2'    117.146 
# 
_exptl.absorpt_coefficient_mu     ? 
_exptl.absorpt_correction_T_max   ? 
_exptl.absorpt_correction_T_min   ? 
_exptl.absorpt_correction_type    ? 
_exptl.absorpt_process_details    ? 
_exptl.entry_id                   5L1M 
_exptl.crystals_number            1 
_exptl.details                    ? 
_exptl.method                     'X-RAY DIFFRACTION' 
_exptl.method_details             ? 
# 
_exptl_crystal.colour                      ? 
_exptl_crystal.density_diffrn              ? 
_exptl_crystal.density_Matthews            3.94 
_exptl_crystal.density_method              ? 
_exptl_crystal.density_percent_sol         68.79 
_exptl_crystal.description                 ? 
_exptl_crystal.F_000                       ? 
_exptl_crystal.id                          1 
_exptl_crystal.preparation                 ? 
_exptl_crystal.size_max                    ? 
_exptl_crystal.size_mid                    ? 
_exptl_crystal.size_min                    ? 
_exptl_crystal.size_rad                    ? 
_exptl_crystal.colour_lustre               ? 
_exptl_crystal.colour_modifier             ? 
_exptl_crystal.colour_primary              ? 
_exptl_crystal.density_meas                ? 
_exptl_crystal.density_meas_esd            ? 
_exptl_crystal.density_meas_gt             ? 
_exptl_crystal.density_meas_lt             ? 
_exptl_crystal.density_meas_temp           ? 
_exptl_crystal.density_meas_temp_esd       ? 
_exptl_crystal.density_meas_temp_gt        ? 
_exptl_crystal.density_meas_temp_lt        ? 
_exptl_crystal.pdbx_crystal_image_url      ? 
_exptl_crystal.pdbx_crystal_image_format   ? 
_exptl_crystal.pdbx_mosaicity              ? 
_exptl_crystal.pdbx_mosaicity_esd          ? 
# 
_exptl_crystal_grow.apparatus       ? 
_exptl_crystal_grow.atmosphere      ? 
_exptl_crystal_grow.crystal_id      1 
_exptl_crystal_grow.details         ? 
_exptl_crystal_grow.method          'VAPOR DIFFUSION, HANGING DROP' 
_exptl_crystal_grow.method_ref      ? 
_exptl_crystal_grow.pH              7.5 
_exptl_crystal_grow.pressure        ? 
_exptl_crystal_grow.pressure_esd    ? 
_exptl_crystal_grow.seeding         ? 
_exptl_crystal_grow.seeding_ref     ? 
_exptl_crystal_grow.temp            278 
_exptl_crystal_grow.temp_details    ? 
_exptl_crystal_grow.temp_esd        ? 
_exptl_crystal_grow.time            ? 
_exptl_crystal_grow.pdbx_details    '0.1 M Tris pH 7.5, 2.4 M sodium formate, 5 mM DTT' 
_exptl_crystal_grow.pdbx_pH_range   ? 
# 
_diffrn.ambient_environment    ? 
_diffrn.ambient_temp           100 
_diffrn.ambient_temp_details   ? 
_diffrn.ambient_temp_esd       ? 
_diffrn.crystal_id             1 
_diffrn.crystal_support        ? 
_diffrn.crystal_treatment      ? 
_diffrn.details                ? 
_diffrn.id                     1 
_diffrn.ambient_pressure       ? 
_diffrn.ambient_pressure_esd   ? 
_diffrn.ambient_pressure_gt    ? 
_diffrn.ambient_pressure_lt    ? 
_diffrn.ambient_temp_gt        ? 
_diffrn.ambient_temp_lt        ? 
# 
_diffrn_detector.details                      ? 
_diffrn_detector.detector                     CCD 
_diffrn_detector.diffrn_id                    1 
_diffrn_detector.type                         'RAYONIX MX300HE' 
_diffrn_detector.area_resol_mean              ? 
_diffrn_detector.dtime                        ? 
_diffrn_detector.pdbx_frames_total            ? 
_diffrn_detector.pdbx_collection_time_total   ? 
_diffrn_detector.pdbx_collection_date         2010-03-01 
# 
_diffrn_radiation.collimation                      ? 
_diffrn_radiation.diffrn_id                        1 
_diffrn_radiation.filter_edge                      ? 
_diffrn_radiation.inhomogeneity                    ? 
_diffrn_radiation.monochromator                    ? 
_diffrn_radiation.polarisn_norm                    ? 
_diffrn_radiation.polarisn_ratio                   ? 
_diffrn_radiation.probe                            ? 
_diffrn_radiation.type                             ? 
_diffrn_radiation.xray_symbol                      ? 
_diffrn_radiation.wavelength_id                    1 
_diffrn_radiation.pdbx_monochromatic_or_laue_m_l   M 
_diffrn_radiation.pdbx_wavelength_list             ? 
_diffrn_radiation.pdbx_wavelength                  ? 
_diffrn_radiation.pdbx_diffrn_protocol             'SINGLE WAVELENGTH' 
_diffrn_radiation.pdbx_analyzer                    ? 
_diffrn_radiation.pdbx_scattering_type             x-ray 
# 
_diffrn_radiation_wavelength.id           1 
_diffrn_radiation_wavelength.wavelength   0.97912 
_diffrn_radiation_wavelength.wt           1.0 
# 
_diffrn_source.current                     ? 
_diffrn_source.details                     ? 
_diffrn_source.diffrn_id                   1 
_diffrn_source.power                       ? 
_diffrn_source.size                        ? 
_diffrn_source.source                      SYNCHROTRON 
_diffrn_source.target                      ? 
_diffrn_source.type                        'CLSI BEAMLINE 08B1-1' 
_diffrn_source.voltage                     ? 
_diffrn_source.take-off_angle              ? 
_diffrn_source.pdbx_wavelength_list        0.97912 
_diffrn_source.pdbx_wavelength             ? 
_diffrn_source.pdbx_synchrotron_beamline   08B1-1 
_diffrn_source.pdbx_synchrotron_site       CLSI 
# 
_reflns.B_iso_Wilson_estimate            ? 
_reflns.entry_id                         5L1M 
_reflns.data_reduction_details           ? 
_reflns.data_reduction_method            ? 
_reflns.d_resolution_high                2.75 
_reflns.d_resolution_low                 48.51 
_reflns.details                          ? 
_reflns.limit_h_max                      ? 
_reflns.limit_h_min                      ? 
_reflns.limit_k_max                      ? 
_reflns.limit_k_min                      ? 
_reflns.limit_l_max                      ? 
_reflns.limit_l_min                      ? 
_reflns.number_all                       ? 
_reflns.number_obs                       9004 
_reflns.observed_criterion               ? 
_reflns.observed_criterion_F_max         ? 
_reflns.observed_criterion_F_min         ? 
_reflns.observed_criterion_I_max         ? 
_reflns.observed_criterion_I_min         ? 
_reflns.observed_criterion_sigma_F       ? 
_reflns.observed_criterion_sigma_I       ? 
_reflns.percent_possible_obs             100 
_reflns.R_free_details                   ? 
_reflns.Rmerge_F_all                     ? 
_reflns.Rmerge_F_obs                     ? 
_reflns.Friedel_coverage                 ? 
_reflns.number_gt                        ? 
_reflns.threshold_expression             ? 
_reflns.pdbx_redundancy                  1 
_reflns.pdbx_Rmerge_I_obs                0.077 
_reflns.pdbx_Rmerge_I_all                ? 
_reflns.pdbx_Rsym_value                  ? 
_reflns.pdbx_netI_over_av_sigmaI         ? 
_reflns.pdbx_netI_over_sigmaI            56.8 
_reflns.pdbx_res_netI_over_av_sigmaI_2   ? 
_reflns.pdbx_res_netI_over_sigmaI_2      ? 
_reflns.pdbx_chi_squared                 ? 
_reflns.pdbx_scaling_rejects             ? 
_reflns.pdbx_d_res_high_opt              ? 
_reflns.pdbx_d_res_low_opt               ? 
_reflns.pdbx_d_res_opt_method            ? 
_reflns.phase_calculation_details        ? 
_reflns.pdbx_Rrim_I_all                  ? 
_reflns.pdbx_Rpim_I_all                  ? 
_reflns.pdbx_d_opt                       ? 
_reflns.pdbx_number_measured_all         ? 
_reflns.pdbx_diffrn_id                   1 
_reflns.pdbx_ordinal                     1 
_reflns.pdbx_CC_half                     ? 
_reflns.pdbx_R_split                     ? 
# 
_reflns_shell.d_res_high                  . 
_reflns_shell.d_res_low                   ? 
_reflns_shell.meanI_over_sigI_all         ? 
_reflns_shell.meanI_over_sigI_obs         ? 
_reflns_shell.number_measured_all         ? 
_reflns_shell.number_measured_obs         ? 
_reflns_shell.number_possible             ? 
_reflns_shell.number_unique_all           ? 
_reflns_shell.number_unique_obs           ? 
_reflns_shell.percent_possible_all        ? 
_reflns_shell.percent_possible_obs        ? 
_reflns_shell.Rmerge_F_all                ? 
_reflns_shell.Rmerge_F_obs                ? 
_reflns_shell.Rmerge_I_all                ? 
_reflns_shell.Rmerge_I_obs                ? 
_reflns_shell.meanI_over_sigI_gt          ? 
_reflns_shell.meanI_over_uI_all           ? 
_reflns_shell.meanI_over_uI_gt            ? 
_reflns_shell.number_measured_gt          ? 
_reflns_shell.number_unique_gt            ? 
_reflns_shell.percent_possible_gt         ? 
_reflns_shell.Rmerge_F_gt                 ? 
_reflns_shell.Rmerge_I_gt                 ? 
_reflns_shell.pdbx_redundancy             ? 
_reflns_shell.pdbx_Rsym_value             ? 
_reflns_shell.pdbx_chi_squared            ? 
_reflns_shell.pdbx_netI_over_sigmaI_all   ? 
_reflns_shell.pdbx_netI_over_sigmaI_obs   ? 
_reflns_shell.pdbx_Rrim_I_all             ? 
_reflns_shell.pdbx_Rpim_I_all             ? 
_reflns_shell.pdbx_rejects                ? 
_reflns_shell.pdbx_ordinal                1 
_reflns_shell.pdbx_diffrn_id              1 
_reflns_shell.pdbx_CC_half                ? 
_reflns_shell.pdbx_R_split                ? 
# 
_refine.aniso_B[1][1]                            ? 
_refine.aniso_B[1][2]                            ? 
_refine.aniso_B[1][3]                            ? 
_refine.aniso_B[2][2]                            ? 
_refine.aniso_B[2][3]                            ? 
_refine.aniso_B[3][3]                            ? 
_refine.B_iso_max                                ? 
_refine.B_iso_mean                               ? 
_refine.B_iso_min                                ? 
_refine.correlation_coeff_Fo_to_Fc               ? 
_refine.correlation_coeff_Fo_to_Fc_free          ? 
_refine.details                                  ? 
_refine.diff_density_max                         ? 
_refine.diff_density_max_esd                     ? 
_refine.diff_density_min                         ? 
_refine.diff_density_min_esd                     ? 
_refine.diff_density_rms                         ? 
_refine.diff_density_rms_esd                     ? 
_refine.entry_id                                 5L1M 
_refine.pdbx_refine_id                           'X-RAY DIFFRACTION' 
_refine.ls_abs_structure_details                 ? 
_refine.ls_abs_structure_Flack                   ? 
_refine.ls_abs_structure_Flack_esd               ? 
_refine.ls_abs_structure_Rogers                  ? 
_refine.ls_abs_structure_Rogers_esd              ? 
_refine.ls_d_res_high                            2.751 
_refine.ls_d_res_low                             48.509 
_refine.ls_extinction_coef                       ? 
_refine.ls_extinction_coef_esd                   ? 
_refine.ls_extinction_expression                 ? 
_refine.ls_extinction_method                     ? 
_refine.ls_goodness_of_fit_all                   ? 
_refine.ls_goodness_of_fit_all_esd               ? 
_refine.ls_goodness_of_fit_obs                   ? 
_refine.ls_goodness_of_fit_obs_esd               ? 
_refine.ls_hydrogen_treatment                    ? 
_refine.ls_matrix_type                           ? 
_refine.ls_number_constraints                    ? 
_refine.ls_number_parameters                     ? 
_refine.ls_number_reflns_all                     ? 
_refine.ls_number_reflns_obs                     9004 
_refine.ls_number_reflns_R_free                  901 
_refine.ls_number_reflns_R_work                  ? 
_refine.ls_number_restraints                     ? 
_refine.ls_percent_reflns_obs                    99.99 
_refine.ls_percent_reflns_R_free                 10.01 
_refine.ls_R_factor_all                          ? 
_refine.ls_R_factor_obs                          0.2471 
_refine.ls_R_factor_R_free                       0.2649 
_refine.ls_R_factor_R_free_error                 ? 
_refine.ls_R_factor_R_free_error_details         ? 
_refine.ls_R_factor_R_work                       0.2449 
_refine.ls_R_Fsqd_factor_obs                     ? 
_refine.ls_R_I_factor_obs                        ? 
_refine.ls_redundancy_reflns_all                 ? 
_refine.ls_redundancy_reflns_obs                 ? 
_refine.ls_restrained_S_all                      ? 
_refine.ls_restrained_S_obs                      ? 
_refine.ls_shift_over_esd_max                    ? 
_refine.ls_shift_over_esd_mean                   ? 
_refine.ls_structure_factor_coef                 ? 
_refine.ls_weighting_details                     ? 
_refine.ls_weighting_scheme                      ? 
_refine.ls_wR_factor_all                         ? 
_refine.ls_wR_factor_obs                         ? 
_refine.ls_wR_factor_R_free                      ? 
_refine.ls_wR_factor_R_work                      ? 
_refine.occupancy_max                            ? 
_refine.occupancy_min                            ? 
_refine.solvent_model_details                    ? 
_refine.solvent_model_param_bsol                 ? 
_refine.solvent_model_param_ksol                 ? 
_refine.ls_R_factor_gt                           ? 
_refine.ls_goodness_of_fit_gt                    ? 
_refine.ls_goodness_of_fit_ref                   ? 
_refine.ls_shift_over_su_max                     ? 
_refine.ls_shift_over_su_max_lt                  ? 
_refine.ls_shift_over_su_mean                    ? 
_refine.ls_shift_over_su_mean_lt                 ? 
_refine.pdbx_ls_sigma_I                          ? 
_refine.pdbx_ls_sigma_F                          2.00 
_refine.pdbx_ls_sigma_Fsqd                       ? 
_refine.pdbx_data_cutoff_high_absF               ? 
_refine.pdbx_data_cutoff_high_rms_absF           ? 
_refine.pdbx_data_cutoff_low_absF                ? 
_refine.pdbx_isotropic_thermal_model             ? 
_refine.pdbx_ls_cross_valid_method               'FREE R-VALUE' 
_refine.pdbx_method_to_determine_struct          SAD 
_refine.pdbx_starting_model                      ? 
_refine.pdbx_stereochemistry_target_values       ? 
_refine.pdbx_R_Free_selection_details            ? 
_refine.pdbx_stereochem_target_val_spec_case     ? 
_refine.pdbx_overall_ESU_R                       ? 
_refine.pdbx_overall_ESU_R_Free                  ? 
_refine.pdbx_solvent_vdw_probe_radii             1.11 
_refine.pdbx_solvent_ion_probe_radii             ? 
_refine.pdbx_solvent_shrinkage_radii             0.90 
_refine.pdbx_real_space_R                        ? 
_refine.pdbx_density_correlation                 ? 
_refine.pdbx_pd_number_of_powder_patterns        ? 
_refine.pdbx_pd_number_of_points                 ? 
_refine.pdbx_pd_meas_number_of_points            ? 
_refine.pdbx_pd_proc_ls_prof_R_factor            ? 
_refine.pdbx_pd_proc_ls_prof_wR_factor           ? 
_refine.pdbx_pd_Marquardt_correlation_coeff      ? 
_refine.pdbx_pd_Fsqrd_R_factor                   ? 
_refine.pdbx_pd_ls_matrix_band_width             ? 
_refine.pdbx_overall_phase_error                 29.32 
_refine.pdbx_overall_SU_R_free_Cruickshank_DPI   ? 
_refine.pdbx_overall_SU_R_free_Blow_DPI          ? 
_refine.pdbx_overall_SU_R_Blow_DPI               ? 
_refine.pdbx_TLS_residual_ADP_flag               ? 
_refine.pdbx_diffrn_id                           1 
_refine.overall_SU_B                             ? 
_refine.overall_SU_ML                            0.40 
_refine.overall_SU_R_Cruickshank_DPI             ? 
_refine.overall_SU_R_free                        ? 
_refine.overall_FOM_free_R_set                   ? 
_refine.overall_FOM_work_R_set                   ? 
_refine.pdbx_average_fsc_overall                 ? 
_refine.pdbx_average_fsc_work                    ? 
_refine.pdbx_average_fsc_free                    ? 
# 
_refine_hist.pdbx_refine_id                   'X-RAY DIFFRACTION' 
_refine_hist.cycle_id                         LAST 
_refine_hist.pdbx_number_atoms_protein        1100 
_refine_hist.pdbx_number_atoms_nucleic_acid   0 
_refine_hist.pdbx_number_atoms_ligand         0 
_refine_hist.number_atoms_solvent             0 
_refine_hist.number_atoms_total               1100 
_refine_hist.d_res_high                       2.751 
_refine_hist.d_res_low                        48.509 
# 
loop_
_refine_ls_restr.pdbx_refine_id 
_refine_ls_restr.criterion 
_refine_ls_restr.dev_ideal 
_refine_ls_restr.dev_ideal_target 
_refine_ls_restr.number 
_refine_ls_restr.rejects 
_refine_ls_restr.type 
_refine_ls_restr.weight 
_refine_ls_restr.pdbx_restraint_function 
'X-RAY DIFFRACTION' ? 0.012  ? 1135 ? f_bond_d           ? ? 
'X-RAY DIFFRACTION' ? 1.269  ? 1540 ? f_angle_d          ? ? 
'X-RAY DIFFRACTION' ? 12.944 ? 674  ? f_dihedral_angle_d ? ? 
'X-RAY DIFFRACTION' ? 0.065  ? 173  ? f_chiral_restr     ? ? 
'X-RAY DIFFRACTION' ? 0.006  ? 194  ? f_plane_restr      ? ? 
# 
loop_
_refine_ls_shell.pdbx_refine_id 
_refine_ls_shell.d_res_high 
_refine_ls_shell.d_res_low 
_refine_ls_shell.number_reflns_all 
_refine_ls_shell.number_reflns_obs 
_refine_ls_shell.number_reflns_R_free 
_refine_ls_shell.number_reflns_R_work 
_refine_ls_shell.percent_reflns_obs 
_refine_ls_shell.percent_reflns_R_free 
_refine_ls_shell.R_factor_all 
_refine_ls_shell.R_factor_obs 
_refine_ls_shell.R_factor_R_free 
_refine_ls_shell.R_factor_R_free_error 
_refine_ls_shell.R_factor_R_work 
_refine_ls_shell.redundancy_reflns_all 
_refine_ls_shell.redundancy_reflns_obs 
_refine_ls_shell.wR_factor_all 
_refine_ls_shell.wR_factor_obs 
_refine_ls_shell.wR_factor_R_free 
_refine_ls_shell.wR_factor_R_work 
_refine_ls_shell.pdbx_total_number_of_bins_used 
_refine_ls_shell.pdbx_phase_error 
_refine_ls_shell.pdbx_fsc_work 
_refine_ls_shell.pdbx_fsc_free 
'X-RAY DIFFRACTION' 2.7505 2.9229  . . 146 1312 100.00 . . . 0.3591 . 0.3229 . . . . . . . . . . 
'X-RAY DIFFRACTION' 2.9229 3.1485  . . 145 1307 100.00 . . . 0.3692 . 0.3301 . . . . . . . . . . 
'X-RAY DIFFRACTION' 3.1485 3.4653  . . 147 1325 100.00 . . . 0.3469 . 0.2789 . . . . . . . . . . 
'X-RAY DIFFRACTION' 3.4653 3.9665  . . 149 1335 100.00 . . . 0.3101 . 0.2500 . . . . . . . . . . 
'X-RAY DIFFRACTION' 3.9665 4.9966  . . 151 1360 100.00 . . . 0.2297 . 0.2204 . . . . . . . . . . 
'X-RAY DIFFRACTION' 4.9966 48.5169 . . 163 1464 100.00 . . . 0.2294 . 0.2283 . . . . . . . . . . 
# 
_struct.entry_id                     5L1M 
_struct.title                        'CASKIN2 SAM domain tandem' 
_struct.pdbx_model_details           ? 
_struct.pdbx_formula_weight          ? 
_struct.pdbx_formula_weight_method   ? 
_struct.pdbx_model_type_details      ? 
_struct.pdbx_CASP_flag               N 
# 
_struct_keywords.entry_id        5L1M 
_struct_keywords.text            'signaling protein, protein interaction domain, sterile alpha motif, PROTEIN BINDING' 
_struct_keywords.pdbx_keywords   'PROTEIN BINDING' 
# 
_struct_asym.id                            A 
_struct_asym.pdbx_blank_PDB_chainid_flag   N 
_struct_asym.pdbx_modified                 N 
_struct_asym.entity_id                     1 
_struct_asym.details                       ? 
# 
_struct_biol.id        1 
_struct_biol.details   'Dimer according to Gel filtration and Analytical ultracentrifuge' 
# 
loop_
_struct_conf.conf_type_id 
_struct_conf.id 
_struct_conf.pdbx_PDB_helix_id 
_struct_conf.beg_label_comp_id 
_struct_conf.beg_label_asym_id 
_struct_conf.beg_label_seq_id 
_struct_conf.pdbx_beg_PDB_ins_code 
_struct_conf.end_label_comp_id 
_struct_conf.end_label_asym_id 
_struct_conf.end_label_seq_id 
_struct_conf.pdbx_end_PDB_ins_code 
_struct_conf.beg_auth_comp_id 
_struct_conf.beg_auth_asym_id 
_struct_conf.beg_auth_seq_id 
_struct_conf.end_auth_comp_id 
_struct_conf.end_auth_asym_id 
_struct_conf.end_auth_seq_id 
_struct_conf.pdbx_PDB_helix_class 
_struct_conf.details 
_struct_conf.pdbx_PDB_helix_length 
HELX_P HELX_P1  AA1 ASP A 41  ? GLU A 51  ? ASP A 23  GLU A 33  1 ? 11 
HELX_P HELX_P2  AA2 PHE A 52  ? GLN A 53  ? PHE A 34  GLN A 35  5 ? 2  
HELX_P HELX_P3  AA3 LEU A 54  ? GLY A 56  ? LEU A 36  GLY A 38  5 ? 3  
HELX_P HELX_P4  AA4 TYR A 57  ? ALA A 64  ? TYR A 39  ALA A 46  1 ? 8  
HELX_P HELX_P5  AA5 ASP A 67  ? SER A 72  ? ASP A 49  SER A 54  1 ? 6  
HELX_P HELX_P6  AA6 THR A 75  ? ILE A 82  ? THR A 57  ILE A 64  1 ? 8  
HELX_P HELX_P7  AA7 LYS A 86  ? GLN A 99  ? LYS A 68  GLN A 81  1 ? 14 
HELX_P HELX_P8  AA8 ASP A 113 ? LEU A 121 ? ASP A 95  LEU A 103 1 ? 9  
HELX_P HELX_P9  AA9 LEU A 123 ? GLN A 125 ? LEU A 105 GLN A 107 5 ? 3  
HELX_P HELX_P10 AB1 TYR A 126 ? SER A 133 ? TYR A 108 SER A 115 1 ? 8  
HELX_P HELX_P11 AB2 SER A 137 ? ALA A 142 ? SER A 119 ALA A 124 1 ? 6  
HELX_P HELX_P12 AB3 GLU A 148 ? GLY A 153 ? GLU A 130 GLY A 135 1 ? 6  
HELX_P HELX_P13 AB4 LYS A 156 ? GLY A 176 ? LYS A 138 GLY A 158 1 ? 21 
# 
_struct_conf_type.id          HELX_P 
_struct_conf_type.criteria    ? 
_struct_conf_type.reference   ? 
# 
loop_
_struct_mon_prot_cis.pdbx_id 
_struct_mon_prot_cis.label_comp_id 
_struct_mon_prot_cis.label_seq_id 
_struct_mon_prot_cis.label_asym_id 
_struct_mon_prot_cis.label_alt_id 
_struct_mon_prot_cis.pdbx_PDB_ins_code 
_struct_mon_prot_cis.auth_comp_id 
_struct_mon_prot_cis.auth_seq_id 
_struct_mon_prot_cis.auth_asym_id 
_struct_mon_prot_cis.pdbx_label_comp_id_2 
_struct_mon_prot_cis.pdbx_label_seq_id_2 
_struct_mon_prot_cis.pdbx_label_asym_id_2 
_struct_mon_prot_cis.pdbx_PDB_ins_code_2 
_struct_mon_prot_cis.pdbx_auth_comp_id_2 
_struct_mon_prot_cis.pdbx_auth_seq_id_2 
_struct_mon_prot_cis.pdbx_auth_asym_id_2 
_struct_mon_prot_cis.pdbx_PDB_model_num 
_struct_mon_prot_cis.pdbx_omega_angle 
1 ALA 103 A . ? ALA 85 A GLU 104 A ? GLU 86 A 1 10.17 
2 LEU 106 A . ? LEU 88 A PRO 107 A ? PRO 89 A 1 1.68  
# 
_atom_sites.entry_id                    5L1M 
_atom_sites.fract_transf_matrix[1][1]   -0.00387101 
_atom_sites.fract_transf_matrix[1][2]   0.00719886 
_atom_sites.fract_transf_matrix[1][3]   0.00874566 
_atom_sites.fract_transf_matrix[2][1]   -0.00839015 
_atom_sites.fract_transf_matrix[2][2]   -0.00383032 
_atom_sites.fract_transf_matrix[2][3]   0.00763144 
_atom_sites.fract_transf_matrix[3][1]   0.00597945 
_atom_sites.fract_transf_matrix[3][2]   -0.00296388 
_atom_sites.fract_transf_matrix[3][3]   0.00508630 
_atom_sites.fract_transf_vector[1]      0.264156 
_atom_sites.fract_transf_vector[2]      0.576467 
_atom_sites.fract_transf_vector[3]      0.456612 
# 
loop_
_atom_type.symbol 
C 
N 
O 
S 
# 
loop_
_atom_site.group_PDB 
_atom_site.id 
_atom_site.type_symbol 
_atom_site.label_atom_id 
_atom_site.label_alt_id 
_atom_site.label_comp_id 
_atom_site.label_asym_id 
_atom_site.label_entity_id 
_atom_site.label_seq_id 
_atom_site.pdbx_PDB_ins_code 
_atom_site.Cartn_x 
_atom_site.Cartn_y 
_atom_site.Cartn_z 
_atom_site.occupancy 
_atom_site.B_iso_or_equiv 
_atom_site.pdbx_formal_charge 
_atom_site.auth_seq_id 
_atom_site.auth_comp_id 
_atom_site.auth_asym_id 
_atom_site.auth_atom_id 
_atom_site.pdbx_PDB_model_num 
ATOM 1    N N   . GLY A 1 39  ? -12.417 18.139  2.304   1.00 112.51 ? 21  GLY A N   1 
ATOM 2    C CA  . GLY A 1 39  ? -11.320 17.322  1.799   1.00 108.88 ? 21  GLY A CA  1 
ATOM 3    C C   . GLY A 1 39  ? -10.835 16.278  2.789   1.00 103.39 ? 21  GLY A C   1 
ATOM 4    O O   . GLY A 1 39  ? -10.774 16.541  3.993   1.00 100.99 ? 21  GLY A O   1 
ATOM 5    N N   . LYS A 1 40  ? -10.475 15.097  2.282   1.00 103.24 ? 22  LYS A N   1 
ATOM 6    C CA  . LYS A 1 40  ? -10.193 13.926  3.106   1.00 97.92  ? 22  LYS A CA  1 
ATOM 7    C C   . LYS A 1 40  ? -8.715  13.580  3.162   1.00 100.63 ? 22  LYS A C   1 
ATOM 8    O O   . LYS A 1 40  ? -8.168  13.347  4.249   1.00 97.31  ? 22  LYS A O   1 
ATOM 9    C CB  . LYS A 1 40  ? -10.985 12.721  2.580   1.00 98.52  ? 22  LYS A CB  1 
ATOM 10   N N   . ASP A 1 41  ? -8.053  13.511  2.009   1.00 101.70 ? 23  ASP A N   1 
ATOM 11   C CA  . ASP A 1 41  ? -6.596  13.446  1.996   1.00 100.01 ? 23  ASP A CA  1 
ATOM 12   C C   . ASP A 1 41  ? -5.966  14.824  2.128   1.00 93.38  ? 23  ASP A C   1 
ATOM 13   O O   . ASP A 1 41  ? -4.780  14.911  2.468   1.00 91.23  ? 23  ASP A O   1 
ATOM 14   C CB  . ASP A 1 41  ? -6.116  12.777  0.713   1.00 99.48  ? 23  ASP A CB  1 
ATOM 15   C CG  . ASP A 1 41  ? -6.852  13.286  -0.494  1.00 98.16  ? 23  ASP A CG  1 
ATOM 16   O OD1 . ASP A 1 41  ? -7.573  14.310  -0.352  1.00 97.83  ? 23  ASP A OD1 1 
ATOM 17   O OD2 . ASP A 1 41  ? -6.718  12.659  -1.568  1.00 97.20  ? 23  ASP A OD2 1 
ATOM 18   N N   . ALA A 1 42  ? -6.735  15.888  1.845   1.00 90.77  ? 24  ALA A N   1 
ATOM 19   C CA  . ALA A 1 42  ? -6.298  17.249  2.148   1.00 82.84  ? 24  ALA A CA  1 
ATOM 20   C C   . ALA A 1 42  ? -5.975  17.401  3.627   1.00 88.99  ? 24  ALA A C   1 
ATOM 21   O O   . ALA A 1 42  ? -4.922  17.937  3.993   1.00 92.73  ? 24  ALA A O   1 
ATOM 22   C CB  . ALA A 1 42  ? -7.371  18.258  1.740   1.00 84.48  ? 24  ALA A CB  1 
ATOM 23   N N   . GLN A 1 43  ? -6.866  16.931  4.499   1.00 89.61  ? 25  GLN A N   1 
ATOM 24   C CA  . GLN A 1 43  ? -6.561  16.988  5.920   1.00 87.35  ? 25  GLN A CA  1 
ATOM 25   C C   . GLN A 1 43  ? -5.390  16.089  6.295   1.00 81.81  ? 25  GLN A C   1 
ATOM 26   O O   . GLN A 1 43  ? -4.830  16.262  7.380   1.00 88.06  ? 25  GLN A O   1 
ATOM 27   C CB  . GLN A 1 43  ? -7.803  16.650  6.760   1.00 90.26  ? 25  GLN A CB  1 
ATOM 28   C CG  . GLN A 1 43  ? -8.707  17.871  7.018   1.00 98.72  ? 25  GLN A CG  1 
ATOM 29   C CD  . GLN A 1 43  ? -10.157 17.500  7.298   1.00 113.44 ? 25  GLN A CD  1 
ATOM 30   O OE1 . GLN A 1 43  ? -11.084 18.144  6.795   1.00 112.77 ? 25  GLN A OE1 1 
ATOM 31   N NE2 . GLN A 1 43  ? -10.360 16.463  8.111   1.00 114.68 ? 25  GLN A NE2 1 
ATOM 32   N N   . ALA A 1 44  ? -4.982  15.158  5.430   1.00 78.78  ? 26  ALA A N   1 
ATOM 33   C CA  . ALA A 1 44  ? -3.783  14.378  5.736   1.00 80.96  ? 26  ALA A CA  1 
ATOM 34   C C   . ALA A 1 44  ? -2.523  15.139  5.347   1.00 84.28  ? 26  ALA A C   1 
ATOM 35   O O   . ALA A 1 44  ? -1.519  15.114  6.078   1.00 72.61  ? 26  ALA A O   1 
ATOM 36   C CB  . ALA A 1 44  ? -3.825  13.030  5.024   1.00 74.04  ? 26  ALA A CB  1 
ATOM 37   N N   . ILE A 1 45  ? -2.575  15.814  4.194   1.00 84.99  ? 27  ILE A N   1 
ATOM 38   C CA  . ILE A 1 45  ? -1.489  16.683  3.752   1.00 81.57  ? 27  ILE A CA  1 
ATOM 39   C C   . ILE A 1 45  ? -1.334  17.851  4.714   1.00 79.10  ? 27  ILE A C   1 
ATOM 40   O O   . ILE A 1 45  ? -0.263  18.060  5.294   1.00 78.67  ? 27  ILE A O   1 
ATOM 41   C CB  . ILE A 1 45  ? -1.747  17.157  2.310   1.00 82.86  ? 27  ILE A CB  1 
ATOM 42   C CG1 . ILE A 1 45  ? -1.571  15.986  1.336   1.00 76.18  ? 27  ILE A CG1 1 
ATOM 43   C CG2 . ILE A 1 45  ? -0.835  18.323  1.930   1.00 73.21  ? 27  ILE A CG2 1 
ATOM 44   C CD1 . ILE A 1 45  ? -2.360  16.126  0.060   1.00 69.55  ? 27  ILE A CD1 1 
ATOM 45   N N   . HIS A 1 46  ? -2.422  18.599  4.925   1.00 78.77  ? 28  HIS A N   1 
ATOM 46   C CA  . HIS A 1 46  ? -2.404  19.752  5.823   1.00 76.51  ? 28  HIS A CA  1 
ATOM 47   C C   . HIS A 1 46  ? -1.873  19.404  7.198   1.00 77.86  ? 28  HIS A C   1 
ATOM 48   O O   . HIS A 1 46  ? -1.246  20.242  7.844   1.00 83.57  ? 28  HIS A O   1 
ATOM 49   C CB  . HIS A 1 46  ? -3.809  20.328  5.950   1.00 81.21  ? 28  HIS A CB  1 
ATOM 50   C CG  . HIS A 1 46  ? -3.865  21.707  6.528   1.00 78.73  ? 28  HIS A CG  1 
ATOM 51   N ND1 . HIS A 1 46  ? -3.777  21.952  7.883   1.00 78.40  ? 28  HIS A ND1 1 
ATOM 52   C CD2 . HIS A 1 46  ? -4.054  22.913  5.936   1.00 75.08  ? 28  HIS A CD2 1 
ATOM 53   C CE1 . HIS A 1 46  ? -3.896  23.251  8.100   1.00 79.11  ? 28  HIS A CE1 1 
ATOM 54   N NE2 . HIS A 1 46  ? -4.064  23.858  6.935   1.00 77.05  ? 28  HIS A NE2 1 
ATOM 55   N N   . ASN A 1 47  ? -2.117  18.185  7.673   1.00 80.84  ? 29  ASN A N   1 
ATOM 56   C CA  . ASN A 1 47  ? -1.561  17.786  8.963   1.00 84.78  ? 29  ASN A CA  1 
ATOM 57   C C   . ASN A 1 47  ? -0.061  17.602  8.866   1.00 82.44  ? 29  ASN A C   1 
ATOM 58   O O   . ASN A 1 47  ? 0.688   18.069  9.728   1.00 92.23  ? 29  ASN A O   1 
ATOM 59   C CB  . ASN A 1 47  ? -2.208  16.492  9.467   1.00 85.55  ? 29  ASN A CB  1 
ATOM 60   C CG  . ASN A 1 47  ? -3.586  16.712  10.043  1.00 85.54  ? 29  ASN A CG  1 
ATOM 61   O OD1 . ASN A 1 47  ? -3.992  17.850  10.299  1.00 80.67  ? 29  ASN A OD1 1 
ATOM 62   N ND2 . ASN A 1 47  ? -4.324  15.622  10.233  1.00 88.44  ? 29  ASN A ND2 1 
ATOM 63   N N   . TRP A 1 48  ? 0.392   16.904  7.829   1.00 81.81  ? 30  TRP A N   1 
ATOM 64   C CA  . TRP A 1 48  ? 1.807   16.586  7.713   1.00 79.51  ? 30  TRP A CA  1 
ATOM 65   C C   . TRP A 1 48  ? 2.627   17.835  7.416   1.00 81.72  ? 30  TRP A C   1 
ATOM 66   O O   . TRP A 1 48  ? 3.692   18.042  8.007   1.00 85.66  ? 30  TRP A O   1 
ATOM 67   C CB  . TRP A 1 48  ? 1.987   15.522  6.635   1.00 74.83  ? 30  TRP A CB  1 
ATOM 68   C CG  . TRP A 1 48  ? 3.368   15.380  6.121   1.00 76.85  ? 30  TRP A CG  1 
ATOM 69   C CD1 . TRP A 1 48  ? 4.438   14.863  6.784   1.00 78.13  ? 30  TRP A CD1 1 
ATOM 70   C CD2 . TRP A 1 48  ? 3.832   15.724  4.812   1.00 73.19  ? 30  TRP A CD2 1 
ATOM 71   N NE1 . TRP A 1 48  ? 5.545   14.872  5.973   1.00 80.33  ? 30  TRP A NE1 1 
ATOM 72   C CE2 . TRP A 1 48  ? 5.200   15.397  4.755   1.00 71.77  ? 30  TRP A CE2 1 
ATOM 73   C CE3 . TRP A 1 48  ? 3.226   16.283  3.686   1.00 64.48  ? 30  TRP A CE3 1 
ATOM 74   C CZ2 . TRP A 1 48  ? 5.972   15.613  3.622   1.00 65.29  ? 30  TRP A CZ2 1 
ATOM 75   C CZ3 . TRP A 1 48  ? 3.997   16.496  2.565   1.00 62.98  ? 30  TRP A CZ3 1 
ATOM 76   C CH2 . TRP A 1 48  ? 5.357   16.163  2.541   1.00 57.43  ? 30  TRP A CH2 1 
ATOM 77   N N   . LEU A 1 49  ? 2.131   18.697  6.523   1.00 78.76  ? 31  LEU A N   1 
ATOM 78   C CA  . LEU A 1 49  ? 2.808   19.959  6.235   1.00 78.30  ? 31  LEU A CA  1 
ATOM 79   C C   . LEU A 1 49  ? 2.846   20.872  7.456   1.00 80.61  ? 31  LEU A C   1 
ATOM 80   O O   . LEU A 1 49  ? 3.766   21.689  7.586   1.00 78.55  ? 31  LEU A O   1 
ATOM 81   C CB  . LEU A 1 49  ? 2.127   20.685  5.070   1.00 66.25  ? 31  LEU A CB  1 
ATOM 82   C CG  . LEU A 1 49  ? 2.247   20.142  3.649   1.00 64.47  ? 31  LEU A CG  1 
ATOM 83   C CD1 . LEU A 1 49  ? 1.562   21.084  2.677   1.00 68.12  ? 31  LEU A CD1 1 
ATOM 84   C CD2 . LEU A 1 49  ? 3.696   19.918  3.287   1.00 57.84  ? 31  LEU A CD2 1 
ATOM 85   N N   . SER A 1 50  ? 1.860   20.754  8.353   1.00 82.75  ? 32  SER A N   1 
ATOM 86   C CA  . SER A 1 50  ? 1.831   21.594  9.546   1.00 78.04  ? 32  SER A CA  1 
ATOM 87   C C   . SER A 1 50  ? 2.948   21.244  10.518  1.00 77.09  ? 32  SER A C   1 
ATOM 88   O O   . SER A 1 50  ? 3.484   22.144  11.170  1.00 77.17  ? 32  SER A O   1 
ATOM 89   C CB  . SER A 1 50  ? 0.476   21.492  10.234  1.00 78.91  ? 32  SER A CB  1 
ATOM 90   O OG  . SER A 1 50  ? -0.499  22.254  9.535   1.00 80.20  ? 32  SER A OG  1 
ATOM 91   N N   . GLU A 1 51  ? 3.343   19.969  10.600  1.00 79.06  ? 33  GLU A N   1 
ATOM 92   C CA  . GLU A 1 51  ? 4.453   19.549  11.461  1.00 81.79  ? 33  GLU A CA  1 
ATOM 93   C C   . GLU A 1 51  ? 5.778   20.245  11.141  1.00 83.30  ? 33  GLU A C   1 
ATOM 94   O O   . GLU A 1 51  ? 6.800   19.937  11.769  1.00 97.35  ? 33  GLU A O   1 
ATOM 95   C CB  . GLU A 1 51  ? 4.702   18.037  11.376  1.00 88.71  ? 33  GLU A CB  1 
ATOM 96   C CG  . GLU A 1 51  ? 3.530   17.113  11.633  1.00 91.57  ? 33  GLU A CG  1 
ATOM 97   C CD  . GLU A 1 51  ? 3.753   15.736  10.993  1.00 100.97 ? 33  GLU A CD  1 
ATOM 98   O OE1 . GLU A 1 51  ? 4.928   15.305  10.875  1.00 103.59 ? 33  GLU A OE1 1 
ATOM 99   O OE2 . GLU A 1 51  ? 2.757   15.096  10.579  1.00 102.62 ? 33  GLU A OE2 1 
ATOM 100  N N   . PHE A 1 52  ? 5.801   21.139  10.136  1.00 80.88  ? 34  PHE A N   1 
ATOM 101  C CA  . PHE A 1 52  ? 6.958   22.002  9.909   1.00 72.46  ? 34  PHE A CA  1 
ATOM 102  C C   . PHE A 1 52  ? 6.538   23.315  9.287   1.00 67.22  ? 34  PHE A C   1 
ATOM 103  O O   . PHE A 1 52  ? 7.335   23.958  8.597   1.00 62.84  ? 34  PHE A O   1 
ATOM 104  C CB  . PHE A 1 52  ? 8.043   21.334  9.045   1.00 68.61  ? 34  PHE A CB  1 
ATOM 105  C CG  . PHE A 1 52  ? 7.517   20.546  7.890   1.00 78.94  ? 34  PHE A CG  1 
ATOM 106  C CD1 . PHE A 1 52  ? 7.520   21.084  6.608   1.00 76.44  ? 34  PHE A CD1 1 
ATOM 107  C CD2 . PHE A 1 52  ? 7.037   19.257  8.071   1.00 78.75  ? 34  PHE A CD2 1 
ATOM 108  C CE1 . PHE A 1 52  ? 7.046   20.359  5.539   1.00 71.20  ? 34  PHE A CE1 1 
ATOM 109  C CE2 . PHE A 1 52  ? 6.556   18.526  7.002   1.00 80.76  ? 34  PHE A CE2 1 
ATOM 110  C CZ  . PHE A 1 52  ? 6.559   19.078  5.736   1.00 75.61  ? 34  PHE A CZ  1 
ATOM 111  N N   . GLN A 1 53  ? 5.289   23.715  9.512   1.00 73.19  ? 35  GLN A N   1 
ATOM 112  C CA  . GLN A 1 53  ? 4.790   25.066  9.271   1.00 77.55  ? 35  GLN A CA  1 
ATOM 113  C C   . GLN A 1 53  ? 4.773   25.439  7.794   1.00 72.90  ? 35  GLN A C   1 
ATOM 114  O O   . GLN A 1 53  ? 4.711   26.623  7.451   1.00 82.88  ? 35  GLN A O   1 
ATOM 115  C CB  . GLN A 1 53  ? 5.594   26.102  10.084  1.00 79.49  ? 35  GLN A CB  1 
ATOM 116  C CG  . GLN A 1 53  ? 5.830   25.717  11.573  1.00 79.96  ? 35  GLN A CG  1 
ATOM 117  C CD  . GLN A 1 53  ? 5.085   26.621  12.554  1.00 96.81  ? 35  GLN A CD  1 
ATOM 118  O OE1 . GLN A 1 53  ? 4.894   27.818  12.302  1.00 101.53 ? 35  GLN A OE1 1 
ATOM 119  N NE2 . GLN A 1 53  ? 4.642   26.042  13.672  1.00 99.36  ? 35  GLN A NE2 1 
ATOM 120  N N   . LEU A 1 54  ? 4.794   24.451  6.903   1.00 72.27  ? 36  LEU A N   1 
ATOM 121  C CA  . LEU A 1 54  ? 4.702   24.662  5.466   1.00 69.07  ? 36  LEU A CA  1 
ATOM 122  C C   . LEU A 1 54  ? 3.319   24.320  4.906   1.00 67.16  ? 36  LEU A C   1 
ATOM 123  O O   . LEU A 1 54  ? 3.164   24.167  3.691   1.00 65.55  ? 36  LEU A O   1 
ATOM 124  C CB  . LEU A 1 54  ? 5.795   23.857  4.763   1.00 65.82  ? 36  LEU A CB  1 
ATOM 125  C CG  . LEU A 1 54  ? 7.169   24.447  5.083   1.00 63.54  ? 36  LEU A CG  1 
ATOM 126  C CD1 . LEU A 1 54  ? 8.296   23.868  4.225   1.00 50.35  ? 36  LEU A CD1 1 
ATOM 127  C CD2 . LEU A 1 54  ? 7.094   25.982  4.953   1.00 63.69  ? 36  LEU A CD2 1 
ATOM 128  N N   . GLU A 1 55  ? 2.304   24.244  5.766   1.00 71.87  ? 37  GLU A N   1 
ATOM 129  C CA  . GLU A 1 55  ? 0.981   23.787  5.357   1.00 69.74  ? 37  GLU A CA  1 
ATOM 130  C C   . GLU A 1 55  ? 0.281   24.731  4.394   1.00 62.44  ? 37  GLU A C   1 
ATOM 131  O O   . GLU A 1 55  ? -0.754  24.357  3.847   1.00 72.02  ? 37  GLU A O   1 
ATOM 132  C CB  . GLU A 1 55  ? 0.094   23.562  6.583   1.00 73.88  ? 37  GLU A CB  1 
ATOM 133  C CG  . GLU A 1 55  ? -0.425  24.842  7.240   1.00 78.11  ? 37  GLU A CG  1 
ATOM 134  C CD  . GLU A 1 55  ? 0.571   25.463  8.216   1.00 81.65  ? 37  GLU A CD  1 
ATOM 135  O OE1 . GLU A 1 55  ? 1.515   24.758  8.652   1.00 76.90  ? 37  GLU A OE1 1 
ATOM 136  O OE2 . GLU A 1 55  ? 0.398   26.658  8.546   1.00 83.82  ? 37  GLU A OE2 1 
ATOM 137  N N   . GLY A 1 56  ? 0.786   25.928  4.173   1.00 57.97  ? 38  GLY A N   1 
ATOM 138  C CA  . GLY A 1 56  ? 0.183   26.702  3.118   1.00 44.81  ? 38  GLY A CA  1 
ATOM 139  C C   . GLY A 1 56  ? 0.469   26.190  1.728   1.00 59.02  ? 38  GLY A C   1 
ATOM 140  O O   . GLY A 1 56  ? 0.062   26.825  0.755   1.00 59.92  ? 38  GLY A O   1 
ATOM 141  N N   . TYR A 1 57  ? 1.193   25.081  1.601   1.00 60.59  ? 39  TYR A N   1 
ATOM 142  C CA  . TYR A 1 57  ? 1.389   24.412  0.328   1.00 60.34  ? 39  TYR A CA  1 
ATOM 143  C C   . TYR A 1 57  ? 0.360   23.318  0.078   1.00 66.46  ? 39  TYR A C   1 
ATOM 144  O O   . TYR A 1 57  ? 0.459   22.608  -0.933  1.00 62.21  ? 39  TYR A O   1 
ATOM 145  C CB  . TYR A 1 57  ? 2.785   23.796  0.251   1.00 57.02  ? 39  TYR A CB  1 
ATOM 146  C CG  . TYR A 1 57  ? 3.873   24.773  -0.070  1.00 60.37  ? 39  TYR A CG  1 
ATOM 147  C CD1 . TYR A 1 57  ? 4.059   25.232  -1.363  1.00 59.29  ? 39  TYR A CD1 1 
ATOM 148  C CD2 . TYR A 1 57  ? 4.733   25.227  0.917   1.00 58.48  ? 39  TYR A CD2 1 
ATOM 149  C CE1 . TYR A 1 57  ? 5.061   26.125  -1.663  1.00 56.68  ? 39  TYR A CE1 1 
ATOM 150  C CE2 . TYR A 1 57  ? 5.739   26.108  0.624   1.00 59.01  ? 39  TYR A CE2 1 
ATOM 151  C CZ  . TYR A 1 57  ? 5.904   26.562  -0.666  1.00 59.94  ? 39  TYR A CZ  1 
ATOM 152  O OH  . TYR A 1 57  ? 6.930   27.446  -0.946  1.00 64.39  ? 39  TYR A OH  1 
ATOM 153  N N   . THR A 1 58  ? -0.615  23.161  0.975   1.00 62.02  ? 40  THR A N   1 
ATOM 154  C CA  . THR A 1 58  ? -1.543  22.047  0.859   1.00 63.75  ? 40  THR A CA  1 
ATOM 155  C C   . THR A 1 58  ? -2.214  22.022  -0.508  1.00 60.62  ? 40  THR A C   1 
ATOM 156  O O   . THR A 1 58  ? -2.204  20.995  -1.198  1.00 63.68  ? 40  THR A O   1 
ATOM 157  C CB  . THR A 1 58  ? -2.574  22.121  1.968   1.00 67.30  ? 40  THR A CB  1 
ATOM 158  O OG1 . THR A 1 58  ? -1.917  21.849  3.201   1.00 68.22  ? 40  THR A OG1 1 
ATOM 159  C CG2 . THR A 1 58  ? -3.644  21.080  1.744   1.00 73.22  ? 40  THR A CG2 1 
ATOM 160  N N   . ALA A 1 59  ? -2.746  23.161  -0.937  1.00 58.59  ? 41  ALA A N   1 
ATOM 161  C CA  . ALA A 1 59  ? -3.392  23.252  -2.243  1.00 52.48  ? 41  ALA A CA  1 
ATOM 162  C C   . ALA A 1 59  ? -2.451  22.935  -3.397  1.00 60.71  ? 41  ALA A C   1 
ATOM 163  O O   . ALA A 1 59  ? -2.914  22.535  -4.469  1.00 63.92  ? 41  ALA A O   1 
ATOM 164  C CB  . ALA A 1 59  ? -3.981  24.643  -2.442  1.00 42.57  ? 41  ALA A CB  1 
ATOM 165  N N   . HIS A 1 60  ? -1.144  23.137  -3.241  1.00 60.41  ? 42  HIS A N   1 
ATOM 166  C CA  . HIS A 1 60  ? -0.267  22.750  -4.339  1.00 61.33  ? 42  HIS A CA  1 
ATOM 167  C C   . HIS A 1 60  ? -0.387  21.254  -4.618  1.00 66.21  ? 42  HIS A C   1 
ATOM 168  O O   . HIS A 1 60  ? -0.468  20.828  -5.784  1.00 59.46  ? 42  HIS A O   1 
ATOM 169  C CB  . HIS A 1 60  ? 1.183   23.123  -4.039  1.00 57.52  ? 42  HIS A CB  1 
ATOM 170  C CG  . HIS A 1 60  ? 1.483   24.569  -4.235  1.00 59.15  ? 42  HIS A CG  1 
ATOM 171  N ND1 . HIS A 1 60  ? 0.951   25.552  -3.428  1.00 58.20  ? 42  HIS A ND1 1 
ATOM 172  C CD2 . HIS A 1 60  ? 2.263   25.203  -5.143  1.00 61.27  ? 42  HIS A CD2 1 
ATOM 173  C CE1 . HIS A 1 60  ? 1.382   26.731  -3.838  1.00 52.63  ? 42  HIS A CE1 1 
ATOM 174  N NE2 . HIS A 1 60  ? 2.178   26.549  -4.877  1.00 60.57  ? 42  HIS A NE2 1 
ATOM 175  N N   . PHE A 1 61  ? -0.408  20.442  -3.558  1.00 56.67  ? 43  PHE A N   1 
ATOM 176  C CA  . PHE A 1 61  ? -0.495  19.008  -3.768  1.00 61.30  ? 43  PHE A CA  1 
ATOM 177  C C   . PHE A 1 61  ? -1.897  18.610  -4.236  1.00 68.86  ? 43  PHE A C   1 
ATOM 178  O O   . PHE A 1 61  ? -2.036  17.696  -5.062  1.00 69.28  ? 43  PHE A O   1 
ATOM 179  C CB  . PHE A 1 61  ? -0.081  18.266  -2.493  1.00 59.45  ? 43  PHE A CB  1 
ATOM 180  C CG  . PHE A 1 61  ? 1.365   18.505  -2.083  1.00 61.86  ? 43  PHE A CG  1 
ATOM 181  C CD1 . PHE A 1 61  ? 2.402   17.797  -2.675  1.00 60.88  ? 43  PHE A CD1 1 
ATOM 182  C CD2 . PHE A 1 61  ? 1.683   19.447  -1.106  1.00 59.48  ? 43  PHE A CD2 1 
ATOM 183  C CE1 . PHE A 1 61  ? 3.727   18.028  -2.293  1.00 61.11  ? 43  PHE A CE1 1 
ATOM 184  C CE2 . PHE A 1 61  ? 2.989   19.685  -0.738  1.00 50.08  ? 43  PHE A CE2 1 
ATOM 185  C CZ  . PHE A 1 61  ? 4.012   18.974  -1.321  1.00 53.64  ? 43  PHE A CZ  1 
ATOM 186  N N   . LEU A 1 62  ? -2.939  19.313  -3.773  1.00 61.44  ? 44  LEU A N   1 
ATOM 187  C CA  . LEU A 1 62  ? -4.302  18.984  -4.181  1.00 57.13  ? 44  LEU A CA  1 
ATOM 188  C C   . LEU A 1 62  ? -4.507  19.221  -5.670  1.00 68.68  ? 44  LEU A C   1 
ATOM 189  O O   . LEU A 1 62  ? -4.839  18.290  -6.414  1.00 70.74  ? 44  LEU A O   1 
ATOM 190  C CB  . LEU A 1 62  ? -5.306  19.794  -3.377  1.00 50.36  ? 44  LEU A CB  1 
ATOM 191  C CG  . LEU A 1 62  ? -5.325  19.421  -1.901  1.00 60.80  ? 44  LEU A CG  1 
ATOM 192  C CD1 . LEU A 1 62  ? -6.567  19.986  -1.257  1.00 62.81  ? 44  LEU A CD1 1 
ATOM 193  C CD2 . LEU A 1 62  ? -5.155  17.902  -1.636  1.00 58.20  ? 44  LEU A CD2 1 
ATOM 194  N N   . GLN A 1 63  ? -4.304  20.468  -6.124  1.00 60.31  ? 45  GLN A N   1 
ATOM 195  C CA  . GLN A 1 63  ? -4.453  20.788  -7.537  1.00 59.63  ? 45  GLN A CA  1 
ATOM 196  C C   . GLN A 1 63  ? -3.673  19.841  -8.434  1.00 68.22  ? 45  GLN A C   1 
ATOM 197  O O   . GLN A 1 63  ? -4.086  19.597  -9.572  1.00 73.12  ? 45  GLN A O   1 
ATOM 198  C CB  . GLN A 1 63  ? -4.020  22.230  -7.829  1.00 73.32  ? 45  GLN A CB  1 
ATOM 199  C CG  . GLN A 1 63  ? -4.772  22.847  -9.048  1.00 85.50  ? 45  GLN A CG  1 
ATOM 200  C CD  . GLN A 1 63  ? -4.046  24.020  -9.718  1.00 103.52 ? 45  GLN A CD  1 
ATOM 201  O OE1 . GLN A 1 63  ? -3.021  24.509  -9.221  1.00 103.19 ? 45  GLN A OE1 1 
ATOM 202  N NE2 . GLN A 1 63  ? -4.580  24.474  -10.860 1.00 99.39  ? 45  GLN A NE2 1 
ATOM 203  N N   . ALA A 1 64  ? -2.549  19.295  -7.963  1.00 65.22  ? 46  ALA A N   1 
ATOM 204  C CA  . ALA A 1 64  ? -1.810  18.351  -8.791  1.00 63.93  ? 46  ALA A CA  1 
ATOM 205  C C   . ALA A 1 64  ? -2.317  16.912  -8.656  1.00 67.67  ? 46  ALA A C   1 
ATOM 206  O O   . ALA A 1 64  ? -1.787  16.017  -9.331  1.00 63.81  ? 46  ALA A O   1 
ATOM 207  C CB  . ALA A 1 64  ? -0.314  18.418  -8.479  1.00 55.82  ? 46  ALA A CB  1 
ATOM 208  N N   . GLY A 1 65  ? -3.342  16.667  -7.830  1.00 56.62  ? 47  GLY A N   1 
ATOM 209  C CA  . GLY A 1 65  ? -3.872  15.323  -7.682  1.00 59.90  ? 47  GLY A CA  1 
ATOM 210  C C   . GLY A 1 65  ? -3.153  14.434  -6.687  1.00 61.09  ? 47  GLY A C   1 
ATOM 211  O O   . GLY A 1 65  ? -3.587  13.298  -6.468  1.00 66.85  ? 47  GLY A O   1 
ATOM 212  N N   . TYR A 1 66  ? -2.096  14.922  -6.053  1.00 64.57  ? 48  TYR A N   1 
ATOM 213  C CA  . TYR A 1 66  ? -1.336  14.115  -5.114  1.00 63.11  ? 48  TYR A CA  1 
ATOM 214  C C   . TYR A 1 66  ? -2.141  13.792  -3.858  1.00 65.93  ? 48  TYR A C   1 
ATOM 215  O O   . TYR A 1 66  ? -3.072  14.508  -3.472  1.00 66.22  ? 48  TYR A O   1 
ATOM 216  C CB  . TYR A 1 66  ? -0.050  14.837  -4.727  1.00 60.00  ? 48  TYR A CB  1 
ATOM 217  C CG  . TYR A 1 66  ? 1.063   14.710  -5.737  1.00 57.69  ? 48  TYR A CG  1 
ATOM 218  C CD1 . TYR A 1 66  ? 1.912   13.630  -5.719  1.00 57.11  ? 48  TYR A CD1 1 
ATOM 219  C CD2 . TYR A 1 66  ? 1.266   15.678  -6.707  1.00 53.79  ? 48  TYR A CD2 1 
ATOM 220  C CE1 . TYR A 1 66  ? 2.932   13.512  -6.643  1.00 59.36  ? 48  TYR A CE1 1 
ATOM 221  C CE2 . TYR A 1 66  ? 2.292   15.564  -7.622  1.00 49.60  ? 48  TYR A CE2 1 
ATOM 222  C CZ  . TYR A 1 66  ? 3.111   14.477  -7.595  1.00 48.64  ? 48  TYR A CZ  1 
ATOM 223  O OH  . TYR A 1 66  ? 4.136   14.337  -8.514  1.00 58.60  ? 48  TYR A OH  1 
ATOM 224  N N   . ASP A 1 67  ? -1.778  12.675  -3.239  1.00 62.49  ? 49  ASP A N   1 
ATOM 225  C CA  . ASP A 1 67  ? -2.128  12.335  -1.873  1.00 64.58  ? 49  ASP A CA  1 
ATOM 226  C C   . ASP A 1 67  ? -0.845  11.916  -1.164  1.00 71.34  ? 49  ASP A C   1 
ATOM 227  O O   . ASP A 1 67  ? 0.214   11.765  -1.788  1.00 65.67  ? 49  ASP A O   1 
ATOM 228  C CB  . ASP A 1 67  ? -3.188  11.222  -1.821  1.00 68.94  ? 49  ASP A CB  1 
ATOM 229  C CG  . ASP A 1 67  ? -2.780  9.953   -2.612  1.00 75.27  ? 49  ASP A CG  1 
ATOM 230  O OD1 . ASP A 1 67  ? -1.574  9.672   -2.848  1.00 70.71  ? 49  ASP A OD1 1 
ATOM 231  O OD2 . ASP A 1 67  ? -3.709  9.233   -3.035  1.00 81.83  ? 49  ASP A OD2 1 
ATOM 232  N N   . VAL A 1 68  ? -0.953  11.683  0.143   1.00 67.54  ? 50  VAL A N   1 
ATOM 233  C CA  . VAL A 1 68  ? 0.242   11.444  0.960   1.00 67.62  ? 50  VAL A CA  1 
ATOM 234  C C   . VAL A 1 68  ? 1.134   10.321  0.411   1.00 74.05  ? 50  VAL A C   1 
ATOM 235  O O   . VAL A 1 68  ? 2.336   10.552  0.227   1.00 72.11  ? 50  VAL A O   1 
ATOM 236  C CB  . VAL A 1 68  ? -0.142  11.233  2.418   1.00 64.51  ? 50  VAL A CB  1 
ATOM 237  C CG1 . VAL A 1 68  ? 1.104   11.128  3.244   1.00 68.34  ? 50  VAL A CG1 1 
ATOM 238  C CG2 . VAL A 1 68  ? -1.001  12.378  2.920   1.00 73.22  ? 50  VAL A CG2 1 
ATOM 239  N N   . PRO A 1 69  ? 0.623   9.108   0.144   1.00 74.95  ? 51  PRO A N   1 
ATOM 240  C CA  . PRO A 1 69  ? 1.532   8.044   -0.316  1.00 72.32  ? 51  PRO A CA  1 
ATOM 241  C C   . PRO A 1 69  ? 2.212   8.367   -1.636  1.00 69.92  ? 51  PRO A C   1 
ATOM 242  O O   . PRO A 1 69  ? 3.355   7.946   -1.871  1.00 68.85  ? 51  PRO A O   1 
ATOM 243  C CB  . PRO A 1 69  ? 0.607   6.824   -0.431  1.00 77.13  ? 51  PRO A CB  1 
ATOM 244  C CG  . PRO A 1 69  ? -0.626  7.179   0.352   1.00 72.54  ? 51  PRO A CG  1 
ATOM 245  C CD  . PRO A 1 69  ? -0.777  8.643   0.174   1.00 72.36  ? 51  PRO A CD  1 
ATOM 246  N N   . THR A 1 70  ? 1.539   9.116   -2.509  1.00 70.30  ? 52  THR A N   1 
ATOM 247  C CA  . THR A 1 70  ? 2.178   9.512   -3.755  1.00 66.60  ? 52  THR A CA  1 
ATOM 248  C C   . THR A 1 70  ? 3.235   10.572  -3.497  1.00 66.03  ? 52  THR A C   1 
ATOM 249  O O   . THR A 1 70  ? 4.294   10.577  -4.135  1.00 70.08  ? 52  THR A O   1 
ATOM 250  C CB  . THR A 1 70  ? 1.128   10.018  -4.737  1.00 63.44  ? 52  THR A CB  1 
ATOM 251  O OG1 . THR A 1 70  ? -0.066  9.233   -4.602  1.00 63.97  ? 52  THR A OG1 1 
ATOM 252  C CG2 . THR A 1 70  ? 1.652   9.927   -6.148  1.00 49.05  ? 52  THR A CG2 1 
ATOM 253  N N   . ILE A 1 71  ? 2.959   11.476  -2.555  1.00 67.46  ? 53  ILE A N   1 
ATOM 254  C CA  . ILE A 1 71  ? 3.931   12.505  -2.217  1.00 65.07  ? 53  ILE A CA  1 
ATOM 255  C C   . ILE A 1 71  ? 5.219   11.851  -1.761  1.00 67.64  ? 53  ILE A C   1 
ATOM 256  O O   . ILE A 1 71  ? 6.312   12.208  -2.230  1.00 61.58  ? 53  ILE A O   1 
ATOM 257  C CB  . ILE A 1 71  ? 3.354   13.458  -1.154  1.00 60.99  ? 53  ILE A CB  1 
ATOM 258  C CG1 . ILE A 1 71  ? 2.299   14.371  -1.774  1.00 60.02  ? 53  ILE A CG1 1 
ATOM 259  C CG2 . ILE A 1 71  ? 4.441   14.276  -0.519  1.00 58.06  ? 53  ILE A CG2 1 
ATOM 260  C CD1 . ILE A 1 71  ? 1.478   15.113  -0.755  1.00 61.00  ? 53  ILE A CD1 1 
ATOM 261  N N   . SER A 1 72  ? 5.099   10.820  -0.907  1.00 63.50  ? 54  SER A N   1 
ATOM 262  C CA  . SER A 1 72  ? 6.256   10.114  -0.360  1.00 60.40  ? 54  SER A CA  1 
ATOM 263  C C   . SER A 1 72  ? 7.164   9.567   -1.430  1.00 61.24  ? 54  SER A C   1 
ATOM 264  O O   . SER A 1 72  ? 8.287   9.178   -1.121  1.00 67.26  ? 54  SER A O   1 
ATOM 265  C CB  . SER A 1 72  ? 5.823   8.963   0.539   1.00 66.72  ? 54  SER A CB  1 
ATOM 266  O OG  . SER A 1 72  ? 5.010   8.057   -0.170  1.00 74.97  ? 54  SER A OG  1 
ATOM 267  N N   . ARG A 1 73  ? 6.734   9.550   -2.679  1.00 67.34  ? 55  ARG A N   1 
ATOM 268  C CA  . ARG A 1 73  ? 7.589   9.083   -3.741  1.00 64.72  ? 55  ARG A CA  1 
ATOM 269  C C   . ARG A 1 73  ? 7.965   10.168  -4.727  1.00 65.09  ? 55  ARG A C   1 
ATOM 270  O O   . ARG A 1 73  ? 8.665   9.863   -5.696  1.00 70.37  ? 55  ARG A O   1 
ATOM 271  C CB  . ARG A 1 73  ? 6.921   7.909   -4.461  1.00 71.92  ? 55  ARG A CB  1 
ATOM 272  C CG  . ARG A 1 73  ? 7.276   6.579   -3.829  1.00 71.06  ? 55  ARG A CG  1 
ATOM 273  C CD  . ARG A 1 73  ? 6.385   5.462   -4.291  1.00 77.93  ? 55  ARG A CD  1 
ATOM 274  N NE  . ARG A 1 73  ? 5.035   5.566   -3.736  1.00 82.28  ? 55  ARG A NE  1 
ATOM 275  C CZ  . ARG A 1 73  ? 4.546   4.760   -2.795  1.00 88.19  ? 55  ARG A CZ  1 
ATOM 276  N NH1 . ARG A 1 73  ? 5.303   3.782   -2.289  1.00 86.32  ? 55  ARG A NH1 1 
ATOM 277  N NH2 . ARG A 1 73  ? 3.298   4.929   -2.361  1.00 81.98  ? 55  ARG A NH2 1 
ATOM 278  N N   . MET A 1 74  ? 7.560   11.422  -4.502  1.00 62.51  ? 56  MET A N   1 
ATOM 279  C CA  . MET A 1 74  ? 7.993   12.513  -5.373  1.00 58.00  ? 56  MET A CA  1 
ATOM 280  C C   . MET A 1 74  ? 9.515   12.703  -5.328  1.00 66.26  ? 56  MET A C   1 
ATOM 281  O O   . MET A 1 74  ? 10.224  12.226  -4.431  1.00 65.28  ? 56  MET A O   1 
ATOM 282  C CB  . MET A 1 74  ? 7.337   13.837  -4.977  1.00 60.95  ? 56  MET A CB  1 
ATOM 283  C CG  . MET A 1 74  ? 5.859   13.799  -4.814  1.00 60.89  ? 56  MET A CG  1 
ATOM 284  S SD  . MET A 1 74  ? 5.255   15.403  -4.352  1.00 49.63  ? 56  MET A SD  1 
ATOM 285  C CE  . MET A 1 74  ? 5.657   16.302  -5.846  1.00 49.59  ? 56  MET A CE  1 
ATOM 286  N N   . THR A 1 75  ? 10.010  13.446  -6.305  1.00 69.31  ? 57  THR A N   1 
ATOM 287  C CA  . THR A 1 75  ? 11.392  13.904  -6.314  1.00 65.41  ? 57  THR A CA  1 
ATOM 288  C C   . THR A 1 75  ? 11.415  15.428  -6.250  1.00 69.02  ? 57  THR A C   1 
ATOM 289  O O   . THR A 1 75  ? 10.356  16.070  -6.345  1.00 66.80  ? 57  THR A O   1 
ATOM 290  C CB  . THR A 1 75  ? 12.103  13.412  -7.567  1.00 60.14  ? 57  THR A CB  1 
ATOM 291  O OG1 . THR A 1 75  ? 11.402  13.901  -8.719  1.00 70.43  ? 57  THR A OG1 1 
ATOM 292  C CG2 . THR A 1 75  ? 12.099  11.923  -7.576  1.00 50.08  ? 57  THR A CG2 1 
ATOM 293  N N   . PRO A 1 76  ? 12.584  16.045  -6.058  1.00 72.81  ? 58  PRO A N   1 
ATOM 294  C CA  . PRO A 1 76  ? 12.645  17.512  -6.125  1.00 65.32  ? 58  PRO A CA  1 
ATOM 295  C C   . PRO A 1 76  ? 12.062  18.107  -7.396  1.00 69.23  ? 58  PRO A C   1 
ATOM 296  O O   . PRO A 1 76  ? 11.320  19.101  -7.324  1.00 65.83  ? 58  PRO A O   1 
ATOM 297  C CB  . PRO A 1 76  ? 14.146  17.767  -5.985  1.00 64.30  ? 58  PRO A CB  1 
ATOM 298  C CG  . PRO A 1 76  ? 14.631  16.485  -5.414  1.00 57.12  ? 58  PRO A CG  1 
ATOM 299  C CD  . PRO A 1 76  ? 13.631  15.443  -5.875  1.00 74.69  ? 58  PRO A CD  1 
ATOM 300  N N   . GLU A 1 77  ? 12.359  17.511  -8.558  1.00 75.09  ? 59  GLU A N   1 
ATOM 301  C CA  . GLU A 1 77  ? 11.820  18.013  -9.820  1.00 69.05  ? 59  GLU A CA  1 
ATOM 302  C C   . GLU A 1 77  ? 10.303  17.895  -9.854  1.00 63.71  ? 59  GLU A C   1 
ATOM 303  O O   . GLU A 1 77  ? 9.618   18.750  -10.425 1.00 67.23  ? 59  GLU A O   1 
ATOM 304  C CB  . GLU A 1 77  ? 12.446  17.257  -10.991 1.00 70.77  ? 59  GLU A CB  1 
ATOM 305  C CG  . GLU A 1 77  ? 13.966  17.396  -11.106 1.00 73.24  ? 59  GLU A CG  1 
ATOM 306  C CD  . GLU A 1 77  ? 14.740  16.581  -10.063 1.00 84.94  ? 59  GLU A CD  1 
ATOM 307  O OE1 . GLU A 1 77  ? 14.112  15.863  -9.240  1.00 78.27  ? 59  GLU A OE1 1 
ATOM 308  O OE2 . GLU A 1 77  ? 15.992  16.663  -10.068 1.00 94.64  ? 59  GLU A OE2 1 
ATOM 309  N N   . ASP A 1 78  ? 9.757   16.845  -9.248  1.00 60.38  ? 60  ASP A N   1 
ATOM 310  C CA  . ASP A 1 78  ? 8.307   16.748  -9.142  1.00 63.97  ? 60  ASP A CA  1 
ATOM 311  C C   . ASP A 1 78  ? 7.740   17.917  -8.342  1.00 64.95  ? 60  ASP A C   1 
ATOM 312  O O   . ASP A 1 78  ? 6.715   18.504  -8.717  1.00 62.50  ? 60  ASP A O   1 
ATOM 313  C CB  . ASP A 1 78  ? 7.910   15.412  -8.505  1.00 67.98  ? 60  ASP A CB  1 
ATOM 314  C CG  . ASP A 1 78  ? 8.218   14.214  -9.392  1.00 67.73  ? 60  ASP A CG  1 
ATOM 315  O OD1 . ASP A 1 78  ? 8.418   14.401  -10.612 1.00 71.74  ? 60  ASP A OD1 1 
ATOM 316  O OD2 . ASP A 1 78  ? 8.237   13.082  -8.867  1.00 66.39  ? 60  ASP A OD2 1 
ATOM 317  N N   . LEU A 1 79  ? 8.401   18.289  -7.240  1.00 64.08  ? 61  LEU A N   1 
ATOM 318  C CA  . LEU A 1 79  ? 7.915   19.429  -6.469  1.00 58.35  ? 61  LEU A CA  1 
ATOM 319  C C   . LEU A 1 79  ? 8.017   20.712  -7.272  1.00 56.51  ? 61  LEU A C   1 
ATOM 320  O O   . LEU A 1 79  ? 7.127   21.566  -7.201  1.00 57.68  ? 61  LEU A O   1 
ATOM 321  C CB  . LEU A 1 79  ? 8.682   19.570  -5.162  1.00 58.21  ? 61  LEU A CB  1 
ATOM 322  C CG  . LEU A 1 79  ? 8.546   18.463  -4.121  1.00 56.40  ? 61  LEU A CG  1 
ATOM 323  C CD1 . LEU A 1 79  ? 9.698   18.620  -3.129  1.00 47.40  ? 61  LEU A CD1 1 
ATOM 324  C CD2 . LEU A 1 79  ? 7.189   18.478  -3.418  1.00 44.04  ? 61  LEU A CD2 1 
ATOM 325  N N   . THR A 1 80  ? 9.104   20.879  -8.030  1.00 56.87  ? 62  THR A N   1 
ATOM 326  C CA  . THR A 1 80  ? 9.193   22.048  -8.894  1.00 57.15  ? 62  THR A CA  1 
ATOM 327  C C   . THR A 1 80  ? 8.030   22.067  -9.873  1.00 59.93  ? 62  THR A C   1 
ATOM 328  O O   . THR A 1 80  ? 7.353   23.091  -10.039 1.00 56.70  ? 62  THR A O   1 
ATOM 329  C CB  . THR A 1 80  ? 10.507  22.063  -9.661  1.00 59.69  ? 62  THR A CB  1 
ATOM 330  O OG1 . THR A 1 80  ? 11.619  21.937  -8.758  1.00 63.87  ? 62  THR A OG1 1 
ATOM 331  C CG2 . THR A 1 80  ? 10.596  23.365  -10.455 1.00 45.46  ? 62  THR A CG2 1 
ATOM 332  N N   . ALA A 1 81  ? 7.774   20.920  -10.508 1.00 59.53  ? 63  ALA A N   1 
ATOM 333  C CA  . ALA A 1 81  ? 6.736   20.812  -11.525 1.00 55.56  ? 63  ALA A CA  1 
ATOM 334  C C   . ALA A 1 81  ? 5.381   21.300  -11.016 1.00 54.92  ? 63  ALA A C   1 
ATOM 335  O O   . ALA A 1 81  ? 4.624   21.921  -11.761 1.00 55.69  ? 63  ALA A O   1 
ATOM 336  C CB  . ALA A 1 81  ? 6.639   19.361  -11.997 1.00 55.70  ? 63  ALA A CB  1 
ATOM 337  N N   . ILE A 1 82  ? 5.055   21.024  -9.751  1.00 55.78  ? 64  ILE A N   1 
ATOM 338  C CA  . ILE A 1 82  ? 3.746   21.378  -9.211  1.00 48.14  ? 64  ILE A CA  1 
ATOM 339  C C   . ILE A 1 82  ? 3.782   22.781  -8.615  1.00 55.09  ? 64  ILE A C   1 
ATOM 340  O O   . ILE A 1 82  ? 2.836   23.194  -7.928  1.00 50.87  ? 64  ILE A O   1 
ATOM 341  C CB  . ILE A 1 82  ? 3.276   20.367  -8.148  1.00 53.88  ? 64  ILE A CB  1 
ATOM 342  C CG1 . ILE A 1 82  ? 4.084   20.519  -6.865  1.00 49.46  ? 64  ILE A CG1 1 
ATOM 343  C CG2 . ILE A 1 82  ? 3.305   18.906  -8.686  1.00 55.01  ? 64  ILE A CG2 1 
ATOM 344  C CD1 . ILE A 1 82  ? 3.547   19.668  -5.715  1.00 56.77  ? 64  ILE A CD1 1 
ATOM 345  N N   . GLY A 1 83  ? 4.881   23.508  -8.848  1.00 51.26  ? 65  GLY A N   1 
ATOM 346  C CA  . GLY A 1 83  ? 4.992   24.886  -8.415  1.00 47.17  ? 65  GLY A CA  1 
ATOM 347  C C   . GLY A 1 83  ? 5.615   25.141  -7.056  1.00 57.19  ? 65  GLY A C   1 
ATOM 348  O O   . GLY A 1 83  ? 5.520   26.264  -6.560  1.00 54.49  ? 65  GLY A O   1 
ATOM 349  N N   . VAL A 1 84  ? 6.248   24.146  -6.424  1.00 58.49  ? 66  VAL A N   1 
ATOM 350  C CA  . VAL A 1 84  ? 7.048   24.440  -5.241  1.00 56.45  ? 66  VAL A CA  1 
ATOM 351  C C   . VAL A 1 84  ? 8.397   24.973  -5.704  1.00 53.98  ? 66  VAL A C   1 
ATOM 352  O O   . VAL A 1 84  ? 9.361   24.210  -5.815  1.00 54.98  ? 66  VAL A O   1 
ATOM 353  C CB  . VAL A 1 84  ? 7.223   23.205  -4.339  1.00 55.11  ? 66  VAL A CB  1 
ATOM 354  C CG1 . VAL A 1 84  ? 7.934   23.605  -3.075  1.00 53.92  ? 66  VAL A CG1 1 
ATOM 355  C CG2 . VAL A 1 84  ? 5.878   22.578  -3.993  1.00 47.98  ? 66  VAL A CG2 1 
ATOM 356  N N   . THR A 1 85  ? 8.489   26.283  -5.984  1.00 53.67  ? 67  THR A N   1 
ATOM 357  C CA  . THR A 1 85  ? 9.677   26.782  -6.684  1.00 56.24  ? 67  THR A CA  1 
ATOM 358  C C   . THR A 1 85  ? 10.681  27.474  -5.775  1.00 59.22  ? 67  THR A C   1 
ATOM 359  O O   . THR A 1 85  ? 11.867  27.527  -6.120  1.00 59.29  ? 67  THR A O   1 
ATOM 360  C CB  . THR A 1 85  ? 9.303   27.720  -7.844  1.00 56.20  ? 67  THR A CB  1 
ATOM 361  O OG1 . THR A 1 85  ? 8.267   28.647  -7.475  1.00 55.64  ? 67  THR A OG1 1 
ATOM 362  C CG2 . THR A 1 85  ? 8.812   26.910  -9.003  1.00 59.02  ? 67  THR A CG2 1 
ATOM 363  N N   . LYS A 1 86  ? 10.254  27.981  -4.632  1.00 58.20  ? 68  LYS A N   1 
ATOM 364  C CA  . LYS A 1 86  ? 11.181  28.593  -3.686  1.00 49.44  ? 68  LYS A CA  1 
ATOM 365  C C   . LYS A 1 86  ? 12.186  27.570  -3.162  1.00 56.31  ? 68  LYS A C   1 
ATOM 366  O O   . LYS A 1 86  ? 11.788  26.617  -2.468  1.00 55.61  ? 68  LYS A O   1 
ATOM 367  C CB  . LYS A 1 86  ? 10.395  29.197  -2.544  1.00 49.28  ? 68  LYS A CB  1 
ATOM 368  C CG  . LYS A 1 86  ? 9.432   30.294  -2.945  1.00 48.17  ? 68  LYS A CG  1 
ATOM 369  C CD  . LYS A 1 86  ? 8.624   30.716  -1.738  1.00 49.33  ? 68  LYS A CD  1 
ATOM 370  C CE  . LYS A 1 86  ? 7.971   32.039  -1.967  1.00 56.69  ? 68  LYS A CE  1 
ATOM 371  N NZ  . LYS A 1 86  ? 6.977   32.294  -0.888  1.00 65.20  ? 68  LYS A NZ  1 
ATOM 372  N N   . PRO A 1 87  ? 13.487  27.732  -3.435  1.00 60.81  ? 69  PRO A N   1 
ATOM 373  C CA  . PRO A 1 87  ? 14.468  26.703  -3.015  1.00 56.92  ? 69  PRO A CA  1 
ATOM 374  C C   . PRO A 1 87  ? 14.482  26.401  -1.526  1.00 58.82  ? 69  PRO A C   1 
ATOM 375  O O   . PRO A 1 87  ? 14.734  25.254  -1.132  1.00 63.20  ? 69  PRO A O   1 
ATOM 376  C CB  . PRO A 1 87  ? 15.801  27.296  -3.471  1.00 54.02  ? 69  PRO A CB  1 
ATOM 377  C CG  . PRO A 1 87  ? 15.436  28.161  -4.645  1.00 58.32  ? 69  PRO A CG  1 
ATOM 378  C CD  . PRO A 1 87  ? 14.093  28.760  -4.299  1.00 56.21  ? 69  PRO A CD  1 
ATOM 379  N N   . GLY A 1 88  ? 14.233  27.386  -0.672  1.00 57.34  ? 70  GLY A N   1 
ATOM 380  C CA  . GLY A 1 88  ? 14.226  27.106  0.755   1.00 53.96  ? 70  GLY A CA  1 
ATOM 381  C C   . GLY A 1 88  ? 13.136  26.130  1.157   1.00 59.21  ? 70  GLY A C   1 
ATOM 382  O O   . GLY A 1 88  ? 13.340  25.287  2.034   1.00 57.00  ? 70  GLY A O   1 
ATOM 383  N N   . HIS A 1 89  ? 11.961  26.227  0.513   1.00 63.30  ? 71  HIS A N   1 
ATOM 384  C CA  . HIS A 1 89  ? 10.850  25.345  0.853   1.00 58.46  ? 71  HIS A CA  1 
ATOM 385  C C   . HIS A 1 89  ? 10.951  24.006  0.148   1.00 55.12  ? 71  HIS A C   1 
ATOM 386  O O   . HIS A 1 89  ? 10.592  22.971  0.724   1.00 54.98  ? 71  HIS A O   1 
ATOM 387  C CB  . HIS A 1 89  ? 9.533   26.021  0.523   1.00 55.69  ? 71  HIS A CB  1 
ATOM 388  C CG  . HIS A 1 89  ? 9.278   27.236  1.346   1.00 59.36  ? 71  HIS A CG  1 
ATOM 389  N ND1 . HIS A 1 89  ? 8.481   28.277  0.922   1.00 59.94  ? 71  HIS A ND1 1 
ATOM 390  C CD2 . HIS A 1 89  ? 9.707   27.566  2.584   1.00 56.78  ? 71  HIS A CD2 1 
ATOM 391  C CE1 . HIS A 1 89  ? 8.430   29.194  1.870   1.00 65.22  ? 71  HIS A CE1 1 
ATOM 392  N NE2 . HIS A 1 89  ? 9.168   28.788  2.889   1.00 58.58  ? 71  HIS A NE2 1 
ATOM 393  N N   . ARG A 1 90  ? 11.458  23.986  -1.084  1.00 48.35  ? 72  ARG A N   1 
ATOM 394  C CA  . ARG A 1 90  ? 11.539  22.715  -1.794  1.00 47.92  ? 72  ARG A CA  1 
ATOM 395  C C   . ARG A 1 90  ? 12.587  21.804  -1.164  1.00 60.11  ? 72  ARG A C   1 
ATOM 396  O O   . ARG A 1 90  ? 12.363  20.587  -1.028  1.00 58.36  ? 72  ARG A O   1 
ATOM 397  C CB  . ARG A 1 90  ? 11.814  22.972  -3.275  1.00 46.20  ? 72  ARG A CB  1 
ATOM 398  C CG  . ARG A 1 90  ? 12.189  21.775  -4.053  1.00 44.87  ? 72  ARG A CG  1 
ATOM 399  C CD  . ARG A 1 90  ? 12.400  22.169  -5.493  1.00 55.51  ? 72  ARG A CD  1 
ATOM 400  N NE  . ARG A 1 90  ? 13.646  22.906  -5.588  1.00 60.18  ? 72  ARG A NE  1 
ATOM 401  C CZ  . ARG A 1 90  ? 13.855  23.891  -6.446  1.00 58.14  ? 72  ARG A CZ  1 
ATOM 402  N NH1 . ARG A 1 90  ? 12.909  24.213  -7.319  1.00 63.97  ? 72  ARG A NH1 1 
ATOM 403  N NH2 . ARG A 1 90  ? 15.002  24.542  -6.450  1.00 63.30  ? 72  ARG A NH2 1 
ATOM 404  N N   . LYS A 1 91  ? 13.724  22.399  -0.739  1.00 60.05  ? 73  LYS A N   1 
ATOM 405  C CA  . LYS A 1 91  ? 14.724  21.681  0.036   1.00 53.09  ? 73  LYS A CA  1 
ATOM 406  C C   . LYS A 1 91  ? 14.117  21.068  1.295   1.00 53.26  ? 73  LYS A C   1 
ATOM 407  O O   . LYS A 1 91  ? 14.412  19.919  1.658   1.00 52.55  ? 73  LYS A O   1 
ATOM 408  C CB  . LYS A 1 91  ? 15.840  22.649  0.395   1.00 60.98  ? 73  LYS A CB  1 
ATOM 409  C CG  . LYS A 1 91  ? 16.975  22.093  1.275   1.00 64.67  ? 73  LYS A CG  1 
ATOM 410  C CD  . LYS A 1 91  ? 18.124  23.101  1.591   1.00 74.32  ? 73  LYS A CD  1 
ATOM 411  C CE  . LYS A 1 91  ? 18.413  24.076  0.436   1.00 76.32  ? 73  LYS A CE  1 
ATOM 412  N NZ  . LYS A 1 91  ? 19.873  24.374  0.274   1.00 78.44  ? 73  LYS A NZ  1 
ATOM 413  N N   . LYS A 1 92  ? 13.272  21.826  1.985   1.00 54.88  ? 74  LYS A N   1 
ATOM 414  C CA  . LYS A 1 92  ? 12.750  21.326  3.252   1.00 60.07  ? 74  LYS A CA  1 
ATOM 415  C C   . LYS A 1 92  ? 11.675  20.272  3.036   1.00 61.38  ? 74  LYS A C   1 
ATOM 416  O O   . LYS A 1 92  ? 11.633  19.283  3.768   1.00 64.65  ? 74  LYS A O   1 
ATOM 417  C CB  . LYS A 1 92  ? 12.204  22.480  4.100   1.00 54.10  ? 74  LYS A CB  1 
ATOM 418  C CG  . LYS A 1 92  ? 11.516  22.067  5.402   1.00 56.79  ? 74  LYS A CG  1 
ATOM 419  C CD  . LYS A 1 92  ? 12.431  21.357  6.396   1.00 54.31  ? 74  LYS A CD  1 
ATOM 420  C CE  . LYS A 1 92  ? 11.680  21.069  7.704   1.00 62.19  ? 74  LYS A CE  1 
ATOM 421  N NZ  . LYS A 1 92  ? 12.492  20.351  8.759   1.00 73.55  ? 74  LYS A NZ  1 
ATOM 422  N N   . ILE A 1 93  ? 10.802  20.455  2.039   1.00 64.22  ? 75  ILE A N   1 
ATOM 423  C CA  . ILE A 1 93  ? 9.776   19.447  1.788   1.00 58.95  ? 75  ILE A CA  1 
ATOM 424  C C   . ILE A 1 93  ? 10.411  18.142  1.318   1.00 60.78  ? 75  ILE A C   1 
ATOM 425  O O   . ILE A 1 93  ? 10.042  17.062  1.793   1.00 61.46  ? 75  ILE A O   1 
ATOM 426  C CB  . ILE A 1 93  ? 8.728   19.968  0.794   1.00 61.36  ? 75  ILE A CB  1 
ATOM 427  C CG1 . ILE A 1 93  ? 7.999   21.192  1.379   1.00 56.36  ? 75  ILE A CG1 1 
ATOM 428  C CG2 . ILE A 1 93  ? 7.728   18.859  0.460   1.00 56.08  ? 75  ILE A CG2 1 
ATOM 429  C CD1 . ILE A 1 93  ? 7.128   21.920  0.362   1.00 50.56  ? 75  ILE A CD1 1 
ATOM 430  N N   . ALA A 1 94  ? 11.401  18.214  0.421   1.00 50.24  ? 76  ALA A N   1 
ATOM 431  C CA  . ALA A 1 94  ? 12.133  17.007  0.044   1.00 54.26  ? 76  ALA A CA  1 
ATOM 432  C C   . ALA A 1 94  ? 12.663  16.260  1.272   1.00 66.55  ? 76  ALA A C   1 
ATOM 433  O O   . ALA A 1 94  ? 12.344  15.083  1.487   1.00 69.90  ? 76  ALA A O   1 
ATOM 434  C CB  . ALA A 1 94  ? 13.271  17.345  -0.908  1.00 40.19  ? 76  ALA A CB  1 
ATOM 435  N N   . SER A 1 95  ? 13.469  16.943  2.091   1.00 65.13  ? 77  SER A N   1 
ATOM 436  C CA  . SER A 1 95  ? 13.991  16.340  3.316   1.00 67.29  ? 77  SER A CA  1 
ATOM 437  C C   . SER A 1 95  ? 12.883  15.697  4.139   1.00 66.55  ? 77  SER A C   1 
ATOM 438  O O   . SER A 1 95  ? 13.027  14.558  4.598   1.00 72.10  ? 77  SER A O   1 
ATOM 439  C CB  . SER A 1 95  ? 14.744  17.392  4.147   1.00 65.29  ? 77  SER A CB  1 
ATOM 440  O OG  . SER A 1 95  ? 15.871  17.923  3.444   1.00 68.39  ? 77  SER A OG  1 
ATOM 441  N N   . GLU A 1 96  ? 11.759  16.395  4.316   1.00 59.42  ? 78  GLU A N   1 
ATOM 442  C CA  . GLU A 1 96  ? 10.665  15.860  5.125   1.00 70.11  ? 78  GLU A CA  1 
ATOM 443  C C   . GLU A 1 96  ? 9.967   14.674  4.464   1.00 77.06  ? 78  GLU A C   1 
ATOM 444  O O   . GLU A 1 96  ? 9.193   13.971  5.130   1.00 74.62  ? 78  GLU A O   1 
ATOM 445  C CB  . GLU A 1 96  ? 9.634   16.955  5.422   1.00 72.52  ? 78  GLU A CB  1 
ATOM 446  C CG  . GLU A 1 96  ? 10.069  17.935  6.512   1.00 74.70  ? 78  GLU A CG  1 
ATOM 447  C CD  . GLU A 1 96  ? 10.199  17.271  7.871   1.00 80.38  ? 78  GLU A CD  1 
ATOM 448  O OE1 . GLU A 1 96  ? 9.392   16.357  8.158   1.00 76.18  ? 78  GLU A OE1 1 
ATOM 449  O OE2 . GLU A 1 96  ? 11.121  17.647  8.637   1.00 86.96  ? 78  GLU A OE2 1 
ATOM 450  N N   . ILE A 1 97  ? 10.207  14.459  3.167   1.00 75.63  ? 79  ILE A N   1 
ATOM 451  C CA  . ILE A 1 97  ? 9.570   13.363  2.448   1.00 76.01  ? 79  ILE A CA  1 
ATOM 452  C C   . ILE A 1 97  ? 10.346  12.079  2.651   1.00 76.34  ? 79  ILE A C   1 
ATOM 453  O O   . ILE A 1 97  ? 9.755   11.005  2.824   1.00 75.99  ? 79  ILE A O   1 
ATOM 454  C CB  . ILE A 1 97  ? 9.437   13.716  0.954   1.00 72.36  ? 79  ILE A CB  1 
ATOM 455  C CG1 . ILE A 1 97  ? 8.219   14.613  0.706   1.00 64.84  ? 79  ILE A CG1 1 
ATOM 456  C CG2 . ILE A 1 97  ? 9.359   12.454  0.096   1.00 62.59  ? 79  ILE A CG2 1 
ATOM 457  C CD1 . ILE A 1 97  ? 8.157   15.062  -0.734  1.00 58.65  ? 79  ILE A CD1 1 
ATOM 458  N N   . ALA A 1 98  ? 11.679  12.168  2.631   1.00 74.11  ? 80  ALA A N   1 
ATOM 459  C CA  . ALA A 1 98  ? 12.501  11.002  2.925   1.00 75.60  ? 80  ALA A CA  1 
ATOM 460  C C   . ALA A 1 98  ? 12.165  10.410  4.291   1.00 77.04  ? 80  ALA A C   1 
ATOM 461  O O   . ALA A 1 98  ? 12.232  9.191   4.473   1.00 86.20  ? 80  ALA A O   1 
ATOM 462  C CB  . ALA A 1 98  ? 13.970  11.378  2.837   1.00 65.74  ? 80  ALA A CB  1 
ATOM 463  N N   . GLN A 1 99  ? 11.772  11.248  5.246   1.00 83.01  ? 81  GLN A N   1 
ATOM 464  C CA  . GLN A 1 99  ? 11.321  10.809  6.564   1.00 87.56  ? 81  GLN A CA  1 
ATOM 465  C C   . GLN A 1 99  ? 9.938   10.172  6.533   1.00 86.99  ? 81  GLN A C   1 
ATOM 466  O O   . GLN A 1 99  ? 9.507   9.599   7.541   1.00 88.04  ? 81  GLN A O   1 
ATOM 467  C CB  . GLN A 1 99  ? 11.302  11.988  7.556   1.00 90.28  ? 81  GLN A CB  1 
ATOM 468  C CG  . GLN A 1 99  ? 12.579  12.178  8.396   1.00 86.74  ? 81  GLN A CG  1 
ATOM 469  C CD  . GLN A 1 99  ? 13.834  11.827  7.631   1.00 88.53  ? 81  GLN A CD  1 
ATOM 470  O OE1 . GLN A 1 99  ? 14.252  12.561  6.744   1.00 89.74  ? 81  GLN A OE1 1 
ATOM 471  N NE2 . GLN A 1 99  ? 14.430  10.685  7.955   1.00 94.86  ? 81  GLN A NE2 1 
ATOM 472  N N   . LEU A 1 100 ? 9.220   10.280  5.423   1.00 88.56  ? 82  LEU A N   1 
ATOM 473  C CA  . LEU A 1 100 ? 7.953   9.573   5.274   1.00 90.61  ? 82  LEU A CA  1 
ATOM 474  C C   . LEU A 1 100 ? 8.230   8.110   4.956   1.00 92.84  ? 82  LEU A C   1 
ATOM 475  O O   . LEU A 1 100 ? 8.654   7.771   3.839   1.00 93.26  ? 82  LEU A O   1 
ATOM 476  C CB  . LEU A 1 100 ? 7.101   10.220  4.192   1.00 82.11  ? 82  LEU A CB  1 
ATOM 477  C CG  . LEU A 1 100 ? 6.071   11.181  4.755   1.00 79.53  ? 82  LEU A CG  1 
ATOM 478  C CD1 . LEU A 1 100 ? 5.506   11.973  3.621   1.00 70.81  ? 82  LEU A CD1 1 
ATOM 479  C CD2 . LEU A 1 100 ? 4.982   10.435  5.522   1.00 87.30  ? 82  LEU A CD2 1 
ATOM 480  N N   . SER A 1 101 ? 7.982   7.251   5.938   1.00 98.39  ? 83  SER A N   1 
ATOM 481  C CA  . SER A 1 101 ? 8.199   5.816   5.800   1.00 112.53 ? 83  SER A CA  1 
ATOM 482  C C   . SER A 1 101 ? 6.853   5.112   5.941   1.00 112.75 ? 83  SER A C   1 
ATOM 483  O O   . SER A 1 101 ? 6.666   4.249   6.799   1.00 120.01 ? 83  SER A O   1 
ATOM 484  C CB  . SER A 1 101 ? 9.277   5.291   6.870   1.00 107.10 ? 83  SER A CB  1 
ATOM 485  O OG  . SER A 1 101 ? 10.611  5.262   6.354   1.00 109.09 ? 83  SER A OG  1 
ATOM 486  N N   . ILE A 1 102 ? 5.909   5.480   5.078   1.00 104.80 ? 84  ILE A N   1 
ATOM 487  C CA  . ILE A 1 102 ? 4.685   4.687   4.965   1.00 111.09 ? 84  ILE A CA  1 
ATOM 488  C C   . ILE A 1 102 ? 4.375   4.357   3.510   1.00 104.05 ? 84  ILE A C   1 
ATOM 489  O O   . ILE A 1 102 ? 3.941   5.224   2.730   1.00 95.08  ? 84  ILE A O   1 
ATOM 490  C CB  . ILE A 1 102 ? 3.463   5.371   5.636   1.00 118.45 ? 84  ILE A CB  1 
ATOM 491  C CG1 . ILE A 1 102 ? 3.734   5.540   7.140   1.00 110.82 ? 84  ILE A CG1 1 
ATOM 492  C CG2 . ILE A 1 102 ? 2.188   4.493   5.510   1.00 116.60 ? 84  ILE A CG2 1 
ATOM 493  C CD1 . ILE A 1 102 ? 4.359   6.873   7.548   1.00 101.67 ? 84  ILE A CD1 1 
ATOM 494  N N   . ALA A 1 103 ? 4.574   3.084   3.158   1.00 100.01 ? 85  ALA A N   1 
ATOM 495  C CA  . ALA A 1 103 ? 4.421   2.588   1.796   1.00 108.57 ? 85  ALA A CA  1 
ATOM 496  C C   . ALA A 1 103 ? 3.536   1.327   1.850   1.00 101.38 ? 85  ALA A C   1 
ATOM 497  O O   . ALA A 1 103 ? 2.953   1.041   2.898   1.00 94.83  ? 85  ALA A O   1 
ATOM 498  C CB  . ALA A 1 103 ? 5.847   2.460   1.209   1.00 107.57 ? 85  ALA A CB  1 
ATOM 499  N N   . GLU A 1 104 ? 3.390   0.545   0.761   1.00 96.44  ? 86  GLU A N   1 
ATOM 500  C CA  . GLU A 1 104 ? 4.096   0.540   -0.528  1.00 97.12  ? 86  GLU A CA  1 
ATOM 501  C C   . GLU A 1 104 ? 3.087   0.203   -1.628  1.00 95.63  ? 86  GLU A C   1 
ATOM 502  O O   . GLU A 1 104 ? 3.226   0.601   -2.790  1.00 89.77  ? 86  GLU A O   1 
ATOM 503  C CB  . GLU A 1 104 ? 5.231   -0.492  -0.502  1.00 93.58  ? 86  GLU A CB  1 
ATOM 504  C CG  . GLU A 1 104 ? 6.218   -0.372  -1.649  1.00 102.66 ? 86  GLU A CG  1 
ATOM 505  C CD  . GLU A 1 104 ? 7.631   -0.729  -1.235  1.00 105.73 ? 86  GLU A CD  1 
ATOM 506  O OE1 . GLU A 1 104 ? 8.018   -0.394  -0.094  1.00 109.18 ? 86  GLU A OE1 1 
ATOM 507  O OE2 . GLU A 1 104 ? 8.350   -1.353  -2.048  1.00 107.98 ? 86  GLU A OE2 1 
ATOM 508  N N   . TRP A 1 105 ? 2.083   -0.571  -1.214  1.00 95.78  ? 87  TRP A N   1 
ATOM 509  C CA  . TRP A 1 105 ? 0.920   -0.952  -2.001  1.00 90.31  ? 87  TRP A CA  1 
ATOM 510  C C   . TRP A 1 105 ? -0.213  0.063   -1.890  1.00 86.93  ? 87  TRP A C   1 
ATOM 511  O O   . TRP A 1 105 ? -1.241  -0.086  -2.559  1.00 82.86  ? 87  TRP A O   1 
ATOM 512  C CB  . TRP A 1 105 ? 0.440   -2.347  -1.555  1.00 89.10  ? 87  TRP A CB  1 
ATOM 513  C CG  . TRP A 1 105 ? 0.336   -2.516  -0.046  1.00 86.49  ? 87  TRP A CG  1 
ATOM 514  C CD1 . TRP A 1 105 ? 1.350   -2.827  0.839   1.00 88.29  ? 87  TRP A CD1 1 
ATOM 515  C CD2 . TRP A 1 105 ? -0.849  -2.380  0.741   1.00 85.89  ? 87  TRP A CD2 1 
ATOM 516  N NE1 . TRP A 1 105 ? 0.855   -2.888  2.125   1.00 85.20  ? 87  TRP A NE1 1 
ATOM 517  C CE2 . TRP A 1 105 ? -0.490  -2.618  2.091   1.00 90.16  ? 87  TRP A CE2 1 
ATOM 518  C CE3 . TRP A 1 105 ? -2.182  -2.081  0.437   1.00 87.70  ? 87  TRP A CE3 1 
ATOM 519  C CZ2 . TRP A 1 105 ? -1.419  -2.566  3.125   1.00 93.43  ? 87  TRP A CZ2 1 
ATOM 520  C CZ3 . TRP A 1 105 ? -3.100  -2.033  1.462   1.00 90.76  ? 87  TRP A CZ3 1 
ATOM 521  C CH2 . TRP A 1 105 ? -2.717  -2.268  2.792   1.00 95.08  ? 87  TRP A CH2 1 
ATOM 522  N N   . LEU A 1 106 ? -0.063  1.062   -1.034  1.00 93.80  ? 88  LEU A N   1 
ATOM 523  C CA  . LEU A 1 106 ? -0.841  2.297   -1.083  1.00 91.13  ? 88  LEU A CA  1 
ATOM 524  C C   . LEU A 1 106 ? -0.122  3.287   -1.995  1.00 90.72  ? 88  LEU A C   1 
ATOM 525  O O   . LEU A 1 106 ? 1.110   3.413   -1.913  1.00 89.18  ? 88  LEU A O   1 
ATOM 526  C CB  . LEU A 1 106 ? -1.014  2.887   0.315   1.00 74.74  ? 88  LEU A CB  1 
ATOM 527  C CG  . LEU A 1 106 ? -1.435  1.825   1.338   1.00 80.64  ? 88  LEU A CG  1 
ATOM 528  C CD1 . LEU A 1 106 ? -1.266  2.278   2.769   1.00 65.20  ? 88  LEU A CD1 1 
ATOM 529  C CD2 . LEU A 1 106 ? -2.872  1.375   1.094   1.00 88.68  ? 88  LEU A CD2 1 
ATOM 530  N N   . PRO A 1 107 ? -0.825  3.970   -2.918  1.00 93.78  ? 89  PRO A N   1 
ATOM 531  C CA  . PRO A 1 107 ? -2.272  3.936   -3.186  1.00 95.56  ? 89  PRO A CA  1 
ATOM 532  C C   . PRO A 1 107 ? -2.727  2.793   -4.118  1.00 96.51  ? 89  PRO A C   1 
ATOM 533  O O   . PRO A 1 107 ? -3.949  2.574   -4.257  1.00 90.63  ? 89  PRO A O   1 
ATOM 534  C CB  . PRO A 1 107 ? -2.509  5.284   -3.864  1.00 90.09  ? 89  PRO A CB  1 
ATOM 535  C CG  . PRO A 1 107 ? -1.215  5.482   -4.654  1.00 82.05  ? 89  PRO A CG  1 
ATOM 536  C CD  . PRO A 1 107 ? -0.115  4.893   -3.833  1.00 84.23  ? 89  PRO A CD  1 
ATOM 537  N N   . SER A 1 108 ? -1.760  2.085   -4.725  1.00 89.40  ? 90  SER A N   1 
ATOM 538  C CA  . SER A 1 108 ? -2.070  1.168   -5.824  1.00 85.11  ? 90  SER A CA  1 
ATOM 539  C C   . SER A 1 108 ? -3.052  0.076   -5.407  1.00 82.90  ? 90  SER A C   1 
ATOM 540  O O   . SER A 1 108 ? -3.944  -0.280  -6.177  1.00 82.76  ? 90  SER A O   1 
ATOM 541  C CB  . SER A 1 108 ? -0.788  0.552   -6.381  1.00 76.99  ? 90  SER A CB  1 
ATOM 542  O OG  . SER A 1 108 ? -0.146  -0.235  -5.396  1.00 88.88  ? 90  SER A OG  1 
ATOM 543  N N   . TYR A 1 109 ? -2.906  -0.463  -4.201  1.00 85.22  ? 91  TYR A N   1 
ATOM 544  C CA  . TYR A 1 109 ? -3.688  -1.601  -3.726  1.00 84.74  ? 91  TYR A CA  1 
ATOM 545  C C   . TYR A 1 109 ? -3.443  -2.853  -4.572  1.00 83.91  ? 91  TYR A C   1 
ATOM 546  O O   . TYR A 1 109 ? -4.289  -3.738  -4.657  1.00 89.11  ? 91  TYR A O   1 
ATOM 547  C CB  . TYR A 1 109 ? -5.175  -1.263  -3.650  1.00 81.95  ? 91  TYR A CB  1 
ATOM 548  C CG  . TYR A 1 109 ? -5.475  -0.462  -2.415  1.00 92.32  ? 91  TYR A CG  1 
ATOM 549  C CD1 . TYR A 1 109 ? -5.421  -1.070  -1.172  1.00 93.61  ? 91  TYR A CD1 1 
ATOM 550  C CD2 . TYR A 1 109 ? -5.751  0.912   -2.474  1.00 87.96  ? 91  TYR A CD2 1 
ATOM 551  C CE1 . TYR A 1 109 ? -5.664  -0.370  -0.019  1.00 98.83  ? 91  TYR A CE1 1 
ATOM 552  C CE2 . TYR A 1 109 ? -5.994  1.638   -1.320  1.00 90.54  ? 91  TYR A CE2 1 
ATOM 553  C CZ  . TYR A 1 109 ? -5.948  0.979   -0.086  1.00 99.96  ? 91  TYR A CZ  1 
ATOM 554  O OH  . TYR A 1 109 ? -6.174  1.626   1.109   1.00 96.61  ? 91  TYR A OH  1 
ATOM 555  N N   . ILE A 1 110 ? -2.277  -2.949  -5.195  1.00 80.15  ? 92  ILE A N   1 
ATOM 556  C CA  . ILE A 1 110 ? -1.832  -4.184  -5.832  1.00 80.00  ? 92  ILE A CA  1 
ATOM 557  C C   . ILE A 1 110 ? -0.752  -4.781  -4.939  1.00 78.48  ? 92  ILE A C   1 
ATOM 558  O O   . ILE A 1 110 ? 0.351   -4.223  -4.870  1.00 81.90  ? 92  ILE A O   1 
ATOM 559  C CB  . ILE A 1 110 ? -1.323  -3.935  -7.256  1.00 83.55  ? 92  ILE A CB  1 
ATOM 560  C CG1 . ILE A 1 110 ? -2.303  -3.043  -8.011  1.00 77.78  ? 92  ILE A CG1 1 
ATOM 561  C CG2 . ILE A 1 110 ? -1.111  -5.244  -8.004  1.00 77.76  ? 92  ILE A CG2 1 
ATOM 562  C CD1 . ILE A 1 110 ? -1.670  -2.367  -9.170  1.00 72.32  ? 92  ILE A CD1 1 
ATOM 563  N N   . PRO A 1 111 ? -1.030  -5.867  -4.219  1.00 76.69  ? 93  PRO A N   1 
ATOM 564  C CA  . PRO A 1 111 ? 0.038   -6.563  -3.494  1.00 79.18  ? 93  PRO A CA  1 
ATOM 565  C C   . PRO A 1 111 ? 1.026   -7.186  -4.459  1.00 79.03  ? 93  PRO A C   1 
ATOM 566  O O   . PRO A 1 111 ? 0.643   -7.964  -5.332  1.00 85.77  ? 93  PRO A O   1 
ATOM 567  C CB  . PRO A 1 111 ? -0.707  -7.642  -2.712  1.00 83.87  ? 93  PRO A CB  1 
ATOM 568  C CG  . PRO A 1 111 ? -2.058  -7.059  -2.518  1.00 89.65  ? 93  PRO A CG  1 
ATOM 569  C CD  . PRO A 1 111 ? -2.362  -6.316  -3.784  1.00 83.60  ? 93  PRO A CD  1 
ATOM 570  N N   . THR A 1 112 ? 2.311   -6.860  -4.289  1.00 71.91  ? 94  THR A N   1 
ATOM 571  C CA  . THR A 1 112 ? 3.323   -7.508  -5.121  1.00 71.96  ? 94  THR A CA  1 
ATOM 572  C C   . THR A 1 112 ? 3.792   -8.830  -4.535  1.00 75.49  ? 94  THR A C   1 
ATOM 573  O O   . THR A 1 112 ? 4.031   -9.774  -5.289  1.00 79.72  ? 94  THR A O   1 
ATOM 574  C CB  . THR A 1 112 ? 4.509   -6.584  -5.346  1.00 76.76  ? 94  THR A CB  1 
ATOM 575  O OG1 . THR A 1 112 ? 4.144   -5.627  -6.338  1.00 88.68  ? 94  THR A OG1 1 
ATOM 576  C CG2 . THR A 1 112 ? 5.712   -7.358  -5.870  1.00 84.21  ? 94  THR A CG2 1 
ATOM 577  N N   . ASP A 1 113 ? 3.907   -8.941  -3.212  1.00 70.89  ? 95  ASP A N   1 
ATOM 578  C CA  . ASP A 1 113 ? 4.366   -10.179 -2.609  1.00 63.21  ? 95  ASP A CA  1 
ATOM 579  C C   . ASP A 1 113 ? 3.371   -10.648 -1.564  1.00 65.34  ? 95  ASP A C   1 
ATOM 580  O O   . ASP A 1 113 ? 2.493   -9.904  -1.128  1.00 71.97  ? 95  ASP A O   1 
ATOM 581  C CB  . ASP A 1 113 ? 5.775   -10.039 -2.006  1.00 69.37  ? 95  ASP A CB  1 
ATOM 582  C CG  . ASP A 1 113 ? 5.809   -9.235  -0.733  1.00 66.90  ? 95  ASP A CG  1 
ATOM 583  O OD1 . ASP A 1 113 ? 5.308   -9.712  0.300   1.00 68.42  ? 95  ASP A OD1 1 
ATOM 584  O OD2 . ASP A 1 113 ? 6.387   -8.134  -0.752  1.00 75.07  ? 95  ASP A OD2 1 
ATOM 585  N N   . LEU A 1 114 ? 3.552   -11.901 -1.140  1.00 67.08  ? 96  LEU A N   1 
ATOM 586  C CA  . LEU A 1 114 ? 2.537   -12.593 -0.355  1.00 55.70  ? 96  LEU A CA  1 
ATOM 587  C C   . LEU A 1 114 ? 2.244   -11.889 0.964   1.00 58.59  ? 96  LEU A C   1 
ATOM 588  O O   . LEU A 1 114 ? 1.091   -11.844 1.402   1.00 60.44  ? 96  LEU A O   1 
ATOM 589  C CB  . LEU A 1 114 ? 2.966   -14.040 -0.090  1.00 51.20  ? 96  LEU A CB  1 
ATOM 590  C CG  . LEU A 1 114 ? 1.933   -14.725 0.824   1.00 61.28  ? 96  LEU A CG  1 
ATOM 591  C CD1 . LEU A 1 114 ? 0.613   -14.909 0.083   1.00 58.05  ? 96  LEU A CD1 1 
ATOM 592  C CD2 . LEU A 1 114 ? 2.358   -16.021 1.481   1.00 51.98  ? 96  LEU A CD2 1 
ATOM 593  N N   . LEU A 1 115 ? 3.267   -11.384 1.655   1.00 68.00  ? 97  LEU A N   1 
ATOM 594  C CA  . LEU A 1 115 ? 2.992   -10.822 2.979   1.00 66.24  ? 97  LEU A CA  1 
ATOM 595  C C   . LEU A 1 115 ? 2.225   -9.515  2.863   1.00 67.31  ? 97  LEU A C   1 
ATOM 596  O O   . LEU A 1 115 ? 1.325   -9.254  3.674   1.00 62.60  ? 97  LEU A O   1 
ATOM 597  C CB  . LEU A 1 115 ? 4.283   -10.620 3.786   1.00 60.45  ? 97  LEU A CB  1 
ATOM 598  C CG  . LEU A 1 115 ? 4.097   -9.952  5.168   1.00 65.58  ? 97  LEU A CG  1 
ATOM 599  C CD1 . LEU A 1 115 ? 3.312   -10.807 6.149   1.00 70.27  ? 97  LEU A CD1 1 
ATOM 600  C CD2 . LEU A 1 115 ? 5.414   -9.622  5.793   1.00 51.56  ? 97  LEU A CD2 1 
ATOM 601  N N   . GLU A 1 116 ? 2.560   -8.704  1.847   1.00 61.70  ? 98  GLU A N   1 
ATOM 602  C CA  . GLU A 1 116 ? 1.805   -7.488  1.578   1.00 65.47  ? 98  GLU A CA  1 
ATOM 603  C C   . GLU A 1 116 ? 0.320   -7.802  1.495   1.00 68.72  ? 98  GLU A C   1 
ATOM 604  O O   . GLU A 1 116 ? -0.516  -7.154  2.138   1.00 66.43  ? 98  GLU A O   1 
ATOM 605  C CB  . GLU A 1 116 ? 2.281   -6.835  0.269   1.00 71.16  ? 98  GLU A CB  1 
ATOM 606  C CG  . GLU A 1 116 ? 3.525   -5.925  0.355   1.00 74.50  ? 98  GLU A CG  1 
ATOM 607  C CD  . GLU A 1 116 ? 3.982   -5.412  -1.012  1.00 77.63  ? 98  GLU A CD  1 
ATOM 608  O OE1 . GLU A 1 116 ? 3.212   -5.580  -1.982  1.00 84.83  ? 98  GLU A OE1 1 
ATOM 609  O OE2 . GLU A 1 116 ? 5.100   -4.852  -1.127  1.00 74.64  ? 98  GLU A OE2 1 
ATOM 610  N N   . TRP A 1 117 ? -0.008  -8.838  0.724   1.00 73.62  ? 99  TRP A N   1 
ATOM 611  C CA  . TRP A 1 117 ? -1.388  -9.202  0.450   1.00 66.11  ? 99  TRP A CA  1 
ATOM 612  C C   . TRP A 1 117 ? -2.098  -9.681  1.711   1.00 68.53  ? 99  TRP A C   1 
ATOM 613  O O   . TRP A 1 117 ? -3.225  -9.266  1.989   1.00 79.35  ? 99  TRP A O   1 
ATOM 614  C CB  . TRP A 1 117 ? -1.395  -10.264 -0.637  1.00 67.63  ? 99  TRP A CB  1 
ATOM 615  C CG  . TRP A 1 117 ? -2.746  -10.716 -1.052  1.00 78.05  ? 99  TRP A CG  1 
ATOM 616  C CD1 . TRP A 1 117 ? -3.745  -9.945  -1.571  1.00 82.37  ? 99  TRP A CD1 1 
ATOM 617  C CD2 . TRP A 1 117 ? -3.244  -12.061 -1.034  1.00 66.99  ? 99  TRP A CD2 1 
ATOM 618  N NE1 . TRP A 1 117 ? -4.840  -10.726 -1.855  1.00 80.08  ? 99  TRP A NE1 1 
ATOM 619  C CE2 . TRP A 1 117 ? -4.555  -12.028 -1.536  1.00 69.01  ? 99  TRP A CE2 1 
ATOM 620  C CE3 . TRP A 1 117 ? -2.716  -13.281 -0.619  1.00 64.94  ? 99  TRP A CE3 1 
ATOM 621  C CZ2 . TRP A 1 117 ? -5.340  -13.168 -1.638  1.00 64.02  ? 99  TRP A CZ2 1 
ATOM 622  C CZ3 . TRP A 1 117 ? -3.503  -14.406 -0.718  1.00 59.74  ? 99  TRP A CZ3 1 
ATOM 623  C CH2 . TRP A 1 117 ? -4.791  -14.345 -1.233  1.00 60.40  ? 99  TRP A CH2 1 
ATOM 624  N N   . LEU A 1 118 ? -1.456  -10.544 2.503   1.00 62.23  ? 100 LEU A N   1 
ATOM 625  C CA  . LEU A 1 118 ? -2.068  -10.936 3.770   1.00 66.54  ? 100 LEU A CA  1 
ATOM 626  C C   . LEU A 1 118 ? -2.219  -9.760  4.733   1.00 71.46  ? 100 LEU A C   1 
ATOM 627  O O   . LEU A 1 118 ? -2.908  -9.892  5.754   1.00 70.45  ? 100 LEU A O   1 
ATOM 628  C CB  . LEU A 1 118 ? -1.262  -12.057 4.441   1.00 61.84  ? 100 LEU A CB  1 
ATOM 629  C CG  . LEU A 1 118 ? -1.210  -13.470 3.847   1.00 58.76  ? 100 LEU A CG  1 
ATOM 630  C CD1 . LEU A 1 118 ? -0.088  -14.211 4.494   1.00 57.65  ? 100 LEU A CD1 1 
ATOM 631  C CD2 . LEU A 1 118 ? -2.486  -14.242 4.082   1.00 50.46  ? 100 LEU A CD2 1 
ATOM 632  N N   . CYS A 1 119 ? -1.587  -8.626  4.437   1.00 71.85  ? 101 CYS A N   1 
ATOM 633  C CA  . CYS A 1 119 ? -1.727  -7.408  5.221   1.00 72.33  ? 101 CYS A CA  1 
ATOM 634  C C   . CYS A 1 119 ? -2.839  -6.513  4.673   1.00 75.60  ? 101 CYS A C   1 
ATOM 635  O O   . CYS A 1 119 ? -3.517  -5.838  5.454   1.00 73.54  ? 101 CYS A O   1 
ATOM 636  C CB  . CYS A 1 119 ? -0.386  -6.650  5.272   1.00 65.47  ? 101 CYS A CB  1 
ATOM 637  S SG  . CYS A 1 119 ? 0.755   -7.142  6.631   1.00 83.25  ? 101 CYS A SG  1 
ATOM 638  N N   . ALA A 1 120 ? -3.042  -6.489  3.350   1.00 73.48  ? 102 ALA A N   1 
ATOM 639  C CA  . ALA A 1 120 ? -4.272  -5.935  2.783   1.00 77.56  ? 102 ALA A CA  1 
ATOM 640  C C   . ALA A 1 120 ? -5.500  -6.542  3.463   1.00 79.22  ? 102 ALA A C   1 
ATOM 641  O O   . ALA A 1 120 ? -6.254  -5.849  4.157   1.00 84.53  ? 102 ALA A O   1 
ATOM 642  C CB  . ALA A 1 120 ? -4.321  -6.178  1.276   1.00 71.59  ? 102 ALA A CB  1 
ATOM 643  N N   . LEU A 1 121 ? -5.716  -7.843  3.268   1.00 74.26  ? 103 LEU A N   1 
ATOM 644  C CA  . LEU A 1 121 ? -6.553  -8.621  4.167   1.00 70.56  ? 103 LEU A CA  1 
ATOM 645  C C   . LEU A 1 121 ? -6.048  -8.463  5.605   1.00 75.95  ? 103 LEU A C   1 
ATOM 646  O O   . LEU A 1 121 ? -4.932  -8.011  5.854   1.00 78.76  ? 103 LEU A O   1 
ATOM 647  C CB  . LEU A 1 121 ? -6.511  -10.095 3.781   1.00 71.22  ? 103 LEU A CB  1 
ATOM 648  C CG  . LEU A 1 121 ? -6.399  -10.559 2.330   1.00 76.21  ? 103 LEU A CG  1 
ATOM 649  C CD1 . LEU A 1 121 ? -6.162  -12.054 2.264   1.00 71.42  ? 103 LEU A CD1 1 
ATOM 650  C CD2 . LEU A 1 121 ? -7.664  -10.240 1.619   1.00 80.84  ? 103 LEU A CD2 1 
ATOM 651  N N   . GLY A 1 122 ? -6.846  -8.883  6.569   1.00 68.44  ? 104 GLY A N   1 
ATOM 652  C CA  . GLY A 1 122 ? -6.330  -8.729  7.913   1.00 63.65  ? 104 GLY A CA  1 
ATOM 653  C C   . GLY A 1 122 ? -5.743  -10.011 8.444   1.00 76.43  ? 104 GLY A C   1 
ATOM 654  O O   . GLY A 1 122 ? -6.083  -10.458 9.553   1.00 77.37  ? 104 GLY A O   1 
ATOM 655  N N   . LEU A 1 123 ? -4.860  -10.626 7.662   1.00 74.61  ? 105 LEU A N   1 
ATOM 656  C CA  . LEU A 1 123 ? -4.479  -11.962 8.109   1.00 75.58  ? 105 LEU A CA  1 
ATOM 657  C C   . LEU A 1 123 ? -2.973  -12.217 8.113   1.00 68.52  ? 105 LEU A C   1 
ATOM 658  O O   . LEU A 1 123 ? -2.540  -13.296 7.695   1.00 68.84  ? 105 LEU A O   1 
ATOM 659  C CB  . LEU A 1 123 ? -5.188  -13.010 7.252   1.00 74.93  ? 105 LEU A CB  1 
ATOM 660  C CG  . LEU A 1 123 ? -6.714  -13.090 7.290   1.00 69.99  ? 105 LEU A CG  1 
ATOM 661  C CD1 . LEU A 1 123 ? -7.273  -12.058 6.392   1.00 76.49  ? 105 LEU A CD1 1 
ATOM 662  C CD2 . LEU A 1 123 ? -7.204  -14.451 6.825   1.00 72.05  ? 105 LEU A CD2 1 
ATOM 663  N N   . PRO A 1 124 ? -2.137  -11.302 8.614   1.00 66.84  ? 106 PRO A N   1 
ATOM 664  C CA  . PRO A 1 124 ? -0.694  -11.571 8.575   1.00 63.25  ? 106 PRO A CA  1 
ATOM 665  C C   . PRO A 1 124 ? -0.269  -12.659 9.541   1.00 60.76  ? 106 PRO A C   1 
ATOM 666  O O   . PRO A 1 124 ? 0.783   -13.273 9.336   1.00 64.35  ? 106 PRO A O   1 
ATOM 667  C CB  . PRO A 1 124 ? -0.080  -10.216 8.930   1.00 62.44  ? 106 PRO A CB  1 
ATOM 668  C CG  . PRO A 1 124 ? -1.065  -9.605  9.806   1.00 62.66  ? 106 PRO A CG  1 
ATOM 669  C CD  . PRO A 1 124 ? -2.430  -10.112 9.432   1.00 61.12  ? 106 PRO A CD  1 
ATOM 670  N N   . GLN A 1 125 ? -1.060  -12.938 10.574  1.00 60.94  ? 107 GLN A N   1 
ATOM 671  C CA  . GLN A 1 125 ? -0.729  -14.007 11.505  1.00 59.43  ? 107 GLN A CA  1 
ATOM 672  C C   . GLN A 1 125 ? -0.643  -15.372 10.838  1.00 63.45  ? 107 GLN A C   1 
ATOM 673  O O   . GLN A 1 125 ? -0.221  -16.335 11.488  1.00 70.09  ? 107 GLN A O   1 
ATOM 674  C CB  . GLN A 1 125 ? -1.760  -14.053 12.644  1.00 71.19  ? 107 GLN A CB  1 
ATOM 675  C CG  . GLN A 1 125 ? -3.169  -14.565 12.264  1.00 67.85  ? 107 GLN A CG  1 
ATOM 676  C CD  . GLN A 1 125 ? -4.157  -13.451 11.930  1.00 69.12  ? 107 GLN A CD  1 
ATOM 677  O OE1 . GLN A 1 125 ? -3.886  -12.569 11.109  1.00 68.35  ? 107 GLN A OE1 1 
ATOM 678  N NE2 . GLN A 1 125 ? -5.321  -13.496 12.572  1.00 78.30  ? 107 GLN A NE2 1 
ATOM 679  N N   . TYR A 1 126 ? -1.038  -15.496 9.575   1.00 63.02  ? 108 TYR A N   1 
ATOM 680  C CA  . TYR A 1 126 ? -1.015  -16.796 8.928   1.00 66.44  ? 108 TYR A CA  1 
ATOM 681  C C   . TYR A 1 126 ? 0.142   -16.944 7.945   1.00 64.25  ? 108 TYR A C   1 
ATOM 682  O O   . TYR A 1 126 ? 0.393   -18.053 7.469   1.00 64.23  ? 108 TYR A O   1 
ATOM 683  C CB  . TYR A 1 126 ? -2.358  -17.062 8.227   1.00 65.38  ? 108 TYR A CB  1 
ATOM 684  C CG  . TYR A 1 126 ? -3.540  -17.150 9.184   1.00 68.94  ? 108 TYR A CG  1 
ATOM 685  C CD1 . TYR A 1 126 ? -3.684  -18.218 10.050  1.00 68.46  ? 108 TYR A CD1 1 
ATOM 686  C CD2 . TYR A 1 126 ? -4.515  -16.163 9.214   1.00 70.65  ? 108 TYR A CD2 1 
ATOM 687  C CE1 . TYR A 1 126 ? -4.757  -18.299 10.919  1.00 64.35  ? 108 TYR A CE1 1 
ATOM 688  C CE2 . TYR A 1 126 ? -5.579  -16.238 10.096  1.00 67.92  ? 108 TYR A CE2 1 
ATOM 689  C CZ  . TYR A 1 126 ? -5.691  -17.303 10.941  1.00 62.72  ? 108 TYR A CZ  1 
ATOM 690  O OH  . TYR A 1 126 ? -6.749  -17.371 11.811  1.00 68.35  ? 108 TYR A OH  1 
ATOM 691  N N   . HIS A 1 127 ? 0.872   -15.865 7.670   1.00 59.02  ? 109 HIS A N   1 
ATOM 692  C CA  . HIS A 1 127 ? 2.000   -15.910 6.751   1.00 63.63  ? 109 HIS A CA  1 
ATOM 693  C C   . HIS A 1 127 ? 2.877   -17.133 6.946   1.00 62.49  ? 109 HIS A C   1 
ATOM 694  O O   . HIS A 1 127 ? 3.072   -17.932 6.023   1.00 68.08  ? 109 HIS A O   1 
ATOM 695  C CB  . HIS A 1 127 ? 2.850   -14.665 6.911   1.00 57.11  ? 109 HIS A CB  1 
ATOM 696  C CG  . HIS A 1 127 ? 3.909   -14.538 5.873   1.00 57.74  ? 109 HIS A CG  1 
ATOM 697  N ND1 . HIS A 1 127 ? 5.125   -13.937 6.118   1.00 62.37  ? 109 HIS A ND1 1 
ATOM 698  C CD2 . HIS A 1 127 ? 3.926   -14.905 4.572   1.00 59.84  ? 109 HIS A CD2 1 
ATOM 699  C CE1 . HIS A 1 127 ? 5.846   -13.942 5.011   1.00 54.89  ? 109 HIS A CE1 1 
ATOM 700  N NE2 . HIS A 1 127 ? 5.143   -14.523 4.057   1.00 56.57  ? 109 HIS A NE2 1 
ATOM 701  N N   . LYS A 1 128 ? 3.407   -17.303 8.140   1.00 64.65  ? 110 LYS A N   1 
ATOM 702  C CA  . LYS A 1 128 ? 4.378   -18.368 8.322   1.00 65.81  ? 110 LYS A CA  1 
ATOM 703  C C   . LYS A 1 128 ? 3.737   -19.749 8.362   1.00 61.75  ? 110 LYS A C   1 
ATOM 704  O O   . LYS A 1 128 ? 4.428   -20.744 8.162   1.00 67.50  ? 110 LYS A O   1 
ATOM 705  C CB  . LYS A 1 128 ? 5.230   -18.076 9.569   1.00 63.71  ? 110 LYS A CB  1 
ATOM 706  C CG  . LYS A 1 128 ? 6.069   -16.789 9.356   1.00 70.29  ? 110 LYS A CG  1 
ATOM 707  C CD  . LYS A 1 128 ? 6.953   -16.398 10.557  1.00 89.78  ? 110 LYS A CD  1 
ATOM 708  C CE  . LYS A 1 128 ? 7.811   -15.150 10.236  1.00 103.47 ? 110 LYS A CE  1 
ATOM 709  N NZ  . LYS A 1 128 ? 8.796   -15.322 9.098   1.00 84.18  ? 110 LYS A NZ  1 
ATOM 710  N N   . GLN A 1 129 ? 2.429   -19.844 8.531   1.00 69.51  ? 111 GLN A N   1 
ATOM 711  C CA  . GLN A 1 129 ? 1.795   -21.139 8.329   1.00 68.39  ? 111 GLN A CA  1 
ATOM 712  C C   . GLN A 1 129 ? 1.683   -21.444 6.844   1.00 64.77  ? 111 GLN A C   1 
ATOM 713  O O   . GLN A 1 129 ? 1.958   -22.566 6.406   1.00 70.49  ? 111 GLN A O   1 
ATOM 714  C CB  . GLN A 1 129 ? 0.425   -21.157 9.011   1.00 71.33  ? 111 GLN A CB  1 
ATOM 715  C CG  . GLN A 1 129 ? 0.234   -19.977 9.951   1.00 79.09  ? 111 GLN A CG  1 
ATOM 716  C CD  . GLN A 1 129 ? -0.221  -20.367 11.337  1.00 83.92  ? 111 GLN A CD  1 
ATOM 717  O OE1 . GLN A 1 129 ? -0.559  -21.521 11.594  1.00 85.58  ? 111 GLN A OE1 1 
ATOM 718  N NE2 . GLN A 1 129 ? -0.250  -19.393 12.239  1.00 80.93  ? 111 GLN A NE2 1 
ATOM 719  N N   . LEU A 1 130 ? 1.296   -20.444 6.057   1.00 63.29  ? 112 LEU A N   1 
ATOM 720  C CA  . LEU A 1 130 ? 1.257   -20.582 4.610   1.00 58.26  ? 112 LEU A CA  1 
ATOM 721  C C   . LEU A 1 130 ? 2.627   -20.893 4.034   1.00 63.28  ? 112 LEU A C   1 
ATOM 722  O O   . LEU A 1 130 ? 2.723   -21.563 3.001   1.00 59.31  ? 112 LEU A O   1 
ATOM 723  C CB  . LEU A 1 130 ? 0.720   -19.295 3.995   1.00 59.37  ? 112 LEU A CB  1 
ATOM 724  C CG  . LEU A 1 130 ? -0.795  -19.085 4.055   1.00 65.04  ? 112 LEU A CG  1 
ATOM 725  C CD1 . LEU A 1 130 ? -1.167  -17.764 3.402   1.00 58.06  ? 112 LEU A CD1 1 
ATOM 726  C CD2 . LEU A 1 130 ? -1.506  -20.236 3.366   1.00 57.58  ? 112 LEU A CD2 1 
ATOM 727  N N   . VAL A 1 131 ? 3.694   -20.407 4.672   1.00 60.76  ? 113 VAL A N   1 
ATOM 728  C CA  . VAL A 1 131 ? 5.028   -20.617 4.135   1.00 56.47  ? 113 VAL A CA  1 
ATOM 729  C C   . VAL A 1 131 ? 5.538   -22.002 4.485   1.00 54.94  ? 113 VAL A C   1 
ATOM 730  O O   . VAL A 1 131 ? 6.140   -22.688 3.656   1.00 66.20  ? 113 VAL A O   1 
ATOM 731  C CB  . VAL A 1 131 ? 5.978   -19.520 4.628   1.00 58.16  ? 113 VAL A CB  1 
ATOM 732  C CG1 . VAL A 1 131 ? 7.413   -19.956 4.408   1.00 54.53  ? 113 VAL A CG1 1 
ATOM 733  C CG2 . VAL A 1 131 ? 5.694   -18.219 3.892   1.00 53.86  ? 113 VAL A CG2 1 
ATOM 734  N N   . SER A 1 132 ? 5.289   -22.452 5.696   1.00 60.55  ? 114 SER A N   1 
ATOM 735  C CA  . SER A 1 132 ? 5.638   -23.816 6.052   1.00 63.73  ? 114 SER A CA  1 
ATOM 736  C C   . SER A 1 132 ? 4.895   -24.851 5.198   1.00 62.35  ? 114 SER A C   1 
ATOM 737  O O   . SER A 1 132 ? 5.336   -26.001 5.116   1.00 64.95  ? 114 SER A O   1 
ATOM 738  C CB  . SER A 1 132 ? 5.344   -24.036 7.535   1.00 62.48  ? 114 SER A CB  1 
ATOM 739  O OG  . SER A 1 132 ? 3.933   -24.152 7.706   1.00 78.23  ? 114 SER A OG  1 
ATOM 740  N N   . SER A 1 133 ? 3.777   -24.487 4.574   1.00 55.16  ? 115 SER A N   1 
ATOM 741  C CA  . SER A 1 133 ? 3.044   -25.413 3.723   1.00 56.72  ? 115 SER A CA  1 
ATOM 742  C C   . SER A 1 133 ? 3.331   -25.195 2.240   1.00 59.50  ? 115 SER A C   1 
ATOM 743  O O   . SER A 1 133 ? 2.655   -25.789 1.391   1.00 55.05  ? 115 SER A O   1 
ATOM 744  C CB  . SER A 1 133 ? 1.536   -25.306 3.985   1.00 58.67  ? 115 SER A CB  1 
ATOM 745  O OG  . SER A 1 133 ? 1.216   -25.628 5.338   1.00 69.60  ? 115 SER A OG  1 
ATOM 746  N N   . GLY A 1 134 ? 4.300   -24.345 1.906   1.00 53.18  ? 116 GLY A N   1 
ATOM 747  C CA  . GLY A 1 134 ? 4.666   -24.165 0.521   1.00 58.78  ? 116 GLY A CA  1 
ATOM 748  C C   . GLY A 1 134 ? 3.865   -23.152 -0.265  1.00 59.77  ? 116 GLY A C   1 
ATOM 749  O O   . GLY A 1 134 ? 4.031   -23.067 -1.488  1.00 61.62  ? 116 GLY A O   1 
ATOM 750  N N   . TYR A 1 135 ? 3.001   -22.379 0.377   1.00 61.89  ? 117 TYR A N   1 
ATOM 751  C CA  . TYR A 1 135 ? 2.348   -21.257 -0.288  1.00 57.68  ? 117 TYR A CA  1 
ATOM 752  C C   . TYR A 1 135 ? 3.105   -20.004 0.134   1.00 62.50  ? 117 TYR A C   1 
ATOM 753  O O   . TYR A 1 135 ? 2.743   -19.304 1.079   1.00 64.17  ? 117 TYR A O   1 
ATOM 754  C CB  . TYR A 1 135 ? 0.873   -21.218 0.073   1.00 57.56  ? 117 TYR A CB  1 
ATOM 755  C CG  . TYR A 1 135 ? 0.191   -22.503 -0.290  1.00 56.38  ? 117 TYR A CG  1 
ATOM 756  C CD1 . TYR A 1 135 ? -0.206  -22.741 -1.592  1.00 51.55  ? 117 TYR A CD1 1 
ATOM 757  C CD2 . TYR A 1 135 ? -0.036  -23.492 0.659   1.00 51.46  ? 117 TYR A CD2 1 
ATOM 758  C CE1 . TYR A 1 135 ? -0.825  -23.910 -1.944  1.00 51.91  ? 117 TYR A CE1 1 
ATOM 759  C CE2 . TYR A 1 135 ? -0.663  -24.674 0.300   1.00 51.00  ? 117 TYR A CE2 1 
ATOM 760  C CZ  . TYR A 1 135 ? -1.035  -24.877 -1.007  1.00 52.83  ? 117 TYR A CZ  1 
ATOM 761  O OH  . TYR A 1 135 ? -1.647  -26.051 -1.391  1.00 68.49  ? 117 TYR A OH  1 
ATOM 762  N N   . ASP A 1 136 ? 4.222   -19.756 -0.550  1.00 60.72  ? 118 ASP A N   1 
ATOM 763  C CA  . ASP A 1 136 ? 5.106   -18.661 -0.181  1.00 53.67  ? 118 ASP A CA  1 
ATOM 764  C C   . ASP A 1 136 ? 5.254   -17.644 -1.302  1.00 56.33  ? 118 ASP A C   1 
ATOM 765  O O   . ASP A 1 136 ? 6.182   -16.829 -1.277  1.00 57.70  ? 118 ASP A O   1 
ATOM 766  C CB  . ASP A 1 136 ? 6.474   -19.182 0.282   1.00 55.87  ? 118 ASP A CB  1 
ATOM 767  C CG  . ASP A 1 136 ? 7.211   -20.024 -0.761  1.00 60.14  ? 118 ASP A CG  1 
ATOM 768  O OD1 . ASP A 1 136 ? 6.721   -20.222 -1.895  1.00 57.53  ? 118 ASP A OD1 1 
ATOM 769  O OD2 . ASP A 1 136 ? 8.323   -20.505 -0.417  1.00 64.21  ? 118 ASP A OD2 1 
ATOM 770  N N   . SER A 1 137 ? 4.345   -17.656 -2.275  1.00 54.90  ? 119 SER A N   1 
ATOM 771  C CA  . SER A 1 137 ? 4.354   -16.630 -3.307  1.00 59.50  ? 119 SER A CA  1 
ATOM 772  C C   . SER A 1 137 ? 2.919   -16.333 -3.737  1.00 65.09  ? 119 SER A C   1 
ATOM 773  O O   . SER A 1 137 ? 2.001   -17.113 -3.461  1.00 61.03  ? 119 SER A O   1 
ATOM 774  C CB  . SER A 1 137 ? 5.171   -17.059 -4.512  1.00 49.99  ? 119 SER A CB  1 
ATOM 775  O OG  . SER A 1 137 ? 4.340   -17.803 -5.396  1.00 58.33  ? 119 SER A OG  1 
ATOM 776  N N   . MET A 1 138 ? 2.731   -15.193 -4.422  1.00 59.65  ? 120 MET A N   1 
ATOM 777  C CA  . MET A 1 138 ? 1.420   -14.895 -4.980  1.00 57.61  ? 120 MET A CA  1 
ATOM 778  C C   . MET A 1 138 ? 1.016   -15.990 -5.965  1.00 63.83  ? 120 MET A C   1 
ATOM 779  O O   . MET A 1 138 ? -0.081  -16.561 -5.865  1.00 61.48  ? 120 MET A O   1 
ATOM 780  C CB  . MET A 1 138 ? 1.409   -13.512 -5.657  1.00 64.96  ? 120 MET A CB  1 
ATOM 781  C CG  . MET A 1 138 ? 1.434   -12.240 -4.742  1.00 62.35  ? 120 MET A CG  1 
ATOM 782  S SD  . MET A 1 138 ? 0.275   -12.238 -3.358  1.00 74.44  ? 120 MET A SD  1 
ATOM 783  C CE  . MET A 1 138 ? -1.270  -11.749 -4.120  1.00 70.29  ? 120 MET A CE  1 
ATOM 784  N N   . GLY A 1 139 ? 1.934   -16.355 -6.871  1.00 64.65  ? 121 GLY A N   1 
ATOM 785  C CA  . GLY A 1 139 ? 1.602   -17.293 -7.935  1.00 61.11  ? 121 GLY A CA  1 
ATOM 786  C C   . GLY A 1 139 ? 1.206   -18.672 -7.444  1.00 61.83  ? 121 GLY A C   1 
ATOM 787  O O   . GLY A 1 139 ? 0.407   -19.354 -8.091  1.00 67.14  ? 121 GLY A O   1 
ATOM 788  N N   . LEU A 1 140 ? 1.753   -19.108 -6.305  1.00 54.33  ? 122 LEU A N   1 
ATOM 789  C CA  . LEU A 1 140 ? 1.348   -20.396 -5.749  1.00 56.84  ? 122 LEU A CA  1 
ATOM 790  C C   . LEU A 1 140 ? 0.080   -20.279 -4.911  1.00 63.97  ? 122 LEU A C   1 
ATOM 791  O O   . LEU A 1 140 ? -0.760  -21.189 -4.931  1.00 66.89  ? 122 LEU A O   1 
ATOM 792  C CB  . LEU A 1 140 ? 2.468   -21.000 -4.888  1.00 62.59  ? 122 LEU A CB  1 
ATOM 793  C CG  . LEU A 1 140 ? 3.865   -21.188 -5.487  1.00 66.15  ? 122 LEU A CG  1 
ATOM 794  C CD1 . LEU A 1 140 ? 4.931   -21.480 -4.416  1.00 56.05  ? 122 LEU A CD1 1 
ATOM 795  C CD2 . LEU A 1 140 ? 3.824   -22.259 -6.556  1.00 56.75  ? 122 LEU A CD2 1 
ATOM 796  N N   . VAL A 1 141 ? -0.066  -19.179 -4.153  1.00 63.97  ? 123 VAL A N   1 
ATOM 797  C CA  . VAL A 1 141 ? -1.271  -18.991 -3.341  1.00 66.40  ? 123 VAL A CA  1 
ATOM 798  C C   . VAL A 1 141 ? -2.520  -19.038 -4.211  1.00 57.46  ? 123 VAL A C   1 
ATOM 799  O O   . VAL A 1 141 ? -3.525  -19.650 -3.832  1.00 57.28  ? 123 VAL A O   1 
ATOM 800  C CB  . VAL A 1 141 ? -1.191  -17.681 -2.533  1.00 64.84  ? 123 VAL A CB  1 
ATOM 801  C CG1 . VAL A 1 141 ? -2.559  -17.187 -2.246  1.00 67.50  ? 123 VAL A CG1 1 
ATOM 802  C CG2 . VAL A 1 141 ? -0.552  -17.942 -1.209  1.00 59.98  ? 123 VAL A CG2 1 
ATOM 803  N N   . ALA A 1 142 ? -2.457  -18.440 -5.408  1.00 59.00  ? 124 ALA A N   1 
ATOM 804  C CA  . ALA A 1 142 ? -3.570  -18.446 -6.362  1.00 63.37  ? 124 ALA A CA  1 
ATOM 805  C C   . ALA A 1 142 ? -4.159  -19.833 -6.637  1.00 65.98  ? 124 ALA A C   1 
ATOM 806  O O   . ALA A 1 142 ? -5.255  -19.914 -7.199  1.00 69.33  ? 124 ALA A O   1 
ATOM 807  C CB  . ALA A 1 142 ? -3.127  -17.814 -7.689  1.00 58.90  ? 124 ALA A CB  1 
ATOM 808  N N   . ASP A 1 143 ? -3.469  -20.924 -6.260  1.00 71.26  ? 125 ASP A N   1 
ATOM 809  C CA  . ASP A 1 143 ? -3.944  -22.289 -6.481  1.00 68.67  ? 125 ASP A CA  1 
ATOM 810  C C   . ASP A 1 143 ? -4.192  -23.028 -5.173  1.00 76.96  ? 125 ASP A C   1 
ATOM 811  O O   . ASP A 1 143 ? -4.368  -24.261 -5.179  1.00 73.54  ? 125 ASP A O   1 
ATOM 812  C CB  . ASP A 1 143 ? -2.951  -23.070 -7.352  1.00 67.25  ? 125 ASP A CB  1 
ATOM 813  C CG  . ASP A 1 143 ? -2.795  -22.459 -8.747  1.00 72.48  ? 125 ASP A CG  1 
ATOM 814  O OD1 . ASP A 1 143 ? -3.765  -22.527 -9.532  1.00 74.98  ? 125 ASP A OD1 1 
ATOM 815  O OD2 . ASP A 1 143 ? -1.718  -21.899 -9.064  1.00 68.25  ? 125 ASP A OD2 1 
ATOM 816  N N   . LEU A 1 144 ? -4.193  -22.303 -4.052  1.00 77.70  ? 126 LEU A N   1 
ATOM 817  C CA  . LEU A 1 144 ? -4.561  -22.876 -2.765  1.00 75.75  ? 126 LEU A CA  1 
ATOM 818  C C   . LEU A 1 144 ? -6.037  -23.256 -2.789  1.00 80.75  ? 126 LEU A C   1 
ATOM 819  O O   . LEU A 1 144 ? -6.843  -22.660 -3.515  1.00 79.17  ? 126 LEU A O   1 
ATOM 820  C CB  . LEU A 1 144 ? -4.266  -21.866 -1.643  1.00 64.32  ? 126 LEU A CB  1 
ATOM 821  C CG  . LEU A 1 144 ? -4.847  -22.087 -0.247  1.00 65.22  ? 126 LEU A CG  1 
ATOM 822  C CD1 . LEU A 1 144 ? -4.275  -23.333 0.402   1.00 61.45  ? 126 LEU A CD1 1 
ATOM 823  C CD2 . LEU A 1 144 ? -4.652  -20.869 0.652   1.00 58.55  ? 126 LEU A CD2 1 
ATOM 824  N N   . THR A 1 145 ? -6.392  -24.270 -1.998  1.00 77.92  ? 127 THR A N   1 
ATOM 825  C CA  . THR A 1 145 ? -7.696  -24.897 -2.131  1.00 86.02  ? 127 THR A CA  1 
ATOM 826  C C   . THR A 1 145 ? -8.293  -25.164 -0.757  1.00 91.66  ? 127 THR A C   1 
ATOM 827  O O   . THR A 1 145 ? -7.583  -25.296 0.244   1.00 83.31  ? 127 THR A O   1 
ATOM 828  C CB  . THR A 1 145 ? -7.603  -26.203 -2.939  1.00 87.61  ? 127 THR A CB  1 
ATOM 829  O OG1 . THR A 1 145 ? -6.599  -26.051 -3.950  1.00 92.66  ? 127 THR A OG1 1 
ATOM 830  C CG2 . THR A 1 145 ? -8.927  -26.504 -3.624  1.00 98.16  ? 127 THR A CG2 1 
ATOM 831  N N   . TRP A 1 146 ? -9.624  -25.283 -0.736  1.00 97.92  ? 128 TRP A N   1 
ATOM 832  C CA  . TRP A 1 146 ? -10.361 -25.327 0.516   1.00 95.29  ? 128 TRP A CA  1 
ATOM 833  C C   . TRP A 1 146 ? -9.939  -26.472 1.433   1.00 97.93  ? 128 TRP A C   1 
ATOM 834  O O   . TRP A 1 146 ? -10.139 -26.383 2.652   1.00 100.07 ? 128 TRP A O   1 
ATOM 835  C CB  . TRP A 1 146 ? -11.869 -25.416 0.245   1.00 102.06 ? 128 TRP A CB  1 
ATOM 836  C CG  . TRP A 1 146 ? -12.619 -25.031 1.465   1.00 103.35 ? 128 TRP A CG  1 
ATOM 837  C CD1 . TRP A 1 146 ? -12.944 -25.840 2.533   1.00 101.78 ? 128 TRP A CD1 1 
ATOM 838  C CD2 . TRP A 1 146 ? -13.086 -23.720 1.796   1.00 97.59  ? 128 TRP A CD2 1 
ATOM 839  N NE1 . TRP A 1 146 ? -13.595 -25.106 3.494   1.00 103.60 ? 128 TRP A NE1 1 
ATOM 840  C CE2 . TRP A 1 146 ? -13.699 -23.802 3.066   1.00 100.57 ? 128 TRP A CE2 1 
ATOM 841  C CE3 . TRP A 1 146 ? -13.056 -22.483 1.138   1.00 87.34  ? 128 TRP A CE3 1 
ATOM 842  C CZ2 . TRP A 1 146 ? -14.274 -22.689 3.691   1.00 86.96  ? 128 TRP A CZ2 1 
ATOM 843  C CZ3 . TRP A 1 146 ? -13.623 -21.378 1.767   1.00 79.54  ? 128 TRP A CZ3 1 
ATOM 844  C CH2 . TRP A 1 146 ? -14.216 -21.492 3.028   1.00 79.61  ? 128 TRP A CH2 1 
ATOM 845  N N   . GLU A 1 147 ? -9.356  -27.537 0.905   1.00 97.57  ? 129 GLU A N   1 
ATOM 846  C CA  . GLU A 1 147 ? -9.135  -28.691 1.765   1.00 98.00  ? 129 GLU A CA  1 
ATOM 847  C C   . GLU A 1 147 ? -7.803  -28.627 2.496   1.00 96.14  ? 129 GLU A C   1 
ATOM 848  O O   . GLU A 1 147 ? -7.678  -29.217 3.573   1.00 91.30  ? 129 GLU A O   1 
ATOM 849  C CB  . GLU A 1 147 ? -9.224  -29.988 0.950   1.00 101.08 ? 129 GLU A CB  1 
ATOM 850  C CG  . GLU A 1 147 ? -10.542 -30.171 0.207   1.00 105.31 ? 129 GLU A CG  1 
ATOM 851  C CD  . GLU A 1 147 ? -10.668 -29.274 -1.023  1.00 107.70 ? 129 GLU A CD  1 
ATOM 852  O OE1 . GLU A 1 147 ? -9.881  -28.307 -1.148  1.00 106.18 ? 129 GLU A OE1 1 
ATOM 853  O OE2 . GLU A 1 147 ? -11.556 -29.536 -1.864  1.00 112.13 ? 129 GLU A OE2 1 
ATOM 854  N N   . GLU A 1 148 ? -6.817  -27.895 1.949   1.00 94.39  ? 130 GLU A N   1 
ATOM 855  C CA  . GLU A 1 148 ? -5.533  -27.729 2.626   1.00 88.78  ? 130 GLU A CA  1 
ATOM 856  C C   . GLU A 1 148 ? -5.669  -27.004 3.963   1.00 92.93  ? 130 GLU A C   1 
ATOM 857  O O   . GLU A 1 148 ? -4.798  -27.153 4.836   1.00 91.37  ? 130 GLU A O   1 
ATOM 858  C CB  . GLU A 1 148 ? -4.549  -26.952 1.744   1.00 82.38  ? 130 GLU A CB  1 
ATOM 859  C CG  . GLU A 1 148 ? -3.926  -27.711 0.553   1.00 76.40  ? 130 GLU A CG  1 
ATOM 860  C CD  . GLU A 1 148 ? -4.643  -27.410 -0.759  1.00 86.11  ? 130 GLU A CD  1 
ATOM 861  O OE1 . GLU A 1 148 ? -5.897  -27.536 -0.795  1.00 94.20  ? 130 GLU A OE1 1 
ATOM 862  O OE2 . GLU A 1 148 ? -3.961  -27.028 -1.740  1.00 78.19  ? 130 GLU A OE2 1 
ATOM 863  N N   . LEU A 1 149 ? -6.757  -26.253 4.155   1.00 95.58  ? 131 LEU A N   1 
ATOM 864  C CA  . LEU A 1 149 ? -6.780  -25.228 5.186   1.00 87.24  ? 131 LEU A CA  1 
ATOM 865  C C   . LEU A 1 149 ? -6.570  -25.791 6.582   1.00 91.65  ? 131 LEU A C   1 
ATOM 866  O O   . LEU A 1 149 ? -5.995  -25.102 7.433   1.00 87.63  ? 131 LEU A O   1 
ATOM 867  C CB  . LEU A 1 149 ? -8.095  -24.456 5.122   1.00 88.49  ? 131 LEU A CB  1 
ATOM 868  C CG  . LEU A 1 149 ? -8.227  -23.365 4.059   1.00 82.86  ? 131 LEU A CG  1 
ATOM 869  C CD1 . LEU A 1 149 ? -6.990  -22.523 3.988   1.00 70.68  ? 131 LEU A CD1 1 
ATOM 870  C CD2 . LEU A 1 149 ? -8.476  -23.956 2.745   1.00 93.58  ? 131 LEU A CD2 1 
ATOM 871  N N   . GLN A 1 150 ? -7.012  -27.027 6.847   1.00 92.96  ? 132 GLN A N   1 
ATOM 872  C CA  . GLN A 1 150 ? -6.997  -27.504 8.230   1.00 98.44  ? 132 GLN A CA  1 
ATOM 873  C C   . GLN A 1 150 ? -5.581  -27.760 8.745   1.00 97.50  ? 132 GLN A C   1 
ATOM 874  O O   . GLN A 1 150 ? -5.293  -27.480 9.917   1.00 97.38  ? 132 GLN A O   1 
ATOM 875  C CB  . GLN A 1 150 ? -7.845  -28.766 8.401   1.00 105.27 ? 132 GLN A CB  1 
ATOM 876  C CG  . GLN A 1 150 ? -7.678  -29.371 9.808   1.00 105.84 ? 132 GLN A CG  1 
ATOM 877  C CD  . GLN A 1 150 ? -8.949  -29.974 10.359  1.00 107.87 ? 132 GLN A CD  1 
ATOM 878  O OE1 . GLN A 1 150 ? -9.312  -29.746 11.524  1.00 110.71 ? 132 GLN A OE1 1 
ATOM 879  N NE2 . GLN A 1 150 ? -9.628  -30.764 9.533   1.00 97.70  ? 132 GLN A NE2 1 
ATOM 880  N N   . GLU A 1 151 ? -4.683  -28.306 7.914   1.00 97.16  ? 133 GLU A N   1 
ATOM 881  C CA  . GLU A 1 151 ? -3.339  -28.551 8.431   1.00 100.03 ? 133 GLU A CA  1 
ATOM 882  C C   . GLU A 1 151 ? -2.393  -27.384 8.207   1.00 89.77  ? 133 GLU A C   1 
ATOM 883  O O   . GLU A 1 151 ? -1.319  -27.361 8.820   1.00 82.67  ? 133 GLU A O   1 
ATOM 884  C CB  . GLU A 1 151 ? -2.720  -29.836 7.840   1.00 101.94 ? 133 GLU A CB  1 
ATOM 885  C CG  . GLU A 1 151 ? -2.051  -30.701 8.932   1.00 105.60 ? 133 GLU A CG  1 
ATOM 886  C CD  . GLU A 1 151 ? -2.092  -32.189 8.632   1.00 111.79 ? 133 GLU A CD  1 
ATOM 887  O OE1 . GLU A 1 151 ? -1.307  -32.656 7.780   1.00 115.02 ? 133 GLU A OE1 1 
ATOM 888  O OE2 . GLU A 1 151 ? -2.934  -32.888 9.242   1.00 115.52 ? 133 GLU A OE2 1 
ATOM 889  N N   . ILE A 1 152 ? -2.776  -26.408 7.378   1.00 87.54  ? 134 ILE A N   1 
ATOM 890  C CA  . ILE A 1 152 ? -2.071  -25.131 7.379   1.00 77.44  ? 134 ILE A CA  1 
ATOM 891  C C   . ILE A 1 152 ? -2.261  -24.447 8.720   1.00 81.77  ? 134 ILE A C   1 
ATOM 892  O O   . ILE A 1 152 ? -1.317  -23.915 9.313   1.00 86.30  ? 134 ILE A O   1 
ATOM 893  C CB  . ILE A 1 152 ? -2.571  -24.244 6.236   1.00 76.59  ? 134 ILE A CB  1 
ATOM 894  C CG1 . ILE A 1 152 ? -2.064  -24.734 4.884   1.00 70.68  ? 134 ILE A CG1 1 
ATOM 895  C CG2 . ILE A 1 152 ? -2.112  -22.827 6.483   1.00 76.71  ? 134 ILE A CG2 1 
ATOM 896  C CD1 . ILE A 1 152 ? -2.489  -23.821 3.725   1.00 63.46  ? 134 ILE A CD1 1 
ATOM 897  N N   . GLY A 1 153 ? -3.486  -24.453 9.215   1.00 78.48  ? 135 GLY A N   1 
ATOM 898  C CA  . GLY A 1 153 ? -3.809  -23.860 10.483  1.00 81.06  ? 135 GLY A CA  1 
ATOM 899  C C   . GLY A 1 153 ? -4.757  -22.677 10.444  1.00 80.56  ? 135 GLY A C   1 
ATOM 900  O O   . GLY A 1 153 ? -4.742  -21.876 11.383  1.00 81.39  ? 135 GLY A O   1 
ATOM 901  N N   . VAL A 1 154 ? -5.563  -22.538 9.397   1.00 79.59  ? 136 VAL A N   1 
ATOM 902  C CA  . VAL A 1 154 ? -6.580  -21.499 9.328   1.00 80.13  ? 136 VAL A CA  1 
ATOM 903  C C   . VAL A 1 154 ? -7.904  -22.149 9.708   1.00 79.31  ? 136 VAL A C   1 
ATOM 904  O O   . VAL A 1 154 ? -8.519  -22.858 8.913   1.00 80.50  ? 136 VAL A O   1 
ATOM 905  C CB  . VAL A 1 154 ? -6.639  -20.838 7.950   1.00 76.63  ? 136 VAL A CB  1 
ATOM 906  C CG1 . VAL A 1 154 ? -7.516  -19.592 8.025   1.00 68.61  ? 136 VAL A CG1 1 
ATOM 907  C CG2 . VAL A 1 154 ? -5.222  -20.469 7.479   1.00 64.15  ? 136 VAL A CG2 1 
ATOM 908  N N   . ASN A 1 155 ? -8.345  -21.917 10.937  1.00 77.96  ? 137 ASN A N   1 
ATOM 909  C CA  . ASN A 1 155 ? -9.469  -22.675 11.451  1.00 83.02  ? 137 ASN A CA  1 
ATOM 910  C C   . ASN A 1 155 ? -10.684 -21.833 11.815  1.00 79.49  ? 137 ASN A C   1 
ATOM 911  O O   . ASN A 1 155 ? -11.795 -22.359 11.766  1.00 83.09  ? 137 ASN A O   1 
ATOM 912  C CB  . ASN A 1 155 ? -9.029  -23.524 12.660  1.00 91.09  ? 137 ASN A CB  1 
ATOM 913  C CG  . ASN A 1 155 ? -8.231  -24.776 12.245  1.00 89.92  ? 137 ASN A CG  1 
ATOM 914  O OD1 . ASN A 1 155 ? -8.211  -25.161 11.069  1.00 92.05  ? 137 ASN A OD1 1 
ATOM 915  N ND2 . ASN A 1 155 ? -7.613  -25.427 13.217  1.00 90.19  ? 137 ASN A ND2 1 
ATOM 916  N N   . LYS A 1 156 ? -10.518 -20.556 12.158  1.00 75.76  ? 138 LYS A N   1 
ATOM 917  C CA  . LYS A 1 156 ? -11.656 -19.644 12.227  1.00 65.52  ? 138 LYS A CA  1 
ATOM 918  C C   . LYS A 1 156 ? -12.300 -19.500 10.851  1.00 71.47  ? 138 LYS A C   1 
ATOM 919  O O   . LYS A 1 156 ? -11.648 -19.047 9.903   1.00 72.53  ? 138 LYS A O   1 
ATOM 920  C CB  . LYS A 1 156 ? -11.202 -18.280 12.741  1.00 66.21  ? 138 LYS A CB  1 
ATOM 921  C CG  . LYS A 1 156 ? -10.660 -18.278 14.173  1.00 65.45  ? 138 LYS A CG  1 
ATOM 922  C CD  . LYS A 1 156 ? -9.991  -16.948 14.512  1.00 60.85  ? 138 LYS A CD  1 
ATOM 923  C CE  . LYS A 1 156 ? -9.344  -17.001 15.875  1.00 60.10  ? 138 LYS A CE  1 
ATOM 924  N NZ  . LYS A 1 156 ? -10.221 -17.746 16.826  1.00 67.75  ? 138 LYS A NZ  1 
ATOM 925  N N   . LEU A 1 157 ? -13.592 -19.859 10.749  1.00 72.83  ? 139 LEU A N   1 
ATOM 926  C CA  . LEU A 1 157 ? -14.256 -19.924 9.443   1.00 68.56  ? 139 LEU A CA  1 
ATOM 927  C C   . LEU A 1 157 ? -14.296 -18.566 8.743   1.00 65.68  ? 139 LEU A C   1 
ATOM 928  O O   . LEU A 1 157 ? -14.340 -18.504 7.507   1.00 70.24  ? 139 LEU A O   1 
ATOM 929  C CB  . LEU A 1 157 ? -15.675 -20.495 9.595   1.00 68.34  ? 139 LEU A CB  1 
ATOM 930  C CG  . LEU A 1 157 ? -16.665 -20.305 8.413   1.00 76.33  ? 139 LEU A CG  1 
ATOM 931  C CD1 . LEU A 1 157 ? -16.210 -21.020 7.141   1.00 71.68  ? 139 LEU A CD1 1 
ATOM 932  C CD2 . LEU A 1 157 ? -18.152 -20.647 8.741   1.00 69.20  ? 139 LEU A CD2 1 
ATOM 933  N N   . GLY A 1 158 ? -14.283 -17.469 9.490   1.00 60.22  ? 140 GLY A N   1 
ATOM 934  C CA  . GLY A 1 158 ? -14.293 -16.170 8.836   1.00 61.83  ? 140 GLY A CA  1 
ATOM 935  C C   . GLY A 1 158 ? -12.975 -15.857 8.158   1.00 66.42  ? 140 GLY A C   1 
ATOM 936  O O   . GLY A 1 158 ? -12.946 -15.316 7.044   1.00 62.37  ? 140 GLY A O   1 
ATOM 937  N N   . HIS A 1 159 ? -11.866 -16.179 8.831   1.00 68.40  ? 141 HIS A N   1 
ATOM 938  C CA  . HIS A 1 159 ? -10.559 -16.096 8.197   1.00 61.49  ? 141 HIS A CA  1 
ATOM 939  C C   . HIS A 1 159 ? -10.459 -17.080 7.039   1.00 65.87  ? 141 HIS A C   1 
ATOM 940  O O   . HIS A 1 159 ? -9.958  -16.723 5.961   1.00 64.47  ? 141 HIS A O   1 
ATOM 941  C CB  . HIS A 1 159 ? -9.473  -16.327 9.235   1.00 61.75  ? 141 HIS A CB  1 
ATOM 942  C CG  . HIS A 1 159 ? -9.394  -15.242 10.260  1.00 67.46  ? 141 HIS A CG  1 
ATOM 943  N ND1 . HIS A 1 159 ? -8.941  -15.458 11.546  1.00 66.31  ? 141 HIS A ND1 1 
ATOM 944  C CD2 . HIS A 1 159 ? -9.708  -13.925 10.189  1.00 67.00  ? 141 HIS A CD2 1 
ATOM 945  C CE1 . HIS A 1 159 ? -8.989  -14.322 12.223  1.00 66.47  ? 141 HIS A CE1 1 
ATOM 946  N NE2 . HIS A 1 159 ? -9.453  -13.376 11.424  1.00 62.79  ? 141 HIS A NE2 1 
ATOM 947  N N   . GLN A 1 160 ? -10.979 -18.305 7.218   1.00 57.30  ? 142 GLN A N   1 
ATOM 948  C CA  . GLN A 1 160 ? -11.101 -19.231 6.089   1.00 60.55  ? 142 GLN A CA  1 
ATOM 949  C C   . GLN A 1 160 ? -11.784 -18.573 4.885   1.00 62.79  ? 142 GLN A C   1 
ATOM 950  O O   . GLN A 1 160 ? -11.203 -18.495 3.796   1.00 61.42  ? 142 GLN A O   1 
ATOM 951  C CB  . GLN A 1 160 ? -11.851 -20.494 6.508   1.00 58.66  ? 142 GLN A CB  1 
ATOM 952  C CG  . GLN A 1 160 ? -10.951 -21.624 6.870   1.00 66.47  ? 142 GLN A CG  1 
ATOM 953  C CD  . GLN A 1 160 ? -11.704 -22.863 7.310   1.00 74.80  ? 142 GLN A CD  1 
ATOM 954  O OE1 . GLN A 1 160 ? -11.420 -23.425 8.365   1.00 81.35  ? 142 GLN A OE1 1 
ATOM 955  N NE2 . GLN A 1 160 ? -12.656 -23.304 6.502   1.00 76.09  ? 142 GLN A NE2 1 
ATOM 956  N N   . LYS A 1 161 ? -13.014 -18.076 5.062   1.00 63.15  ? 143 LYS A N   1 
ATOM 957  C CA  . LYS A 1 161 ? -13.748 -17.533 3.918   1.00 64.60  ? 143 LYS A CA  1 
ATOM 958  C C   . LYS A 1 161 ? -13.041 -16.314 3.339   1.00 62.92  ? 143 LYS A C   1 
ATOM 959  O O   . LYS A 1 161 ? -12.865 -16.205 2.116   1.00 59.81  ? 143 LYS A O   1 
ATOM 960  C CB  . LYS A 1 161 ? -15.185 -17.186 4.313   1.00 66.83  ? 143 LYS A CB  1 
ATOM 961  C CG  . LYS A 1 161 ? -16.095 -18.394 4.556   1.00 73.86  ? 143 LYS A CG  1 
ATOM 962  C CD  . LYS A 1 161 ? -16.634 -19.008 3.257   1.00 69.30  ? 143 LYS A CD  1 
ATOM 963  C CE  . LYS A 1 161 ? -17.610 -20.146 3.562   1.00 74.81  ? 143 LYS A CE  1 
ATOM 964  N NZ  . LYS A 1 161 ? -18.177 -20.800 2.351   1.00 73.73  ? 143 LYS A NZ  1 
ATOM 965  N N   . LYS A 1 162 ? -12.607 -15.391 4.201   1.00 60.17  ? 144 LYS A N   1 
ATOM 966  C CA  . LYS A 1 162 ? -11.966 -14.182 3.692   1.00 64.00  ? 144 LYS A CA  1 
ATOM 967  C C   . LYS A 1 162 ? -10.782 -14.536 2.791   1.00 66.69  ? 144 LYS A C   1 
ATOM 968  O O   . LYS A 1 162 ? -10.672 -14.049 1.653   1.00 62.54  ? 144 LYS A O   1 
ATOM 969  C CB  . LYS A 1 162 ? -11.539 -13.294 4.859   1.00 60.23  ? 144 LYS A CB  1 
ATOM 970  C CG  . LYS A 1 162 ? -10.774 -12.079 4.453   1.00 53.92  ? 144 LYS A CG  1 
ATOM 971  C CD  . LYS A 1 162 ? -11.041 -10.876 5.376   1.00 74.91  ? 144 LYS A CD  1 
ATOM 972  C CE  . LYS A 1 162 ? -10.662 -11.053 6.840   1.00 70.37  ? 144 LYS A CE  1 
ATOM 973  N NZ  . LYS A 1 162 ? -10.305 -9.690  7.392   1.00 71.50  ? 144 LYS A NZ  1 
ATOM 974  N N   . LEU A 1 163 ? -9.921  -15.441 3.264   1.00 60.47  ? 145 LEU A N   1 
ATOM 975  C CA  . LEU A 1 163 ? -8.748  -15.850 2.495   1.00 60.90  ? 145 LEU A CA  1 
ATOM 976  C C   . LEU A 1 163 ? -9.137  -16.508 1.169   1.00 63.81  ? 145 LEU A C   1 
ATOM 977  O O   . LEU A 1 163 ? -8.620  -16.134 0.106   1.00 58.06  ? 145 LEU A O   1 
ATOM 978  C CB  . LEU A 1 163 ? -7.897  -16.791 3.350   1.00 61.90  ? 145 LEU A CB  1 
ATOM 979  C CG  . LEU A 1 163 ? -6.626  -17.424 2.798   1.00 58.62  ? 145 LEU A CG  1 
ATOM 980  C CD1 . LEU A 1 163 ? -5.595  -16.389 2.324   1.00 56.08  ? 145 LEU A CD1 1 
ATOM 981  C CD2 . LEU A 1 163 ? -6.052  -18.285 3.884   1.00 60.94  ? 145 LEU A CD2 1 
ATOM 982  N N   . MET A 1 164 ? -10.058 -17.484 1.200   1.00 58.29  ? 146 MET A N   1 
ATOM 983  C CA  . MET A 1 164 ? -10.401 -18.163 -0.045  1.00 61.35  ? 146 MET A CA  1 
ATOM 984  C C   . MET A 1 164 ? -11.115 -17.246 -1.048  1.00 66.08  ? 146 MET A C   1 
ATOM 985  O O   . MET A 1 164 ? -10.933 -17.413 -2.261  1.00 62.68  ? 146 MET A O   1 
ATOM 986  C CB  . MET A 1 164 ? -11.208 -19.420 0.253   1.00 65.97  ? 146 MET A CB  1 
ATOM 987  C CG  . MET A 1 164 ? -10.405 -20.501 1.050   1.00 72.62  ? 146 MET A CG  1 
ATOM 988  S SD  . MET A 1 164 ? -8.940  -21.202 0.243   1.00 66.41  ? 146 MET A SD  1 
ATOM 989  C CE  . MET A 1 164 ? -9.473  -21.105 -1.495  1.00 58.92  ? 146 MET A CE  1 
ATOM 990  N N   . LEU A 1 165 ? -11.885 -16.247 -0.586  1.00 66.25  ? 147 LEU A N   1 
ATOM 991  C CA  . LEU A 1 165 ? -12.373 -15.239 -1.525  1.00 58.34  ? 147 LEU A CA  1 
ATOM 992  C C   . LEU A 1 165 ? -11.217 -14.466 -2.132  1.00 62.84  ? 147 LEU A C   1 
ATOM 993  O O   . LEU A 1 165 ? -11.262 -14.080 -3.303  1.00 68.61  ? 147 LEU A O   1 
ATOM 994  C CB  . LEU A 1 165 ? -13.349 -14.270 -0.850  1.00 70.91  ? 147 LEU A CB  1 
ATOM 995  C CG  . LEU A 1 165 ? -13.767 -13.030 -1.689  1.00 76.37  ? 147 LEU A CG  1 
ATOM 996  C CD1 . LEU A 1 165 ? -14.507 -13.404 -2.971  1.00 71.15  ? 147 LEU A CD1 1 
ATOM 997  C CD2 . LEU A 1 165 ? -14.593 -12.030 -0.904  1.00 80.48  ? 147 LEU A CD2 1 
ATOM 998  N N   . GLY A 1 166 ? -10.177 -14.204 -1.343  1.00 64.36  ? 148 GLY A N   1 
ATOM 999  C CA  . GLY A 1 166 ? -9.016  -13.534 -1.896  1.00 65.58  ? 148 GLY A CA  1 
ATOM 1000 C C   . GLY A 1 166 ? -8.301  -14.400 -2.911  1.00 64.79  ? 148 GLY A C   1 
ATOM 1001 O O   . GLY A 1 166 ? -7.846  -13.911 -3.943  1.00 60.11  ? 148 GLY A O   1 
ATOM 1002 N N   . VAL A 1 167 ? -8.205  -15.703 -2.634  1.00 63.10  ? 149 VAL A N   1 
ATOM 1003 C CA  . VAL A 1 167 ? -7.595  -16.625 -3.585  1.00 61.96  ? 149 VAL A CA  1 
ATOM 1004 C C   . VAL A 1 167 ? -8.409  -16.676 -4.860  1.00 66.37  ? 149 VAL A C   1 
ATOM 1005 O O   . VAL A 1 167 ? -7.888  -16.462 -5.964  1.00 66.34  ? 149 VAL A O   1 
ATOM 1006 C CB  . VAL A 1 167 ? -7.465  -18.027 -2.971  1.00 65.64  ? 149 VAL A CB  1 
ATOM 1007 C CG1 . VAL A 1 167 ? -7.096  -19.026 -4.054  1.00 58.21  ? 149 VAL A CG1 1 
ATOM 1008 C CG2 . VAL A 1 167 ? -6.432  -18.018 -1.863  1.00 60.43  ? 149 VAL A CG2 1 
ATOM 1009 N N   . LYS A 1 168 ? -9.707  -16.966 -4.719  1.00 69.54  ? 150 LYS A N   1 
ATOM 1010 C CA  . LYS A 1 168 ? -10.598 -17.113 -5.869  1.00 75.61  ? 150 LYS A CA  1 
ATOM 1011 C C   . LYS A 1 168 ? -10.457 -15.947 -6.835  1.00 68.35  ? 150 LYS A C   1 
ATOM 1012 O O   . LYS A 1 168 ? -10.265 -16.131 -8.043  1.00 71.43  ? 150 LYS A O   1 
ATOM 1013 C CB  . LYS A 1 168 ? -12.039 -17.243 -5.373  1.00 81.77  ? 150 LYS A CB  1 
ATOM 1014 C CG  . LYS A 1 168 ? -13.069 -17.600 -6.423  1.00 87.08  ? 150 LYS A CG  1 
ATOM 1015 C CD  . LYS A 1 168 ? -13.994 -16.429 -6.725  1.00 89.76  ? 150 LYS A CD  1 
ATOM 1016 C CE  . LYS A 1 168 ? -15.376 -16.937 -7.129  1.00 100.09 ? 150 LYS A CE  1 
ATOM 1017 N NZ  . LYS A 1 168 ? -15.296 -18.097 -8.079  1.00 98.10  ? 150 LYS A NZ  1 
ATOM 1018 N N   . ARG A 1 169 ? -10.500 -14.740 -6.315  1.00 66.05  ? 151 ARG A N   1 
ATOM 1019 C CA  . ARG A 1 169 ? -10.458 -13.598 -7.195  1.00 69.82  ? 151 ARG A CA  1 
ATOM 1020 C C   . ARG A 1 169 ? -9.044  -13.192 -7.544  1.00 71.29  ? 151 ARG A C   1 
ATOM 1021 O O   . ARG A 1 169 ? -8.848  -12.360 -8.437  1.00 74.59  ? 151 ARG A O   1 
ATOM 1022 C CB  . ARG A 1 169 ? -11.246 -12.449 -6.572  1.00 74.47  ? 151 ARG A CB  1 
ATOM 1023 C CG  . ARG A 1 169 ? -10.525 -11.538 -5.673  1.00 70.69  ? 151 ARG A CG  1 
ATOM 1024 C CD  . ARG A 1 169 ? -11.573 -10.672 -5.023  1.00 77.95  ? 151 ARG A CD  1 
ATOM 1025 N NE  . ARG A 1 169 ? -12.699 -10.377 -5.903  1.00 83.24  ? 151 ARG A NE  1 
ATOM 1026 C CZ  . ARG A 1 169 ? -12.933 -9.195  -6.463  1.00 84.49  ? 151 ARG A CZ  1 
ATOM 1027 N NH1 . ARG A 1 169 ? -12.116 -8.172  -6.237  1.00 81.46  ? 151 ARG A NH1 1 
ATOM 1028 N NH2 . ARG A 1 169 ? -13.996 -9.035  -7.242  1.00 85.15  ? 151 ARG A NH2 1 
ATOM 1029 N N   . LEU A 1 170 ? -8.054  -13.779 -6.884  1.00 74.37  ? 152 LEU A N   1 
ATOM 1030 C CA  . LEU A 1 170 ? -6.688  -13.631 -7.361  1.00 68.34  ? 152 LEU A CA  1 
ATOM 1031 C C   . LEU A 1 170 ? -6.488  -14.469 -8.609  1.00 67.71  ? 152 LEU A C   1 
ATOM 1032 O O   . LEU A 1 170 ? -5.887  -14.007 -9.584  1.00 69.87  ? 152 LEU A O   1 
ATOM 1033 C CB  . LEU A 1 170 ? -5.708  -14.021 -6.257  1.00 64.77  ? 152 LEU A CB  1 
ATOM 1034 C CG  . LEU A 1 170 ? -4.215  -13.996 -6.587  1.00 65.61  ? 152 LEU A CG  1 
ATOM 1035 C CD1 . LEU A 1 170 ? -3.680  -12.600 -6.807  1.00 52.45  ? 152 LEU A CD1 1 
ATOM 1036 C CD2 . LEU A 1 170 ? -3.427  -14.727 -5.527  1.00 55.64  ? 152 LEU A CD2 1 
ATOM 1037 N N   . ALA A 1 171 ? -7.037  -15.688 -8.609  1.00 69.80  ? 153 ALA A N   1 
ATOM 1038 C CA  . ALA A 1 171 ? -7.066  -16.499 -9.823  1.00 71.19  ? 153 ALA A CA  1 
ATOM 1039 C C   . ALA A 1 171 ? -7.771  -15.762 -10.950 1.00 80.78  ? 153 ALA A C   1 
ATOM 1040 O O   . ALA A 1 171 ? -7.213  -15.581 -12.037 1.00 82.25  ? 153 ALA A O   1 
ATOM 1041 C CB  . ALA A 1 171 ? -7.748  -17.832 -9.543  1.00 68.06  ? 153 ALA A CB  1 
ATOM 1042 N N   . GLU A 1 172 ? -8.995  -15.300 -10.695 1.00 82.05  ? 154 GLU A N   1 
ATOM 1043 C CA  . GLU A 1 172 ? -9.729  -14.502 -11.671 1.00 82.01  ? 154 GLU A CA  1 
ATOM 1044 C C   . GLU A 1 172 ? -8.886  -13.375 -12.248 1.00 74.57  ? 154 GLU A C   1 
ATOM 1045 O O   . GLU A 1 172 ? -9.120  -12.959 -13.388 1.00 85.51  ? 154 GLU A O   1 
ATOM 1046 C CB  . GLU A 1 172 ? -10.981 -13.918 -11.043 1.00 89.81  ? 154 GLU A CB  1 
ATOM 1047 C CG  . GLU A 1 172 ? -12.132 -14.905 -10.770 1.00 89.50  ? 154 GLU A CG  1 
ATOM 1048 C CD  . GLU A 1 172 ? -13.327 -14.206 -10.110 1.00 93.66  ? 154 GLU A CD  1 
ATOM 1049 O OE1 . GLU A 1 172 ? -13.404 -12.949 -10.215 1.00 88.99  ? 154 GLU A OE1 1 
ATOM 1050 O OE2 . GLU A 1 172 ? -14.172 -14.897 -9.486  1.00 94.22  ? 154 GLU A OE2 1 
ATOM 1051 N N   . LEU A 1 173 ? -7.909  -12.862 -11.499 1.00 75.85  ? 155 LEU A N   1 
ATOM 1052 C CA  . LEU A 1 173 ? -7.086  -11.788 -12.047 1.00 76.80  ? 155 LEU A CA  1 
ATOM 1053 C C   . LEU A 1 173 ? -5.928  -12.316 -12.869 1.00 80.76  ? 155 LEU A C   1 
ATOM 1054 O O   . LEU A 1 173 ? -5.476  -11.631 -13.795 1.00 80.42  ? 155 LEU A O   1 
ATOM 1055 C CB  . LEU A 1 173 ? -6.536  -10.898 -10.946 1.00 68.50  ? 155 LEU A CB  1 
ATOM 1056 C CG  . LEU A 1 173 ? -5.639  -9.758  -11.424 1.00 65.20  ? 155 LEU A CG  1 
ATOM 1057 C CD1 . LEU A 1 173 ? -6.462  -8.688  -12.098 1.00 79.01  ? 155 LEU A CD1 1 
ATOM 1058 C CD2 . LEU A 1 173 ? -4.842  -9.160  -10.282 1.00 65.16  ? 155 LEU A CD2 1 
ATOM 1059 N N   . ARG A 1 174 ? -5.412  -13.506 -12.562 1.00 74.18  ? 156 ARG A N   1 
ATOM 1060 C CA  . ARG A 1 174 ? -4.332  -14.005 -13.404 1.00 84.37  ? 156 ARG A CA  1 
ATOM 1061 C C   . ARG A 1 174 ? -4.850  -14.334 -14.802 1.00 89.87  ? 156 ARG A C   1 
ATOM 1062 O O   . ARG A 1 174 ? -4.305  -13.839 -15.798 1.00 89.90  ? 156 ARG A O   1 
ATOM 1063 C CB  . ARG A 1 174 ? -3.619  -15.198 -12.763 1.00 76.33  ? 156 ARG A CB  1 
ATOM 1064 C CG  . ARG A 1 174 ? -4.360  -16.506 -12.768 1.00 78.38  ? 156 ARG A CG  1 
ATOM 1065 C CD  . ARG A 1 174 ? -3.422  -17.581 -12.333 1.00 63.89  ? 156 ARG A CD  1 
ATOM 1066 N NE  . ARG A 1 174 ? -4.117  -18.752 -11.851 1.00 57.88  ? 156 ARG A NE  1 
ATOM 1067 C CZ  . ARG A 1 174 ? -3.549  -19.682 -11.106 1.00 65.02  ? 156 ARG A CZ  1 
ATOM 1068 N NH1 . ARG A 1 174 ? -2.271  -19.558 -10.753 1.00 65.91  ? 156 ARG A NH1 1 
ATOM 1069 N NH2 . ARG A 1 174 ? -4.268  -20.725 -10.706 1.00 67.77  ? 156 ARG A NH2 1 
ATOM 1070 N N   . ARG A 1 175 ? -5.947  -15.107 -14.898 1.00 87.31  ? 157 ARG A N   1 
ATOM 1071 C CA  . ARG A 1 175 ? -6.484  -15.448 -16.212 1.00 87.83  ? 157 ARG A CA  1 
ATOM 1072 C C   . ARG A 1 175 ? -6.794  -14.195 -17.006 1.00 91.83  ? 157 ARG A C   1 
ATOM 1073 O O   . ARG A 1 175 ? -6.740  -14.213 -18.243 1.00 101.03 ? 157 ARG A O   1 
ATOM 1074 C CB  . ARG A 1 175 ? -7.719  -16.333 -16.079 1.00 84.51  ? 157 ARG A CB  1 
ATOM 1075 C CG  . ARG A 1 175 ? -9.047  -15.618 -16.250 1.00 93.90  ? 157 ARG A CG  1 
ATOM 1076 C CD  . ARG A 1 175 ? -10.198 -16.421 -15.631 1.00 98.26  ? 157 ARG A CD  1 
ATOM 1077 N NE  . ARG A 1 175 ? -9.934  -16.738 -14.226 1.00 97.54  ? 157 ARG A NE  1 
ATOM 1078 C CZ  . ARG A 1 175 ? -9.400  -17.885 -13.809 1.00 99.45  ? 157 ARG A CZ  1 
ATOM 1079 N NH1 . ARG A 1 175 ? -9.080  -18.835 -14.686 1.00 96.98  ? 157 ARG A NH1 1 
ATOM 1080 N NH2 . ARG A 1 175 ? -9.180  -18.082 -12.514 1.00 97.13  ? 157 ARG A NH2 1 
ATOM 1081 N N   . GLY A 1 176 ? -7.044  -13.089 -16.313 1.00 90.68  ? 158 GLY A N   1 
ATOM 1082 C CA  . GLY A 1 176 ? -7.231  -11.794 -16.933 1.00 94.67  ? 158 GLY A CA  1 
ATOM 1083 C C   . GLY A 1 176 ? -6.076  -11.355 -17.805 1.00 94.52  ? 158 GLY A C   1 
ATOM 1084 O O   . GLY A 1 176 ? -6.195  -10.369 -18.546 1.00 97.00  ? 158 GLY A O   1 
ATOM 1085 N N   . LEU A 1 177 ? -4.954  -12.065 -17.747 1.00 100.39 ? 159 LEU A N   1 
ATOM 1086 C CA  . LEU A 1 177 ? -3.849  -11.804 -18.660 1.00 106.06 ? 159 LEU A CA  1 
ATOM 1087 C C   . LEU A 1 177 ? -3.668  -12.977 -19.624 1.00 109.90 ? 159 LEU A C   1 
ATOM 1088 O O   . LEU A 1 177 ? -3.448  -14.124 -19.199 1.00 99.51  ? 159 LEU A O   1 
ATOM 1089 C CB  . LEU A 1 177 ? -2.560  -11.507 -17.901 1.00 88.96  ? 159 LEU A CB  1 
ATOM 1090 C CG  . LEU A 1 177 ? -1.577  -10.784 -18.809 1.00 91.94  ? 159 LEU A CG  1 
ATOM 1091 C CD1 . LEU A 1 177 ? -2.232  -9.897  -19.842 1.00 93.54  ? 159 LEU A CD1 1 
ATOM 1092 C CD2 . LEU A 1 177 ? -0.868  -9.889  -17.893 1.00 89.54  ? 159 LEU A CD2 1 
ATOM 1093 N N   . LEU A 1 178 ? -3.725  -12.658 -20.923 1.00 109.78 ? 160 LEU A N   1 
ATOM 1094 C CA  . LEU A 1 178 ? -3.998  -13.603 -21.992 1.00 106.94 ? 160 LEU A CA  1 
ATOM 1095 C C   . LEU A 1 178 ? -3.043  -13.359 -23.166 1.00 107.47 ? 160 LEU A C   1 
ATOM 1096 O O   . LEU A 1 178 ? -2.522  -12.251 -23.357 1.00 99.39  ? 160 LEU A O   1 
ATOM 1097 C CB  . LEU A 1 178 ? -5.471  -13.477 -22.414 1.00 95.64  ? 160 LEU A CB  1 
ATOM 1098 C CG  . LEU A 1 178 ? -6.289  -14.704 -22.811 1.00 101.04 ? 160 LEU A CG  1 
ATOM 1099 C CD1 . LEU A 1 178 ? -6.215  -15.833 -21.771 1.00 102.02 ? 160 LEU A CD1 1 
ATOM 1100 C CD2 . LEU A 1 178 ? -7.728  -14.256 -23.005 1.00 95.31  ? 160 LEU A CD2 1 
# 
loop_
_pdbx_poly_seq_scheme.asym_id 
_pdbx_poly_seq_scheme.entity_id 
_pdbx_poly_seq_scheme.seq_id 
_pdbx_poly_seq_scheme.mon_id 
_pdbx_poly_seq_scheme.ndb_seq_num 
_pdbx_poly_seq_scheme.pdb_seq_num 
_pdbx_poly_seq_scheme.auth_seq_num 
_pdbx_poly_seq_scheme.pdb_mon_id 
_pdbx_poly_seq_scheme.auth_mon_id 
_pdbx_poly_seq_scheme.pdb_strand_id 
_pdbx_poly_seq_scheme.pdb_ins_code 
_pdbx_poly_seq_scheme.hetero 
A 1 1   GLY 1   -17 ?   ?   ?   A . n 
A 1 2   SER 2   -16 ?   ?   ?   A . n 
A 1 3   SER 3   -15 ?   ?   ?   A . n 
A 1 4   HIS 4   -14 ?   ?   ?   A . n 
A 1 5   HIS 5   -13 ?   ?   ?   A . n 
A 1 6   HIS 6   -12 ?   ?   ?   A . n 
A 1 7   HIS 7   -11 ?   ?   ?   A . n 
A 1 8   HIS 8   -10 ?   ?   ?   A . n 
A 1 9   HIS 9   -9  ?   ?   ?   A . n 
A 1 10  SER 10  -8  ?   ?   ?   A . n 
A 1 11  SER 11  -7  ?   ?   ?   A . n 
A 1 12  GLY 12  -6  ?   ?   ?   A . n 
A 1 13  LEU 13  -5  ?   ?   ?   A . n 
A 1 14  VAL 14  -4  ?   ?   ?   A . n 
A 1 15  PRO 15  -3  ?   ?   ?   A . n 
A 1 16  ARG 16  -2  ?   ?   ?   A . n 
A 1 17  GLY 17  -1  ?   ?   ?   A . n 
A 1 18  SER 18  0   ?   ?   ?   A . n 
A 1 19  HIS 19  1   ?   ?   ?   A . n 
A 1 20  MET 20  2   ?   ?   ?   A . n 
A 1 21  ALA 21  3   ?   ?   ?   A . n 
A 1 22  SER 22  4   ?   ?   ?   A . n 
A 1 23  MET 23  5   ?   ?   ?   A . n 
A 1 24  THR 24  6   ?   ?   ?   A . n 
A 1 25  GLY 25  7   ?   ?   ?   A . n 
A 1 26  GLY 26  8   ?   ?   ?   A . n 
A 1 27  GLN 27  9   ?   ?   ?   A . n 
A 1 28  GLN 28  10  ?   ?   ?   A . n 
A 1 29  GLY 29  11  ?   ?   ?   A . n 
A 1 30  SER 30  12  ?   ?   ?   A . n 
A 1 31  MET 31  13  ?   ?   ?   A . n 
A 1 32  GLY 32  14  ?   ?   ?   A . n 
A 1 33  ARG 33  15  ?   ?   ?   A . n 
A 1 34  GLU 34  16  ?   ?   ?   A . n 
A 1 35  GLN 35  17  ?   ?   ?   A . n 
A 1 36  LEU 36  18  ?   ?   ?   A . n 
A 1 37  LEU 37  19  ?   ?   ?   A . n 
A 1 38  GLU 38  20  ?   ?   ?   A . n 
A 1 39  GLY 39  21  21  GLY GLY A . n 
A 1 40  LYS 40  22  22  LYS ALA A . n 
A 1 41  ASP 41  23  23  ASP ASP A . n 
A 1 42  ALA 42  24  24  ALA ALA A . n 
A 1 43  GLN 43  25  25  GLN GLN A . n 
A 1 44  ALA 44  26  26  ALA ALA A . n 
A 1 45  ILE 45  27  27  ILE ILE A . n 
A 1 46  HIS 46  28  28  HIS HIS A . n 
A 1 47  ASN 47  29  29  ASN ASN A . n 
A 1 48  TRP 48  30  30  TRP TRP A . n 
A 1 49  LEU 49  31  31  LEU LEU A . n 
A 1 50  SER 50  32  32  SER SER A . n 
A 1 51  GLU 51  33  33  GLU GLU A . n 
A 1 52  PHE 52  34  34  PHE PHE A . n 
A 1 53  GLN 53  35  35  GLN GLN A . n 
A 1 54  LEU 54  36  36  LEU LEU A . n 
A 1 55  GLU 55  37  37  GLU GLU A . n 
A 1 56  GLY 56  38  38  GLY GLY A . n 
A 1 57  TYR 57  39  39  TYR TYR A . n 
A 1 58  THR 58  40  40  THR THR A . n 
A 1 59  ALA 59  41  41  ALA ALA A . n 
A 1 60  HIS 60  42  42  HIS HIS A . n 
A 1 61  PHE 61  43  43  PHE PHE A . n 
A 1 62  LEU 62  44  44  LEU LEU A . n 
A 1 63  GLN 63  45  45  GLN GLN A . n 
A 1 64  ALA 64  46  46  ALA ALA A . n 
A 1 65  GLY 65  47  47  GLY GLY A . n 
A 1 66  TYR 66  48  48  TYR TYR A . n 
A 1 67  ASP 67  49  49  ASP ASP A . n 
A 1 68  VAL 68  50  50  VAL VAL A . n 
A 1 69  PRO 69  51  51  PRO PRO A . n 
A 1 70  THR 70  52  52  THR THR A . n 
A 1 71  ILE 71  53  53  ILE ILE A . n 
A 1 72  SER 72  54  54  SER SER A . n 
A 1 73  ARG 73  55  55  ARG ARG A . n 
A 1 74  MET 74  56  56  MET MET A . n 
A 1 75  THR 75  57  57  THR THR A . n 
A 1 76  PRO 76  58  58  PRO PRO A . n 
A 1 77  GLU 77  59  59  GLU GLU A . n 
A 1 78  ASP 78  60  60  ASP ASP A . n 
A 1 79  LEU 79  61  61  LEU LEU A . n 
A 1 80  THR 80  62  62  THR THR A . n 
A 1 81  ALA 81  63  63  ALA ALA A . n 
A 1 82  ILE 82  64  64  ILE ILE A . n 
A 1 83  GLY 83  65  65  GLY GLY A . n 
A 1 84  VAL 84  66  66  VAL VAL A . n 
A 1 85  THR 85  67  67  THR THR A . n 
A 1 86  LYS 86  68  68  LYS LYS A . n 
A 1 87  PRO 87  69  69  PRO PRO A . n 
A 1 88  GLY 88  70  70  GLY GLY A . n 
A 1 89  HIS 89  71  71  HIS HIS A . n 
A 1 90  ARG 90  72  72  ARG ARG A . n 
A 1 91  LYS 91  73  73  LYS LYS A . n 
A 1 92  LYS 92  74  74  LYS LYS A . n 
A 1 93  ILE 93  75  75  ILE ILE A . n 
A 1 94  ALA 94  76  76  ALA ALA A . n 
A 1 95  SER 95  77  77  SER SER A . n 
A 1 96  GLU 96  78  78  GLU GLU A . n 
A 1 97  ILE 97  79  79  ILE ILE A . n 
A 1 98  ALA 98  80  80  ALA ALA A . n 
A 1 99  GLN 99  81  81  GLN GLN A . n 
A 1 100 LEU 100 82  82  LEU LEU A . n 
A 1 101 SER 101 83  83  SER SER A . n 
A 1 102 ILE 102 84  84  ILE ILE A . n 
A 1 103 ALA 103 85  85  ALA ALA A . n 
A 1 104 GLU 104 86  86  GLU GLU A . n 
A 1 105 TRP 105 87  87  TRP TRP A . n 
A 1 106 LEU 106 88  88  LEU LEU A . n 
A 1 107 PRO 107 89  89  PRO PRO A . n 
A 1 108 SER 108 90  90  SER SER A . n 
A 1 109 TYR 109 91  91  TYR TYR A . n 
A 1 110 ILE 110 92  92  ILE ILE A . n 
A 1 111 PRO 111 93  93  PRO PRO A . n 
A 1 112 THR 112 94  94  THR THR A . n 
A 1 113 ASP 113 95  95  ASP ASP A . n 
A 1 114 LEU 114 96  96  LEU LEU A . n 
A 1 115 LEU 115 97  97  LEU LEU A . n 
A 1 116 GLU 116 98  98  GLU GLU A . n 
A 1 117 TRP 117 99  99  TRP TRP A . n 
A 1 118 LEU 118 100 100 LEU LEU A . n 
A 1 119 CYS 119 101 101 CYS CYS A . n 
A 1 120 ALA 120 102 102 ALA ALA A . n 
A 1 121 LEU 121 103 103 LEU LEU A . n 
A 1 122 GLY 122 104 104 GLY GLY A . n 
A 1 123 LEU 123 105 105 LEU LEU A . n 
A 1 124 PRO 124 106 106 PRO PRO A . n 
A 1 125 GLN 125 107 107 GLN GLN A . n 
A 1 126 TYR 126 108 108 TYR TYR A . n 
A 1 127 HIS 127 109 109 HIS HIS A . n 
A 1 128 LYS 128 110 110 LYS LYS A . n 
A 1 129 GLN 129 111 111 GLN GLN A . n 
A 1 130 LEU 130 112 112 LEU LEU A . n 
A 1 131 VAL 131 113 113 VAL VAL A . n 
A 1 132 SER 132 114 114 SER SER A . n 
A 1 133 SER 133 115 115 SER SER A . n 
A 1 134 GLY 134 116 116 GLY GLY A . n 
A 1 135 TYR 135 117 117 TYR TYR A . n 
A 1 136 ASP 136 118 118 ASP ASP A . n 
A 1 137 SER 137 119 119 SER SER A . n 
A 1 138 MET 138 120 120 MET MET A . n 
A 1 139 GLY 139 121 121 GLY GLY A . n 
A 1 140 LEU 140 122 122 LEU LEU A . n 
A 1 141 VAL 141 123 123 VAL VAL A . n 
A 1 142 ALA 142 124 124 ALA ALA A . n 
A 1 143 ASP 143 125 125 ASP ASP A . n 
A 1 144 LEU 144 126 126 LEU LEU A . n 
A 1 145 THR 145 127 127 THR THR A . n 
A 1 146 TRP 146 128 128 TRP TRP A . n 
A 1 147 GLU 147 129 129 GLU GLU A . n 
A 1 148 GLU 148 130 130 GLU GLU A . n 
A 1 149 LEU 149 131 131 LEU LEU A . n 
A 1 150 GLN 150 132 132 GLN GLN A . n 
A 1 151 GLU 151 133 133 GLU GLU A . n 
A 1 152 ILE 152 134 134 ILE ILE A . n 
A 1 153 GLY 153 135 135 GLY GLY A . n 
A 1 154 VAL 154 136 136 VAL VAL A . n 
A 1 155 ASN 155 137 137 ASN ASN A . n 
A 1 156 LYS 156 138 138 LYS LYS A . n 
A 1 157 LEU 157 139 139 LEU LEU A . n 
A 1 158 GLY 158 140 140 GLY GLY A . n 
A 1 159 HIS 159 141 141 HIS HIS A . n 
A 1 160 GLN 160 142 142 GLN GLN A . n 
A 1 161 LYS 161 143 143 LYS LYS A . n 
A 1 162 LYS 162 144 144 LYS LYS A . n 
A 1 163 LEU 163 145 145 LEU LEU A . n 
A 1 164 MET 164 146 146 MET MET A . n 
A 1 165 LEU 165 147 147 LEU LEU A . n 
A 1 166 GLY 166 148 148 GLY GLY A . n 
A 1 167 VAL 167 149 149 VAL VAL A . n 
A 1 168 LYS 168 150 150 LYS LYS A . n 
A 1 169 ARG 169 151 151 ARG ARG A . n 
A 1 170 LEU 170 152 152 LEU LEU A . n 
A 1 171 ALA 171 153 153 ALA ALA A . n 
A 1 172 GLU 172 154 154 GLU GLU A . n 
A 1 173 LEU 173 155 155 LEU LEU A . n 
A 1 174 ARG 174 156 156 ARG ARG A . n 
A 1 175 ARG 175 157 157 ARG ARG A . n 
A 1 176 GLY 176 158 158 GLY GLY A . n 
A 1 177 LEU 177 159 159 LEU LEU A . n 
A 1 178 LEU 178 160 160 LEU LEU A . n 
A 1 179 GLN 179 161 ?   ?   ?   A . n 
A 1 180 GLY 180 162 ?   ?   ?   A . n 
A 1 181 GLU 181 163 ?   ?   ?   A . n 
A 1 182 ALA 182 164 ?   ?   ?   A . n 
A 1 183 LEU 183 165 ?   ?   ?   A . n 
A 1 184 SER 184 166 ?   ?   ?   A . n 
# 
_pdbx_struct_assembly.id                   1 
_pdbx_struct_assembly.details              author_and_software_defined_assembly 
_pdbx_struct_assembly.method_details       PISA 
_pdbx_struct_assembly.oligomeric_details   dimeric 
_pdbx_struct_assembly.oligomeric_count     2 
# 
_pdbx_struct_assembly_gen.assembly_id       1 
_pdbx_struct_assembly_gen.oper_expression   1,2 
_pdbx_struct_assembly_gen.asym_id_list      A 
# 
loop_
_pdbx_struct_assembly_prop.biol_id 
_pdbx_struct_assembly_prop.type 
_pdbx_struct_assembly_prop.value 
_pdbx_struct_assembly_prop.details 
1 'ABSA (A^2)' 3470  ? 
1 MORE         -21   ? 
1 'SSA (A^2)'  14270 ? 
# 
loop_
_pdbx_struct_oper_list.id 
_pdbx_struct_oper_list.type 
_pdbx_struct_oper_list.name 
_pdbx_struct_oper_list.symmetry_operation 
_pdbx_struct_oper_list.matrix[1][1] 
_pdbx_struct_oper_list.matrix[1][2] 
_pdbx_struct_oper_list.matrix[1][3] 
_pdbx_struct_oper_list.vector[1] 
_pdbx_struct_oper_list.matrix[2][1] 
_pdbx_struct_oper_list.matrix[2][2] 
_pdbx_struct_oper_list.matrix[2][3] 
_pdbx_struct_oper_list.vector[2] 
_pdbx_struct_oper_list.matrix[3][1] 
_pdbx_struct_oper_list.matrix[3][2] 
_pdbx_struct_oper_list.matrix[3][3] 
_pdbx_struct_oper_list.vector[3] 
1 'identity operation'         1_555  x,y,z          1.0000000000  0.0000000000  0.0000000000  0.0000000000   0.0000000000  1.0000000000  0.0000000000 0.0000000000  0.0000000000  0.0000000000 1.0000000000 0.0000000000  
2 'crystal symmetry operation' 12_565 x,x-y+1,-z+5/6 -0.7908317447 -0.3889523821 -0.4725475595 -13.4697216281 -0.3889523821 -0.2767355863 0.8787112494 -4.3269407244 -0.4725475595 0.8787112494 0.0675673310 -2.4007409350 
# 
loop_
_pdbx_audit_revision_history.ordinal 
_pdbx_audit_revision_history.data_content_type 
_pdbx_audit_revision_history.major_revision 
_pdbx_audit_revision_history.minor_revision 
_pdbx_audit_revision_history.revision_date 
1 'Structure model' 1 0 2016-08-10 
2 'Structure model' 1 1 2016-09-07 
3 'Structure model' 1 2 2017-11-01 
4 'Structure model' 1 3 2023-02-08 
5 'Structure model' 1 4 2023-10-04 
# 
_pdbx_audit_revision_details.ordinal             1 
_pdbx_audit_revision_details.revision_ordinal    1 
_pdbx_audit_revision_details.data_content_type   'Structure model' 
_pdbx_audit_revision_details.provider            repository 
_pdbx_audit_revision_details.type                'Initial release' 
_pdbx_audit_revision_details.description         ? 
_pdbx_audit_revision_details.details             ? 
# 
loop_
_pdbx_audit_revision_group.ordinal 
_pdbx_audit_revision_group.revision_ordinal 
_pdbx_audit_revision_group.data_content_type 
_pdbx_audit_revision_group.group 
1 2 'Structure model' 'Database references'        
2 3 'Structure model' Advisory                     
3 3 'Structure model' 'Author supporting evidence' 
4 3 'Structure model' 'Derived calculations'       
5 4 'Structure model' Advisory                     
6 4 'Structure model' 'Database references'        
7 5 'Structure model' 'Data collection'            
# 
loop_
_pdbx_audit_revision_category.ordinal 
_pdbx_audit_revision_category.revision_ordinal 
_pdbx_audit_revision_category.data_content_type 
_pdbx_audit_revision_category.category 
1 3 'Structure model' pdbx_database_PDB_obs_spr          
2 3 'Structure model' pdbx_struct_assembly_auth_evidence 
3 3 'Structure model' pdbx_struct_oper_list              
4 4 'Structure model' database_2                         
5 4 'Structure model' pdbx_database_PDB_obs_spr          
6 5 'Structure model' chem_comp_atom                     
7 5 'Structure model' chem_comp_bond                     
# 
loop_
_pdbx_audit_revision_item.ordinal 
_pdbx_audit_revision_item.revision_ordinal 
_pdbx_audit_revision_item.data_content_type 
_pdbx_audit_revision_item.item 
1 3 'Structure model' '_pdbx_struct_oper_list.symmetry_operation' 
2 4 'Structure model' '_database_2.pdbx_DOI'                      
3 4 'Structure model' '_database_2.pdbx_database_accession'       
# 
loop_
_software.citation_id 
_software.classification 
_software.compiler_name 
_software.compiler_version 
_software.contact_author 
_software.contact_author_email 
_software.date 
_software.description 
_software.dependencies 
_software.hardware 
_software.language 
_software.location 
_software.mods 
_software.name 
_software.os 
_software.os_version 
_software.type 
_software.version 
_software.pdbx_ordinal 
? refinement       ? ? ? ? ? ? ? ? ? ? ? PHENIX ? ? ? 1.10.1_2155 1 
? 'data reduction' ? ? ? ? ? ? ? ? ? ? ? XDS    ? ? ? .           2 
? phasing          ? ? ? ? ? ? ? ? ? ? ? PHENIX ? ? ? .           3 
? 'data scaling'   ? ? ? ? ? ? ? ? ? ? ? XDS    ? ? ? .           4 
# 
_pdbx_validate_rmsd_bond.id                        1 
_pdbx_validate_rmsd_bond.PDB_model_num             1 
_pdbx_validate_rmsd_bond.auth_atom_id_1            CD 
_pdbx_validate_rmsd_bond.auth_asym_id_1            A 
_pdbx_validate_rmsd_bond.auth_comp_id_1            PRO 
_pdbx_validate_rmsd_bond.auth_seq_id_1             58 
_pdbx_validate_rmsd_bond.PDB_ins_code_1            ? 
_pdbx_validate_rmsd_bond.label_alt_id_1            ? 
_pdbx_validate_rmsd_bond.auth_atom_id_2            N 
_pdbx_validate_rmsd_bond.auth_asym_id_2            A 
_pdbx_validate_rmsd_bond.auth_comp_id_2            PRO 
_pdbx_validate_rmsd_bond.auth_seq_id_2             58 
_pdbx_validate_rmsd_bond.PDB_ins_code_2            ? 
_pdbx_validate_rmsd_bond.label_alt_id_2            ? 
_pdbx_validate_rmsd_bond.bond_value                1.221 
_pdbx_validate_rmsd_bond.bond_target_value         1.474 
_pdbx_validate_rmsd_bond.bond_deviation            -0.253 
_pdbx_validate_rmsd_bond.bond_standard_deviation   0.014 
_pdbx_validate_rmsd_bond.linker_flag               N 
# 
loop_
_pdbx_validate_torsion.id 
_pdbx_validate_torsion.PDB_model_num 
_pdbx_validate_torsion.auth_comp_id 
_pdbx_validate_torsion.auth_asym_id 
_pdbx_validate_torsion.auth_seq_id 
_pdbx_validate_torsion.PDB_ins_code 
_pdbx_validate_torsion.label_alt_id 
_pdbx_validate_torsion.phi 
_pdbx_validate_torsion.psi 
1 1 GLU A 33 ? ? -58.56  -0.16  
2 1 PHE A 34 ? ? -150.47 25.34  
3 1 SER A 83 ? ? -116.91 57.81  
4 1 GLU A 86 ? ? -143.26 -29.38 
# 
loop_
_pdbx_unobs_or_zero_occ_atoms.id 
_pdbx_unobs_or_zero_occ_atoms.PDB_model_num 
_pdbx_unobs_or_zero_occ_atoms.polymer_flag 
_pdbx_unobs_or_zero_occ_atoms.occupancy_flag 
_pdbx_unobs_or_zero_occ_atoms.auth_asym_id 
_pdbx_unobs_or_zero_occ_atoms.auth_comp_id 
_pdbx_unobs_or_zero_occ_atoms.auth_seq_id 
_pdbx_unobs_or_zero_occ_atoms.PDB_ins_code 
_pdbx_unobs_or_zero_occ_atoms.auth_atom_id 
_pdbx_unobs_or_zero_occ_atoms.label_alt_id 
_pdbx_unobs_or_zero_occ_atoms.label_asym_id 
_pdbx_unobs_or_zero_occ_atoms.label_comp_id 
_pdbx_unobs_or_zero_occ_atoms.label_seq_id 
_pdbx_unobs_or_zero_occ_atoms.label_atom_id 
1 1 Y 1 A LYS 22 ? CG ? A LYS 40 CG 
2 1 Y 1 A LYS 22 ? CD ? A LYS 40 CD 
3 1 Y 1 A LYS 22 ? CE ? A LYS 40 CE 
4 1 Y 1 A LYS 22 ? NZ ? A LYS 40 NZ 
# 
loop_
_pdbx_unobs_or_zero_occ_residues.id 
_pdbx_unobs_or_zero_occ_residues.PDB_model_num 
_pdbx_unobs_or_zero_occ_residues.polymer_flag 
_pdbx_unobs_or_zero_occ_residues.occupancy_flag 
_pdbx_unobs_or_zero_occ_residues.auth_asym_id 
_pdbx_unobs_or_zero_occ_residues.auth_comp_id 
_pdbx_unobs_or_zero_occ_residues.auth_seq_id 
_pdbx_unobs_or_zero_occ_residues.PDB_ins_code 
_pdbx_unobs_or_zero_occ_residues.label_asym_id 
_pdbx_unobs_or_zero_occ_residues.label_comp_id 
_pdbx_unobs_or_zero_occ_residues.label_seq_id 
1  1 Y 1 A GLY -17 ? A GLY 1   
2  1 Y 1 A SER -16 ? A SER 2   
3  1 Y 1 A SER -15 ? A SER 3   
4  1 Y 1 A HIS -14 ? A HIS 4   
5  1 Y 1 A HIS -13 ? A HIS 5   
6  1 Y 1 A HIS -12 ? A HIS 6   
7  1 Y 1 A HIS -11 ? A HIS 7   
8  1 Y 1 A HIS -10 ? A HIS 8   
9  1 Y 1 A HIS -9  ? A HIS 9   
10 1 Y 1 A SER -8  ? A SER 10  
11 1 Y 1 A SER -7  ? A SER 11  
12 1 Y 1 A GLY -6  ? A GLY 12  
13 1 Y 1 A LEU -5  ? A LEU 13  
14 1 Y 1 A VAL -4  ? A VAL 14  
15 1 Y 1 A PRO -3  ? A PRO 15  
16 1 Y 1 A ARG -2  ? A ARG 16  
17 1 Y 1 A GLY -1  ? A GLY 17  
18 1 Y 1 A SER 0   ? A SER 18  
19 1 Y 1 A HIS 1   ? A HIS 19  
20 1 Y 1 A MET 2   ? A MET 20  
21 1 Y 1 A ALA 3   ? A ALA 21  
22 1 Y 1 A SER 4   ? A SER 22  
23 1 Y 1 A MET 5   ? A MET 23  
24 1 Y 1 A THR 6   ? A THR 24  
25 1 Y 1 A GLY 7   ? A GLY 25  
26 1 Y 1 A GLY 8   ? A GLY 26  
27 1 Y 1 A GLN 9   ? A GLN 27  
28 1 Y 1 A GLN 10  ? A GLN 28  
29 1 Y 1 A GLY 11  ? A GLY 29  
30 1 Y 1 A SER 12  ? A SER 30  
31 1 Y 1 A MET 13  ? A MET 31  
32 1 Y 1 A GLY 14  ? A GLY 32  
33 1 Y 1 A ARG 15  ? A ARG 33  
34 1 Y 1 A GLU 16  ? A GLU 34  
35 1 Y 1 A GLN 17  ? A GLN 35  
36 1 Y 1 A LEU 18  ? A LEU 36  
37 1 Y 1 A LEU 19  ? A LEU 37  
38 1 Y 1 A GLU 20  ? A GLU 38  
39 1 Y 1 A GLN 161 ? A GLN 179 
40 1 Y 1 A GLY 162 ? A GLY 180 
41 1 Y 1 A GLU 163 ? A GLU 181 
42 1 Y 1 A ALA 164 ? A ALA 182 
43 1 Y 1 A LEU 165 ? A LEU 183 
44 1 Y 1 A SER 166 ? A SER 184 
# 
loop_
_chem_comp_atom.comp_id 
_chem_comp_atom.atom_id 
_chem_comp_atom.type_symbol 
_chem_comp_atom.pdbx_aromatic_flag 
_chem_comp_atom.pdbx_stereo_config 
_chem_comp_atom.pdbx_ordinal 
ALA N    N N N 1   
ALA CA   C N S 2   
ALA C    C N N 3   
ALA O    O N N 4   
ALA CB   C N N 5   
ALA OXT  O N N 6   
ALA H    H N N 7   
ALA H2   H N N 8   
ALA HA   H N N 9   
ALA HB1  H N N 10  
ALA HB2  H N N 11  
ALA HB3  H N N 12  
ALA HXT  H N N 13  
ARG N    N N N 14  
ARG CA   C N S 15  
ARG C    C N N 16  
ARG O    O N N 17  
ARG CB   C N N 18  
ARG CG   C N N 19  
ARG CD   C N N 20  
ARG NE   N N N 21  
ARG CZ   C N N 22  
ARG NH1  N N N 23  
ARG NH2  N N N 24  
ARG OXT  O N N 25  
ARG H    H N N 26  
ARG H2   H N N 27  
ARG HA   H N N 28  
ARG HB2  H N N 29  
ARG HB3  H N N 30  
ARG HG2  H N N 31  
ARG HG3  H N N 32  
ARG HD2  H N N 33  
ARG HD3  H N N 34  
ARG HE   H N N 35  
ARG HH11 H N N 36  
ARG HH12 H N N 37  
ARG HH21 H N N 38  
ARG HH22 H N N 39  
ARG HXT  H N N 40  
ASN N    N N N 41  
ASN CA   C N S 42  
ASN C    C N N 43  
ASN O    O N N 44  
ASN CB   C N N 45  
ASN CG   C N N 46  
ASN OD1  O N N 47  
ASN ND2  N N N 48  
ASN OXT  O N N 49  
ASN H    H N N 50  
ASN H2   H N N 51  
ASN HA   H N N 52  
ASN HB2  H N N 53  
ASN HB3  H N N 54  
ASN HD21 H N N 55  
ASN HD22 H N N 56  
ASN HXT  H N N 57  
ASP N    N N N 58  
ASP CA   C N S 59  
ASP C    C N N 60  
ASP O    O N N 61  
ASP CB   C N N 62  
ASP CG   C N N 63  
ASP OD1  O N N 64  
ASP OD2  O N N 65  
ASP OXT  O N N 66  
ASP H    H N N 67  
ASP H2   H N N 68  
ASP HA   H N N 69  
ASP HB2  H N N 70  
ASP HB3  H N N 71  
ASP HD2  H N N 72  
ASP HXT  H N N 73  
CYS N    N N N 74  
CYS CA   C N R 75  
CYS C    C N N 76  
CYS O    O N N 77  
CYS CB   C N N 78  
CYS SG   S N N 79  
CYS OXT  O N N 80  
CYS H    H N N 81  
CYS H2   H N N 82  
CYS HA   H N N 83  
CYS HB2  H N N 84  
CYS HB3  H N N 85  
CYS HG   H N N 86  
CYS HXT  H N N 87  
GLN N    N N N 88  
GLN CA   C N S 89  
GLN C    C N N 90  
GLN O    O N N 91  
GLN CB   C N N 92  
GLN CG   C N N 93  
GLN CD   C N N 94  
GLN OE1  O N N 95  
GLN NE2  N N N 96  
GLN OXT  O N N 97  
GLN H    H N N 98  
GLN H2   H N N 99  
GLN HA   H N N 100 
GLN HB2  H N N 101 
GLN HB3  H N N 102 
GLN HG2  H N N 103 
GLN HG3  H N N 104 
GLN HE21 H N N 105 
GLN HE22 H N N 106 
GLN HXT  H N N 107 
GLU N    N N N 108 
GLU CA   C N S 109 
GLU C    C N N 110 
GLU O    O N N 111 
GLU CB   C N N 112 
GLU CG   C N N 113 
GLU CD   C N N 114 
GLU OE1  O N N 115 
GLU OE2  O N N 116 
GLU OXT  O N N 117 
GLU H    H N N 118 
GLU H2   H N N 119 
GLU HA   H N N 120 
GLU HB2  H N N 121 
GLU HB3  H N N 122 
GLU HG2  H N N 123 
GLU HG3  H N N 124 
GLU HE2  H N N 125 
GLU HXT  H N N 126 
GLY N    N N N 127 
GLY CA   C N N 128 
GLY C    C N N 129 
GLY O    O N N 130 
GLY OXT  O N N 131 
GLY H    H N N 132 
GLY H2   H N N 133 
GLY HA2  H N N 134 
GLY HA3  H N N 135 
GLY HXT  H N N 136 
HIS N    N N N 137 
HIS CA   C N S 138 
HIS C    C N N 139 
HIS O    O N N 140 
HIS CB   C N N 141 
HIS CG   C Y N 142 
HIS ND1  N Y N 143 
HIS CD2  C Y N 144 
HIS CE1  C Y N 145 
HIS NE2  N Y N 146 
HIS OXT  O N N 147 
HIS H    H N N 148 
HIS H2   H N N 149 
HIS HA   H N N 150 
HIS HB2  H N N 151 
HIS HB3  H N N 152 
HIS HD1  H N N 153 
HIS HD2  H N N 154 
HIS HE1  H N N 155 
HIS HE2  H N N 156 
HIS HXT  H N N 157 
ILE N    N N N 158 
ILE CA   C N S 159 
ILE C    C N N 160 
ILE O    O N N 161 
ILE CB   C N S 162 
ILE CG1  C N N 163 
ILE CG2  C N N 164 
ILE CD1  C N N 165 
ILE OXT  O N N 166 
ILE H    H N N 167 
ILE H2   H N N 168 
ILE HA   H N N 169 
ILE HB   H N N 170 
ILE HG12 H N N 171 
ILE HG13 H N N 172 
ILE HG21 H N N 173 
ILE HG22 H N N 174 
ILE HG23 H N N 175 
ILE HD11 H N N 176 
ILE HD12 H N N 177 
ILE HD13 H N N 178 
ILE HXT  H N N 179 
LEU N    N N N 180 
LEU CA   C N S 181 
LEU C    C N N 182 
LEU O    O N N 183 
LEU CB   C N N 184 
LEU CG   C N N 185 
LEU CD1  C N N 186 
LEU CD2  C N N 187 
LEU OXT  O N N 188 
LEU H    H N N 189 
LEU H2   H N N 190 
LEU HA   H N N 191 
LEU HB2  H N N 192 
LEU HB3  H N N 193 
LEU HG   H N N 194 
LEU HD11 H N N 195 
LEU HD12 H N N 196 
LEU HD13 H N N 197 
LEU HD21 H N N 198 
LEU HD22 H N N 199 
LEU HD23 H N N 200 
LEU HXT  H N N 201 
LYS N    N N N 202 
LYS CA   C N S 203 
LYS C    C N N 204 
LYS O    O N N 205 
LYS CB   C N N 206 
LYS CG   C N N 207 
LYS CD   C N N 208 
LYS CE   C N N 209 
LYS NZ   N N N 210 
LYS OXT  O N N 211 
LYS H    H N N 212 
LYS H2   H N N 213 
LYS HA   H N N 214 
LYS HB2  H N N 215 
LYS HB3  H N N 216 
LYS HG2  H N N 217 
LYS HG3  H N N 218 
LYS HD2  H N N 219 
LYS HD3  H N N 220 
LYS HE2  H N N 221 
LYS HE3  H N N 222 
LYS HZ1  H N N 223 
LYS HZ2  H N N 224 
LYS HZ3  H N N 225 
LYS HXT  H N N 226 
MET N    N N N 227 
MET CA   C N S 228 
MET C    C N N 229 
MET O    O N N 230 
MET CB   C N N 231 
MET CG   C N N 232 
MET SD   S N N 233 
MET CE   C N N 234 
MET OXT  O N N 235 
MET H    H N N 236 
MET H2   H N N 237 
MET HA   H N N 238 
MET HB2  H N N 239 
MET HB3  H N N 240 
MET HG2  H N N 241 
MET HG3  H N N 242 
MET HE1  H N N 243 
MET HE2  H N N 244 
MET HE3  H N N 245 
MET HXT  H N N 246 
PHE N    N N N 247 
PHE CA   C N S 248 
PHE C    C N N 249 
PHE O    O N N 250 
PHE CB   C N N 251 
PHE CG   C Y N 252 
PHE CD1  C Y N 253 
PHE CD2  C Y N 254 
PHE CE1  C Y N 255 
PHE CE2  C Y N 256 
PHE CZ   C Y N 257 
PHE OXT  O N N 258 
PHE H    H N N 259 
PHE H2   H N N 260 
PHE HA   H N N 261 
PHE HB2  H N N 262 
PHE HB3  H N N 263 
PHE HD1  H N N 264 
PHE HD2  H N N 265 
PHE HE1  H N N 266 
PHE HE2  H N N 267 
PHE HZ   H N N 268 
PHE HXT  H N N 269 
PRO N    N N N 270 
PRO CA   C N S 271 
PRO C    C N N 272 
PRO O    O N N 273 
PRO CB   C N N 274 
PRO CG   C N N 275 
PRO CD   C N N 276 
PRO OXT  O N N 277 
PRO H    H N N 278 
PRO HA   H N N 279 
PRO HB2  H N N 280 
PRO HB3  H N N 281 
PRO HG2  H N N 282 
PRO HG3  H N N 283 
PRO HD2  H N N 284 
PRO HD3  H N N 285 
PRO HXT  H N N 286 
SER N    N N N 287 
SER CA   C N S 288 
SER C    C N N 289 
SER O    O N N 290 
SER CB   C N N 291 
SER OG   O N N 292 
SER OXT  O N N 293 
SER H    H N N 294 
SER H2   H N N 295 
SER HA   H N N 296 
SER HB2  H N N 297 
SER HB3  H N N 298 
SER HG   H N N 299 
SER HXT  H N N 300 
THR N    N N N 301 
THR CA   C N S 302 
THR C    C N N 303 
THR O    O N N 304 
THR CB   C N R 305 
THR OG1  O N N 306 
THR CG2  C N N 307 
THR OXT  O N N 308 
THR H    H N N 309 
THR H2   H N N 310 
THR HA   H N N 311 
THR HB   H N N 312 
THR HG1  H N N 313 
THR HG21 H N N 314 
THR HG22 H N N 315 
THR HG23 H N N 316 
THR HXT  H N N 317 
TRP N    N N N 318 
TRP CA   C N S 319 
TRP C    C N N 320 
TRP O    O N N 321 
TRP CB   C N N 322 
TRP CG   C Y N 323 
TRP CD1  C Y N 324 
TRP CD2  C Y N 325 
TRP NE1  N Y N 326 
TRP CE2  C Y N 327 
TRP CE3  C Y N 328 
TRP CZ2  C Y N 329 
TRP CZ3  C Y N 330 
TRP CH2  C Y N 331 
TRP OXT  O N N 332 
TRP H    H N N 333 
TRP H2   H N N 334 
TRP HA   H N N 335 
TRP HB2  H N N 336 
TRP HB3  H N N 337 
TRP HD1  H N N 338 
TRP HE1  H N N 339 
TRP HE3  H N N 340 
TRP HZ2  H N N 341 
TRP HZ3  H N N 342 
TRP HH2  H N N 343 
TRP HXT  H N N 344 
TYR N    N N N 345 
TYR CA   C N S 346 
TYR C    C N N 347 
TYR O    O N N 348 
TYR CB   C N N 349 
TYR CG   C Y N 350 
TYR CD1  C Y N 351 
TYR CD2  C Y N 352 
TYR CE1  C Y N 353 
TYR CE2  C Y N 354 
TYR CZ   C Y N 355 
TYR OH   O N N 356 
TYR OXT  O N N 357 
TYR H    H N N 358 
TYR H2   H N N 359 
TYR HA   H N N 360 
TYR HB2  H N N 361 
TYR HB3  H N N 362 
TYR HD1  H N N 363 
TYR HD2  H N N 364 
TYR HE1  H N N 365 
TYR HE2  H N N 366 
TYR HH   H N N 367 
TYR HXT  H N N 368 
VAL N    N N N 369 
VAL CA   C N S 370 
VAL C    C N N 371 
VAL O    O N N 372 
VAL CB   C N N 373 
VAL CG1  C N N 374 
VAL CG2  C N N 375 
VAL OXT  O N N 376 
VAL H    H N N 377 
VAL H2   H N N 378 
VAL HA   H N N 379 
VAL HB   H N N 380 
VAL HG11 H N N 381 
VAL HG12 H N N 382 
VAL HG13 H N N 383 
VAL HG21 H N N 384 
VAL HG22 H N N 385 
VAL HG23 H N N 386 
VAL HXT  H N N 387 
# 
loop_
_chem_comp_bond.comp_id 
_chem_comp_bond.atom_id_1 
_chem_comp_bond.atom_id_2 
_chem_comp_bond.value_order 
_chem_comp_bond.pdbx_aromatic_flag 
_chem_comp_bond.pdbx_stereo_config 
_chem_comp_bond.pdbx_ordinal 
ALA N   CA   sing N N 1   
ALA N   H    sing N N 2   
ALA N   H2   sing N N 3   
ALA CA  C    sing N N 4   
ALA CA  CB   sing N N 5   
ALA CA  HA   sing N N 6   
ALA C   O    doub N N 7   
ALA C   OXT  sing N N 8   
ALA CB  HB1  sing N N 9   
ALA CB  HB2  sing N N 10  
ALA CB  HB3  sing N N 11  
ALA OXT HXT  sing N N 12  
ARG N   CA   sing N N 13  
ARG N   H    sing N N 14  
ARG N   H2   sing N N 15  
ARG CA  C    sing N N 16  
ARG CA  CB   sing N N 17  
ARG CA  HA   sing N N 18  
ARG C   O    doub N N 19  
ARG C   OXT  sing N N 20  
ARG CB  CG   sing N N 21  
ARG CB  HB2  sing N N 22  
ARG CB  HB3  sing N N 23  
ARG CG  CD   sing N N 24  
ARG CG  HG2  sing N N 25  
ARG CG  HG3  sing N N 26  
ARG CD  NE   sing N N 27  
ARG CD  HD2  sing N N 28  
ARG CD  HD3  sing N N 29  
ARG NE  CZ   sing N N 30  
ARG NE  HE   sing N N 31  
ARG CZ  NH1  sing N N 32  
ARG CZ  NH2  doub N N 33  
ARG NH1 HH11 sing N N 34  
ARG NH1 HH12 sing N N 35  
ARG NH2 HH21 sing N N 36  
ARG NH2 HH22 sing N N 37  
ARG OXT HXT  sing N N 38  
ASN N   CA   sing N N 39  
ASN N   H    sing N N 40  
ASN N   H2   sing N N 41  
ASN CA  C    sing N N 42  
ASN CA  CB   sing N N 43  
ASN CA  HA   sing N N 44  
ASN C   O    doub N N 45  
ASN C   OXT  sing N N 46  
ASN CB  CG   sing N N 47  
ASN CB  HB2  sing N N 48  
ASN CB  HB3  sing N N 49  
ASN CG  OD1  doub N N 50  
ASN CG  ND2  sing N N 51  
ASN ND2 HD21 sing N N 52  
ASN ND2 HD22 sing N N 53  
ASN OXT HXT  sing N N 54  
ASP N   CA   sing N N 55  
ASP N   H    sing N N 56  
ASP N   H2   sing N N 57  
ASP CA  C    sing N N 58  
ASP CA  CB   sing N N 59  
ASP CA  HA   sing N N 60  
ASP C   O    doub N N 61  
ASP C   OXT  sing N N 62  
ASP CB  CG   sing N N 63  
ASP CB  HB2  sing N N 64  
ASP CB  HB3  sing N N 65  
ASP CG  OD1  doub N N 66  
ASP CG  OD2  sing N N 67  
ASP OD2 HD2  sing N N 68  
ASP OXT HXT  sing N N 69  
CYS N   CA   sing N N 70  
CYS N   H    sing N N 71  
CYS N   H2   sing N N 72  
CYS CA  C    sing N N 73  
CYS CA  CB   sing N N 74  
CYS CA  HA   sing N N 75  
CYS C   O    doub N N 76  
CYS C   OXT  sing N N 77  
CYS CB  SG   sing N N 78  
CYS CB  HB2  sing N N 79  
CYS CB  HB3  sing N N 80  
CYS SG  HG   sing N N 81  
CYS OXT HXT  sing N N 82  
GLN N   CA   sing N N 83  
GLN N   H    sing N N 84  
GLN N   H2   sing N N 85  
GLN CA  C    sing N N 86  
GLN CA  CB   sing N N 87  
GLN CA  HA   sing N N 88  
GLN C   O    doub N N 89  
GLN C   OXT  sing N N 90  
GLN CB  CG   sing N N 91  
GLN CB  HB2  sing N N 92  
GLN CB  HB3  sing N N 93  
GLN CG  CD   sing N N 94  
GLN CG  HG2  sing N N 95  
GLN CG  HG3  sing N N 96  
GLN CD  OE1  doub N N 97  
GLN CD  NE2  sing N N 98  
GLN NE2 HE21 sing N N 99  
GLN NE2 HE22 sing N N 100 
GLN OXT HXT  sing N N 101 
GLU N   CA   sing N N 102 
GLU N   H    sing N N 103 
GLU N   H2   sing N N 104 
GLU CA  C    sing N N 105 
GLU CA  CB   sing N N 106 
GLU CA  HA   sing N N 107 
GLU C   O    doub N N 108 
GLU C   OXT  sing N N 109 
GLU CB  CG   sing N N 110 
GLU CB  HB2  sing N N 111 
GLU CB  HB3  sing N N 112 
GLU CG  CD   sing N N 113 
GLU CG  HG2  sing N N 114 
GLU CG  HG3  sing N N 115 
GLU CD  OE1  doub N N 116 
GLU CD  OE2  sing N N 117 
GLU OE2 HE2  sing N N 118 
GLU OXT HXT  sing N N 119 
GLY N   CA   sing N N 120 
GLY N   H    sing N N 121 
GLY N   H2   sing N N 122 
GLY CA  C    sing N N 123 
GLY CA  HA2  sing N N 124 
GLY CA  HA3  sing N N 125 
GLY C   O    doub N N 126 
GLY C   OXT  sing N N 127 
GLY OXT HXT  sing N N 128 
HIS N   CA   sing N N 129 
HIS N   H    sing N N 130 
HIS N   H2   sing N N 131 
HIS CA  C    sing N N 132 
HIS CA  CB   sing N N 133 
HIS CA  HA   sing N N 134 
HIS C   O    doub N N 135 
HIS C   OXT  sing N N 136 
HIS CB  CG   sing N N 137 
HIS CB  HB2  sing N N 138 
HIS CB  HB3  sing N N 139 
HIS CG  ND1  sing Y N 140 
HIS CG  CD2  doub Y N 141 
HIS ND1 CE1  doub Y N 142 
HIS ND1 HD1  sing N N 143 
HIS CD2 NE2  sing Y N 144 
HIS CD2 HD2  sing N N 145 
HIS CE1 NE2  sing Y N 146 
HIS CE1 HE1  sing N N 147 
HIS NE2 HE2  sing N N 148 
HIS OXT HXT  sing N N 149 
ILE N   CA   sing N N 150 
ILE N   H    sing N N 151 
ILE N   H2   sing N N 152 
ILE CA  C    sing N N 153 
ILE CA  CB   sing N N 154 
ILE CA  HA   sing N N 155 
ILE C   O    doub N N 156 
ILE C   OXT  sing N N 157 
ILE CB  CG1  sing N N 158 
ILE CB  CG2  sing N N 159 
ILE CB  HB   sing N N 160 
ILE CG1 CD1  sing N N 161 
ILE CG1 HG12 sing N N 162 
ILE CG1 HG13 sing N N 163 
ILE CG2 HG21 sing N N 164 
ILE CG2 HG22 sing N N 165 
ILE CG2 HG23 sing N N 166 
ILE CD1 HD11 sing N N 167 
ILE CD1 HD12 sing N N 168 
ILE CD1 HD13 sing N N 169 
ILE OXT HXT  sing N N 170 
LEU N   CA   sing N N 171 
LEU N   H    sing N N 172 
LEU N   H2   sing N N 173 
LEU CA  C    sing N N 174 
LEU CA  CB   sing N N 175 
LEU CA  HA   sing N N 176 
LEU C   O    doub N N 177 
LEU C   OXT  sing N N 178 
LEU CB  CG   sing N N 179 
LEU CB  HB2  sing N N 180 
LEU CB  HB3  sing N N 181 
LEU CG  CD1  sing N N 182 
LEU CG  CD2  sing N N 183 
LEU CG  HG   sing N N 184 
LEU CD1 HD11 sing N N 185 
LEU CD1 HD12 sing N N 186 
LEU CD1 HD13 sing N N 187 
LEU CD2 HD21 sing N N 188 
LEU CD2 HD22 sing N N 189 
LEU CD2 HD23 sing N N 190 
LEU OXT HXT  sing N N 191 
LYS N   CA   sing N N 192 
LYS N   H    sing N N 193 
LYS N   H2   sing N N 194 
LYS CA  C    sing N N 195 
LYS CA  CB   sing N N 196 
LYS CA  HA   sing N N 197 
LYS C   O    doub N N 198 
LYS C   OXT  sing N N 199 
LYS CB  CG   sing N N 200 
LYS CB  HB2  sing N N 201 
LYS CB  HB3  sing N N 202 
LYS CG  CD   sing N N 203 
LYS CG  HG2  sing N N 204 
LYS CG  HG3  sing N N 205 
LYS CD  CE   sing N N 206 
LYS CD  HD2  sing N N 207 
LYS CD  HD3  sing N N 208 
LYS CE  NZ   sing N N 209 
LYS CE  HE2  sing N N 210 
LYS CE  HE3  sing N N 211 
LYS NZ  HZ1  sing N N 212 
LYS NZ  HZ2  sing N N 213 
LYS NZ  HZ3  sing N N 214 
LYS OXT HXT  sing N N 215 
MET N   CA   sing N N 216 
MET N   H    sing N N 217 
MET N   H2   sing N N 218 
MET CA  C    sing N N 219 
MET CA  CB   sing N N 220 
MET CA  HA   sing N N 221 
MET C   O    doub N N 222 
MET C   OXT  sing N N 223 
MET CB  CG   sing N N 224 
MET CB  HB2  sing N N 225 
MET CB  HB3  sing N N 226 
MET CG  SD   sing N N 227 
MET CG  HG2  sing N N 228 
MET CG  HG3  sing N N 229 
MET SD  CE   sing N N 230 
MET CE  HE1  sing N N 231 
MET CE  HE2  sing N N 232 
MET CE  HE3  sing N N 233 
MET OXT HXT  sing N N 234 
PHE N   CA   sing N N 235 
PHE N   H    sing N N 236 
PHE N   H2   sing N N 237 
PHE CA  C    sing N N 238 
PHE CA  CB   sing N N 239 
PHE CA  HA   sing N N 240 
PHE C   O    doub N N 241 
PHE C   OXT  sing N N 242 
PHE CB  CG   sing N N 243 
PHE CB  HB2  sing N N 244 
PHE CB  HB3  sing N N 245 
PHE CG  CD1  doub Y N 246 
PHE CG  CD2  sing Y N 247 
PHE CD1 CE1  sing Y N 248 
PHE CD1 HD1  sing N N 249 
PHE CD2 CE2  doub Y N 250 
PHE CD2 HD2  sing N N 251 
PHE CE1 CZ   doub Y N 252 
PHE CE1 HE1  sing N N 253 
PHE CE2 CZ   sing Y N 254 
PHE CE2 HE2  sing N N 255 
PHE CZ  HZ   sing N N 256 
PHE OXT HXT  sing N N 257 
PRO N   CA   sing N N 258 
PRO N   CD   sing N N 259 
PRO N   H    sing N N 260 
PRO CA  C    sing N N 261 
PRO CA  CB   sing N N 262 
PRO CA  HA   sing N N 263 
PRO C   O    doub N N 264 
PRO C   OXT  sing N N 265 
PRO CB  CG   sing N N 266 
PRO CB  HB2  sing N N 267 
PRO CB  HB3  sing N N 268 
PRO CG  CD   sing N N 269 
PRO CG  HG2  sing N N 270 
PRO CG  HG3  sing N N 271 
PRO CD  HD2  sing N N 272 
PRO CD  HD3  sing N N 273 
PRO OXT HXT  sing N N 274 
SER N   CA   sing N N 275 
SER N   H    sing N N 276 
SER N   H2   sing N N 277 
SER CA  C    sing N N 278 
SER CA  CB   sing N N 279 
SER CA  HA   sing N N 280 
SER C   O    doub N N 281 
SER C   OXT  sing N N 282 
SER CB  OG   sing N N 283 
SER CB  HB2  sing N N 284 
SER CB  HB3  sing N N 285 
SER OG  HG   sing N N 286 
SER OXT HXT  sing N N 287 
THR N   CA   sing N N 288 
THR N   H    sing N N 289 
THR N   H2   sing N N 290 
THR CA  C    sing N N 291 
THR CA  CB   sing N N 292 
THR CA  HA   sing N N 293 
THR C   O    doub N N 294 
THR C   OXT  sing N N 295 
THR CB  OG1  sing N N 296 
THR CB  CG2  sing N N 297 
THR CB  HB   sing N N 298 
THR OG1 HG1  sing N N 299 
THR CG2 HG21 sing N N 300 
THR CG2 HG22 sing N N 301 
THR CG2 HG23 sing N N 302 
THR OXT HXT  sing N N 303 
TRP N   CA   sing N N 304 
TRP N   H    sing N N 305 
TRP N   H2   sing N N 306 
TRP CA  C    sing N N 307 
TRP CA  CB   sing N N 308 
TRP CA  HA   sing N N 309 
TRP C   O    doub N N 310 
TRP C   OXT  sing N N 311 
TRP CB  CG   sing N N 312 
TRP CB  HB2  sing N N 313 
TRP CB  HB3  sing N N 314 
TRP CG  CD1  doub Y N 315 
TRP CG  CD2  sing Y N 316 
TRP CD1 NE1  sing Y N 317 
TRP CD1 HD1  sing N N 318 
TRP CD2 CE2  doub Y N 319 
TRP CD2 CE3  sing Y N 320 
TRP NE1 CE2  sing Y N 321 
TRP NE1 HE1  sing N N 322 
TRP CE2 CZ2  sing Y N 323 
TRP CE3 CZ3  doub Y N 324 
TRP CE3 HE3  sing N N 325 
TRP CZ2 CH2  doub Y N 326 
TRP CZ2 HZ2  sing N N 327 
TRP CZ3 CH2  sing Y N 328 
TRP CZ3 HZ3  sing N N 329 
TRP CH2 HH2  sing N N 330 
TRP OXT HXT  sing N N 331 
TYR N   CA   sing N N 332 
TYR N   H    sing N N 333 
TYR N   H2   sing N N 334 
TYR CA  C    sing N N 335 
TYR CA  CB   sing N N 336 
TYR CA  HA   sing N N 337 
TYR C   O    doub N N 338 
TYR C   OXT  sing N N 339 
TYR CB  CG   sing N N 340 
TYR CB  HB2  sing N N 341 
TYR CB  HB3  sing N N 342 
TYR CG  CD1  doub Y N 343 
TYR CG  CD2  sing Y N 344 
TYR CD1 CE1  sing Y N 345 
TYR CD1 HD1  sing N N 346 
TYR CD2 CE2  doub Y N 347 
TYR CD2 HD2  sing N N 348 
TYR CE1 CZ   doub Y N 349 
TYR CE1 HE1  sing N N 350 
TYR CE2 CZ   sing Y N 351 
TYR CE2 HE2  sing N N 352 
TYR CZ  OH   sing N N 353 
TYR OH  HH   sing N N 354 
TYR OXT HXT  sing N N 355 
VAL N   CA   sing N N 356 
VAL N   H    sing N N 357 
VAL N   H2   sing N N 358 
VAL CA  C    sing N N 359 
VAL CA  CB   sing N N 360 
VAL CA  HA   sing N N 361 
VAL C   O    doub N N 362 
VAL C   OXT  sing N N 363 
VAL CB  CG1  sing N N 364 
VAL CB  CG2  sing N N 365 
VAL CB  HB   sing N N 366 
VAL CG1 HG11 sing N N 367 
VAL CG1 HG12 sing N N 368 
VAL CG1 HG13 sing N N 369 
VAL CG2 HG21 sing N N 370 
VAL CG2 HG22 sing N N 371 
VAL CG2 HG23 sing N N 372 
VAL OXT HXT  sing N N 373 
# 
_pdbx_struct_assembly_auth_evidence.id                     1 
_pdbx_struct_assembly_auth_evidence.assembly_id            1 
_pdbx_struct_assembly_auth_evidence.experimental_support   'gel filtration' 
_pdbx_struct_assembly_auth_evidence.details                ? 
# 
